data_4Q9C
# 
_entry.id   4Q9C 
# 
_audit_conform.dict_name       mmcif_pdbx.dic 
_audit_conform.dict_version    5.399 
_audit_conform.dict_location   http://mmcif.pdb.org/dictionaries/ascii/mmcif_pdbx.dic 
# 
loop_
_database_2.database_id 
_database_2.database_code 
_database_2.pdbx_database_accession 
_database_2.pdbx_DOI 
PDB   4Q9C         pdb_00004q9c 10.2210/pdb4q9c/pdb 
RCSB  RCSB085767   ?            ?                   
WWPDB D_1000085767 ?            ?                   
# 
loop_
_pdbx_audit_revision_history.ordinal 
_pdbx_audit_revision_history.data_content_type 
_pdbx_audit_revision_history.major_revision 
_pdbx_audit_revision_history.minor_revision 
_pdbx_audit_revision_history.revision_date 
1 'Structure model' 1 0 2014-07-02 
2 'Structure model' 1 1 2023-09-20 
3 'Structure model' 1 2 2024-11-27 
# 
_pdbx_audit_revision_details.ordinal             1 
_pdbx_audit_revision_details.revision_ordinal    1 
_pdbx_audit_revision_details.data_content_type   'Structure model' 
_pdbx_audit_revision_details.provider            repository 
_pdbx_audit_revision_details.type                'Initial release' 
_pdbx_audit_revision_details.description         ? 
_pdbx_audit_revision_details.details             ? 
# 
loop_
_pdbx_audit_revision_group.ordinal 
_pdbx_audit_revision_group.revision_ordinal 
_pdbx_audit_revision_group.data_content_type 
_pdbx_audit_revision_group.group 
1 2 'Structure model' 'Data collection'        
2 2 'Structure model' 'Database references'    
3 2 'Structure model' 'Derived calculations'   
4 2 'Structure model' 'Refinement description' 
5 3 'Structure model' 'Structure summary'      
# 
loop_
_pdbx_audit_revision_category.ordinal 
_pdbx_audit_revision_category.revision_ordinal 
_pdbx_audit_revision_category.data_content_type 
_pdbx_audit_revision_category.category 
1  2 'Structure model' chem_comp_atom                
2  2 'Structure model' chem_comp_bond                
3  2 'Structure model' database_2                    
4  2 'Structure model' pdbx_initial_refinement_model 
5  2 'Structure model' pdbx_struct_conn_angle        
6  2 'Structure model' struct_conn                   
7  2 'Structure model' struct_ref_seq_dif            
8  2 'Structure model' struct_site                   
9  3 'Structure model' pdbx_entry_details            
10 3 'Structure model' pdbx_modification_feature     
# 
loop_
_pdbx_audit_revision_item.ordinal 
_pdbx_audit_revision_item.revision_ordinal 
_pdbx_audit_revision_item.data_content_type 
_pdbx_audit_revision_item.item 
1  2 'Structure model' '_database_2.pdbx_DOI'                        
2  2 'Structure model' '_database_2.pdbx_database_accession'         
3  2 'Structure model' '_pdbx_struct_conn_angle.ptnr1_auth_seq_id'   
4  2 'Structure model' '_pdbx_struct_conn_angle.ptnr1_label_atom_id' 
5  2 'Structure model' '_pdbx_struct_conn_angle.ptnr1_label_seq_id'  
6  2 'Structure model' '_pdbx_struct_conn_angle.ptnr3_auth_seq_id'   
7  2 'Structure model' '_pdbx_struct_conn_angle.ptnr3_label_atom_id' 
8  2 'Structure model' '_pdbx_struct_conn_angle.ptnr3_label_seq_id'  
9  2 'Structure model' '_struct_conn.pdbx_dist_value'                
10 2 'Structure model' '_struct_conn.ptnr1_auth_seq_id'              
11 2 'Structure model' '_struct_conn.ptnr1_label_atom_id'            
12 2 'Structure model' '_struct_conn.ptnr1_label_seq_id'             
13 2 'Structure model' '_struct_ref_seq_dif.details'                 
14 2 'Structure model' '_struct_site.pdbx_auth_asym_id'              
15 2 'Structure model' '_struct_site.pdbx_auth_comp_id'              
16 2 'Structure model' '_struct_site.pdbx_auth_seq_id'               
# 
_pdbx_database_status.status_code                     REL 
_pdbx_database_status.entry_id                        4Q9C 
_pdbx_database_status.recvd_initial_deposition_date   2014-04-30 
_pdbx_database_status.deposit_site                    RCSB 
_pdbx_database_status.process_site                    RCSB 
_pdbx_database_status.status_code_sf                  REL 
_pdbx_database_status.status_code_mr                  ? 
_pdbx_database_status.SG_entry                        ? 
_pdbx_database_status.status_code_cs                  ? 
_pdbx_database_status.methods_development_category    ? 
_pdbx_database_status.pdb_format_compatible           Y 
_pdbx_database_status.status_code_nmr_data            ? 
# 
loop_
_pdbx_database_related.db_name 
_pdbx_database_related.db_id 
_pdbx_database_related.details 
_pdbx_database_related.content_type 
PDB 1REI 
;The molecular structure of a dimer composed of the variable portions of the Bence-Jones protein REI refined at 2.0 Angstroms resolution
;
unspecified 
PDB 4Q97 . unspecified 
PDB 4Q9B . unspecified 
# 
loop_
_audit_author.name 
_audit_author.pdbx_ordinal 
'Feige, J.M.'      1  
'Graewert, M.A.'   2  
'Marcinowski, M.'  3  
'Hennig, J.'       4  
'Behnke, J.'       5  
'Auslaender, D.'   6  
'Herold, E.M.'     7  
'Peschek, J.'      8  
'Castro, C.D.'     9  
'Flajnik, M.F.'    10 
'Hendershot, L.M.' 11 
'Sattler, M.'      12 
'Groll, M.'        13 
'Buchner, J.'      14 
# 
_citation.id                        primary 
_citation.title                     
'The structural analysis of shark IgNAR antibodies reveals evolutionary principles of immunoglobulins.' 
_citation.journal_abbrev            Proc.Natl.Acad.Sci.USA 
_citation.journal_volume            111 
_citation.page_first                8155 
_citation.page_last                 8160 
_citation.year                      2014 
_citation.journal_id_ASTM           PNASA6 
_citation.country                   US 
_citation.journal_id_ISSN           0027-8424 
_citation.journal_id_CSD            0040 
_citation.book_publisher            ? 
_citation.pdbx_database_id_PubMed   24830426 
_citation.pdbx_database_id_DOI      10.1073/pnas.1321502111 
# 
loop_
_citation_author.citation_id 
_citation_author.name 
_citation_author.ordinal 
_citation_author.identifier_ORCID 
primary 'Feige, M.J.'      1  ? 
primary 'Grawert, M.A.'    2  ? 
primary 'Marcinowski, M.'  3  ? 
primary 'Hennig, J.'       4  ? 
primary 'Behnke, J.'       5  ? 
primary 'Auslander, D.'    6  ? 
primary 'Herold, E.M.'     7  ? 
primary 'Peschek, J.'      8  ? 
primary 'Castro, C.D.'     9  ? 
primary 'Flajnik, M.'      10 ? 
primary 'Hendershot, L.M.' 11 ? 
primary 'Sattler, M.'      12 ? 
primary 'Groll, M.'        13 ? 
primary 'Buchner, J.'      14 ? 
# 
loop_
_entity.id 
_entity.type 
_entity.src_method 
_entity.pdbx_description 
_entity.formula_weight 
_entity.pdbx_number_of_molecules 
_entity.pdbx_ec 
_entity.pdbx_mutation 
_entity.pdbx_fragment 
_entity.details 
1 polymer     man 'Novel antigen receptor' 12243.794 1  ? ? 'domain C3 (UNP residues 343-452)' ? 
2 non-polymer syn 'TETRAETHYLENE GLYCOL'   194.226   2  ? ? ?                                  ? 
3 non-polymer syn 'CHLORIDE ION'           35.453    2  ? ? ?                                  ? 
4 non-polymer syn 'SODIUM ION'             22.990    1  ? ? ?                                  ? 
5 water       nat water                    18.015    12 ? ? ?                                  ? 
# 
_entity_name_com.entity_id   1 
_entity_name_com.name        'IgNAR antibody' 
# 
_entity_poly.entity_id                      1 
_entity_poly.type                           'polypeptide(L)' 
_entity_poly.nstd_linkage                   no 
_entity_poly.nstd_monomer                   no 
_entity_poly.pdbx_seq_one_letter_code       
;GARVEPTKPHLRLLPPSPEEIQSTSSATLTCLIRGFYPDKVSVSWQKDDVSVSANVTNFPTALEQDLTFSTRSLLNLTAV
EWKSGAKYTCTASHPPSQSTVKRVIRNQKVD
;
_entity_poly.pdbx_seq_one_letter_code_can   
;GARVEPTKPHLRLLPPSPEEIQSTSSATLTCLIRGFYPDKVSVSWQKDDVSVSANVTNFPTALEQDLTFSTRSLLNLTAV
EWKSGAKYTCTASHPPSQSTVKRVIRNQKVD
;
_entity_poly.pdbx_strand_id                 A 
_entity_poly.pdbx_target_identifier         ? 
# 
loop_
_pdbx_entity_nonpoly.entity_id 
_pdbx_entity_nonpoly.name 
_pdbx_entity_nonpoly.comp_id 
2 'TETRAETHYLENE GLYCOL' PG4 
3 'CHLORIDE ION'         CL  
4 'SODIUM ION'           NA  
5 water                  HOH 
# 
loop_
_entity_poly_seq.entity_id 
_entity_poly_seq.num 
_entity_poly_seq.mon_id 
_entity_poly_seq.hetero 
1 1   GLY n 
1 2   ALA n 
1 3   ARG n 
1 4   VAL n 
1 5   GLU n 
1 6   PRO n 
1 7   THR n 
1 8   LYS n 
1 9   PRO n 
1 10  HIS n 
1 11  LEU n 
1 12  ARG n 
1 13  LEU n 
1 14  LEU n 
1 15  PRO n 
1 16  PRO n 
1 17  SER n 
1 18  PRO n 
1 19  GLU n 
1 20  GLU n 
1 21  ILE n 
1 22  GLN n 
1 23  SER n 
1 24  THR n 
1 25  SER n 
1 26  SER n 
1 27  ALA n 
1 28  THR n 
1 29  LEU n 
1 30  THR n 
1 31  CYS n 
1 32  LEU n 
1 33  ILE n 
1 34  ARG n 
1 35  GLY n 
1 36  PHE n 
1 37  TYR n 
1 38  PRO n 
1 39  ASP n 
1 40  LYS n 
1 41  VAL n 
1 42  SER n 
1 43  VAL n 
1 44  SER n 
1 45  TRP n 
1 46  GLN n 
1 47  LYS n 
1 48  ASP n 
1 49  ASP n 
1 50  VAL n 
1 51  SER n 
1 52  VAL n 
1 53  SER n 
1 54  ALA n 
1 55  ASN n 
1 56  VAL n 
1 57  THR n 
1 58  ASN n 
1 59  PHE n 
1 60  PRO n 
1 61  THR n 
1 62  ALA n 
1 63  LEU n 
1 64  GLU n 
1 65  GLN n 
1 66  ASP n 
1 67  LEU n 
1 68  THR n 
1 69  PHE n 
1 70  SER n 
1 71  THR n 
1 72  ARG n 
1 73  SER n 
1 74  LEU n 
1 75  LEU n 
1 76  ASN n 
1 77  LEU n 
1 78  THR n 
1 79  ALA n 
1 80  VAL n 
1 81  GLU n 
1 82  TRP n 
1 83  LYS n 
1 84  SER n 
1 85  GLY n 
1 86  ALA n 
1 87  LYS n 
1 88  TYR n 
1 89  THR n 
1 90  CYS n 
1 91  THR n 
1 92  ALA n 
1 93  SER n 
1 94  HIS n 
1 95  PRO n 
1 96  PRO n 
1 97  SER n 
1 98  GLN n 
1 99  SER n 
1 100 THR n 
1 101 VAL n 
1 102 LYS n 
1 103 ARG n 
1 104 VAL n 
1 105 ILE n 
1 106 ARG n 
1 107 ASN n 
1 108 GLN n 
1 109 LYS n 
1 110 VAL n 
1 111 ASP n 
# 
_entity_src_gen.entity_id                          1 
_entity_src_gen.pdbx_src_id                        1 
_entity_src_gen.pdbx_alt_source_flag               sample 
_entity_src_gen.pdbx_seq_type                      ? 
_entity_src_gen.pdbx_beg_seq_num                   ? 
_entity_src_gen.pdbx_end_seq_num                   ? 
_entity_src_gen.gene_src_common_name               'Nurse shark' 
_entity_src_gen.gene_src_genus                     ? 
_entity_src_gen.pdbx_gene_src_gene                 ? 
_entity_src_gen.gene_src_species                   ? 
_entity_src_gen.gene_src_strain                    ? 
_entity_src_gen.gene_src_tissue                    ? 
_entity_src_gen.gene_src_tissue_fraction           ? 
_entity_src_gen.gene_src_details                   ? 
_entity_src_gen.pdbx_gene_src_fragment             ? 
_entity_src_gen.pdbx_gene_src_scientific_name      'Ginglymostoma cirratum' 
_entity_src_gen.pdbx_gene_src_ncbi_taxonomy_id     7801 
_entity_src_gen.pdbx_gene_src_variant              ? 
_entity_src_gen.pdbx_gene_src_cell_line            ? 
_entity_src_gen.pdbx_gene_src_atcc                 ? 
_entity_src_gen.pdbx_gene_src_organ                ? 
_entity_src_gen.pdbx_gene_src_organelle            ? 
_entity_src_gen.pdbx_gene_src_cell                 ? 
_entity_src_gen.pdbx_gene_src_cellular_location    ? 
_entity_src_gen.host_org_common_name               ? 
_entity_src_gen.pdbx_host_org_scientific_name      'Escherichia coli' 
_entity_src_gen.pdbx_host_org_ncbi_taxonomy_id     469008 
_entity_src_gen.host_org_genus                     ? 
_entity_src_gen.pdbx_host_org_gene                 ? 
_entity_src_gen.pdbx_host_org_organ                ? 
_entity_src_gen.host_org_species                   ? 
_entity_src_gen.pdbx_host_org_tissue               ? 
_entity_src_gen.pdbx_host_org_tissue_fraction      ? 
_entity_src_gen.pdbx_host_org_strain               'BL21 Star (DE3)' 
_entity_src_gen.pdbx_host_org_variant              ? 
_entity_src_gen.pdbx_host_org_cell_line            ? 
_entity_src_gen.pdbx_host_org_atcc                 ? 
_entity_src_gen.pdbx_host_org_culture_collection   ? 
_entity_src_gen.pdbx_host_org_cell                 ? 
_entity_src_gen.pdbx_host_org_organelle            ? 
_entity_src_gen.pdbx_host_org_cellular_location    ? 
_entity_src_gen.pdbx_host_org_vector_type          plasmid 
_entity_src_gen.pdbx_host_org_vector               ? 
_entity_src_gen.host_org_details                   ? 
_entity_src_gen.expression_system_id               ? 
_entity_src_gen.plasmid_name                       pET28a 
_entity_src_gen.plasmid_details                    ? 
_entity_src_gen.pdbx_description                   ? 
# 
loop_
_chem_comp.id 
_chem_comp.type 
_chem_comp.mon_nstd_flag 
_chem_comp.name 
_chem_comp.pdbx_synonyms 
_chem_comp.formula 
_chem_comp.formula_weight 
ALA 'L-peptide linking' y ALANINE                ? 'C3 H7 N O2'     89.093  
ARG 'L-peptide linking' y ARGININE               ? 'C6 H15 N4 O2 1' 175.209 
ASN 'L-peptide linking' y ASPARAGINE             ? 'C4 H8 N2 O3'    132.118 
ASP 'L-peptide linking' y 'ASPARTIC ACID'        ? 'C4 H7 N O4'     133.103 
CL  non-polymer         . 'CHLORIDE ION'         ? 'Cl -1'          35.453  
CYS 'L-peptide linking' y CYSTEINE               ? 'C3 H7 N O2 S'   121.158 
GLN 'L-peptide linking' y GLUTAMINE              ? 'C5 H10 N2 O3'   146.144 
GLU 'L-peptide linking' y 'GLUTAMIC ACID'        ? 'C5 H9 N O4'     147.129 
GLY 'peptide linking'   y GLYCINE                ? 'C2 H5 N O2'     75.067  
HIS 'L-peptide linking' y HISTIDINE              ? 'C6 H10 N3 O2 1' 156.162 
HOH non-polymer         . WATER                  ? 'H2 O'           18.015  
ILE 'L-peptide linking' y ISOLEUCINE             ? 'C6 H13 N O2'    131.173 
LEU 'L-peptide linking' y LEUCINE                ? 'C6 H13 N O2'    131.173 
LYS 'L-peptide linking' y LYSINE                 ? 'C6 H15 N2 O2 1' 147.195 
NA  non-polymer         . 'SODIUM ION'           ? 'Na 1'           22.990  
PG4 non-polymer         . 'TETRAETHYLENE GLYCOL' ? 'C8 H18 O5'      194.226 
PHE 'L-peptide linking' y PHENYLALANINE          ? 'C9 H11 N O2'    165.189 
PRO 'L-peptide linking' y PROLINE                ? 'C5 H9 N O2'     115.130 
SER 'L-peptide linking' y SERINE                 ? 'C3 H7 N O3'     105.093 
THR 'L-peptide linking' y THREONINE              ? 'C4 H9 N O3'     119.119 
TRP 'L-peptide linking' y TRYPTOPHAN             ? 'C11 H12 N2 O2'  204.225 
TYR 'L-peptide linking' y TYROSINE               ? 'C9 H11 N O3'    181.189 
VAL 'L-peptide linking' y VALINE                 ? 'C5 H11 N O2'    117.146 
# 
loop_
_pdbx_poly_seq_scheme.asym_id 
_pdbx_poly_seq_scheme.entity_id 
_pdbx_poly_seq_scheme.seq_id 
_pdbx_poly_seq_scheme.mon_id 
_pdbx_poly_seq_scheme.ndb_seq_num 
_pdbx_poly_seq_scheme.pdb_seq_num 
_pdbx_poly_seq_scheme.auth_seq_num 
_pdbx_poly_seq_scheme.pdb_mon_id 
_pdbx_poly_seq_scheme.auth_mon_id 
_pdbx_poly_seq_scheme.pdb_strand_id 
_pdbx_poly_seq_scheme.pdb_ins_code 
_pdbx_poly_seq_scheme.hetero 
A 1 1   GLY 1   342 ?   ?   ?   A . n 
A 1 2   ALA 2   343 ?   ?   ?   A . n 
A 1 3   ARG 3   344 ?   ?   ?   A . n 
A 1 4   VAL 4   345 345 VAL VAL A . n 
A 1 5   GLU 5   346 346 GLU GLU A . n 
A 1 6   PRO 6   347 347 PRO PRO A . n 
A 1 7   THR 7   348 348 THR THR A . n 
A 1 8   LYS 8   349 349 LYS LYS A . n 
A 1 9   PRO 9   350 350 PRO PRO A . n 
A 1 10  HIS 10  351 351 HIS HIS A . n 
A 1 11  LEU 11  352 352 LEU LEU A . n 
A 1 12  ARG 12  353 353 ARG ARG A . n 
A 1 13  LEU 13  354 354 LEU LEU A . n 
A 1 14  LEU 14  355 355 LEU LEU A . n 
A 1 15  PRO 15  356 356 PRO PRO A . n 
A 1 16  PRO 16  357 357 PRO PRO A . n 
A 1 17  SER 17  358 358 SER SER A . n 
A 1 18  PRO 18  359 359 PRO PRO A . n 
A 1 19  GLU 19  360 360 GLU GLU A . n 
A 1 20  GLU 20  361 361 GLU GLU A . n 
A 1 21  ILE 21  362 362 ILE ILE A . n 
A 1 22  GLN 22  363 363 GLN GLN A . n 
A 1 23  SER 23  364 364 SER SER A . n 
A 1 24  THR 24  365 365 THR THR A . n 
A 1 25  SER 25  366 366 SER SER A . n 
A 1 26  SER 26  367 367 SER SER A . n 
A 1 27  ALA 27  368 368 ALA ALA A . n 
A 1 28  THR 28  369 369 THR THR A . n 
A 1 29  LEU 29  370 370 LEU LEU A . n 
A 1 30  THR 30  371 371 THR THR A . n 
A 1 31  CYS 31  372 372 CYS CYS A . n 
A 1 32  LEU 32  373 373 LEU LEU A . n 
A 1 33  ILE 33  374 374 ILE ILE A . n 
A 1 34  ARG 34  375 375 ARG ARG A . n 
A 1 35  GLY 35  376 376 GLY GLY A . n 
A 1 36  PHE 36  377 377 PHE PHE A . n 
A 1 37  TYR 37  378 378 TYR TYR A . n 
A 1 38  PRO 38  379 379 PRO PRO A . n 
A 1 39  ASP 39  380 380 ASP ASP A . n 
A 1 40  LYS 40  381 381 LYS LYS A . n 
A 1 41  VAL 41  382 382 VAL VAL A . n 
A 1 42  SER 42  383 383 SER SER A . n 
A 1 43  VAL 43  384 384 VAL VAL A . n 
A 1 44  SER 44  385 385 SER SER A . n 
A 1 45  TRP 45  386 386 TRP TRP A . n 
A 1 46  GLN 46  387 387 GLN GLN A . n 
A 1 47  LYS 47  388 388 LYS LYS A . n 
A 1 48  ASP 48  389 389 ASP ASP A . n 
A 1 49  ASP 49  390 390 ASP ASP A . n 
A 1 50  VAL 50  391 391 VAL VAL A . n 
A 1 51  SER 51  392 392 SER SER A . n 
A 1 52  VAL 52  393 393 VAL VAL A . n 
A 1 53  SER 53  394 394 SER SER A . n 
A 1 54  ALA 54  395 395 ALA ALA A . n 
A 1 55  ASN 55  396 396 ASN ASN A . n 
A 1 56  VAL 56  397 397 VAL VAL A . n 
A 1 57  THR 57  398 398 THR THR A . n 
A 1 58  ASN 58  399 399 ASN ASN A . n 
A 1 59  PHE 59  400 400 PHE PHE A . n 
A 1 60  PRO 60  401 401 PRO PRO A . n 
A 1 61  THR 61  402 402 THR THR A . n 
A 1 62  ALA 62  403 403 ALA ALA A . n 
A 1 63  LEU 63  404 404 LEU LEU A . n 
A 1 64  GLU 64  405 405 GLU GLU A . n 
A 1 65  GLN 65  406 406 GLN GLN A . n 
A 1 66  ASP 66  407 407 ASP ASP A . n 
A 1 67  LEU 67  408 408 LEU LEU A . n 
A 1 68  THR 68  409 409 THR THR A . n 
A 1 69  PHE 69  410 410 PHE PHE A . n 
A 1 70  SER 70  411 411 SER SER A . n 
A 1 71  THR 71  412 412 THR THR A . n 
A 1 72  ARG 72  413 413 ARG ARG A . n 
A 1 73  SER 73  414 414 SER SER A . n 
A 1 74  LEU 74  415 415 LEU LEU A . n 
A 1 75  LEU 75  416 416 LEU LEU A . n 
A 1 76  ASN 76  417 417 ASN ASN A . n 
A 1 77  LEU 77  418 418 LEU LEU A . n 
A 1 78  THR 78  419 419 THR THR A . n 
A 1 79  ALA 79  420 420 ALA ALA A . n 
A 1 80  VAL 80  421 421 VAL VAL A . n 
A 1 81  GLU 81  422 422 GLU GLU A . n 
A 1 82  TRP 82  423 423 TRP TRP A . n 
A 1 83  LYS 83  424 424 LYS LYS A . n 
A 1 84  SER 84  425 425 SER SER A . n 
A 1 85  GLY 85  426 426 GLY GLY A . n 
A 1 86  ALA 86  427 427 ALA ALA A . n 
A 1 87  LYS 87  428 428 LYS LYS A . n 
A 1 88  TYR 88  429 429 TYR TYR A . n 
A 1 89  THR 89  430 430 THR THR A . n 
A 1 90  CYS 90  431 431 CYS CYS A . n 
A 1 91  THR 91  432 432 THR THR A . n 
A 1 92  ALA 92  433 433 ALA ALA A . n 
A 1 93  SER 93  434 434 SER SER A . n 
A 1 94  HIS 94  435 435 HIS HIS A . n 
A 1 95  PRO 95  436 436 PRO PRO A . n 
A 1 96  PRO 96  437 437 PRO PRO A . n 
A 1 97  SER 97  438 438 SER SER A . n 
A 1 98  GLN 98  439 439 GLN GLN A . n 
A 1 99  SER 99  440 440 SER SER A . n 
A 1 100 THR 100 441 441 THR THR A . n 
A 1 101 VAL 101 442 442 VAL VAL A . n 
A 1 102 LYS 102 443 443 LYS LYS A . n 
A 1 103 ARG 103 444 444 ARG ARG A . n 
A 1 104 VAL 104 445 445 VAL VAL A . n 
A 1 105 ILE 105 446 446 ILE ILE A . n 
A 1 106 ARG 106 447 447 ARG ARG A . n 
A 1 107 ASN 107 448 448 ASN ASN A . n 
A 1 108 GLN 108 449 449 GLN GLN A . n 
A 1 109 LYS 109 450 ?   ?   ?   A . n 
A 1 110 VAL 110 451 ?   ?   ?   A . n 
A 1 111 ASP 111 452 ?   ?   ?   A . n 
# 
loop_
_pdbx_nonpoly_scheme.asym_id 
_pdbx_nonpoly_scheme.entity_id 
_pdbx_nonpoly_scheme.mon_id 
_pdbx_nonpoly_scheme.ndb_seq_num 
_pdbx_nonpoly_scheme.pdb_seq_num 
_pdbx_nonpoly_scheme.auth_seq_num 
_pdbx_nonpoly_scheme.pdb_mon_id 
_pdbx_nonpoly_scheme.auth_mon_id 
_pdbx_nonpoly_scheme.pdb_strand_id 
_pdbx_nonpoly_scheme.pdb_ins_code 
B 2 PG4 1  901  901 PG4 LIG A . 
C 2 PG4 1  902  902 PG4 LIG A . 
D 3 CL  1  903  1   CL  CL  A . 
E 3 CL  1  904  2   CL  CL  A . 
F 4 NA  1  905  3   NA  NA  A . 
G 5 HOH 1  1001 4   HOH HOH A . 
G 5 HOH 2  1002 5   HOH HOH A . 
G 5 HOH 3  1003 6   HOH HOH A . 
G 5 HOH 4  1004 7   HOH HOH A . 
G 5 HOH 5  1005 8   HOH HOH A . 
G 5 HOH 6  1006 9   HOH HOH A . 
G 5 HOH 7  1007 10  HOH HOH A . 
G 5 HOH 8  1008 11  HOH HOH A . 
G 5 HOH 9  1009 12  HOH HOH A . 
G 5 HOH 10 1010 13  HOH HOH A . 
G 5 HOH 11 1011 14  HOH HOH A . 
G 5 HOH 12 1012 15  HOH HOH A . 
# 
loop_
_pdbx_unobs_or_zero_occ_atoms.id 
_pdbx_unobs_or_zero_occ_atoms.PDB_model_num 
_pdbx_unobs_or_zero_occ_atoms.polymer_flag 
_pdbx_unobs_or_zero_occ_atoms.occupancy_flag 
_pdbx_unobs_or_zero_occ_atoms.auth_asym_id 
_pdbx_unobs_or_zero_occ_atoms.auth_comp_id 
_pdbx_unobs_or_zero_occ_atoms.auth_seq_id 
_pdbx_unobs_or_zero_occ_atoms.PDB_ins_code 
_pdbx_unobs_or_zero_occ_atoms.auth_atom_id 
_pdbx_unobs_or_zero_occ_atoms.label_alt_id 
_pdbx_unobs_or_zero_occ_atoms.label_asym_id 
_pdbx_unobs_or_zero_occ_atoms.label_comp_id 
_pdbx_unobs_or_zero_occ_atoms.label_seq_id 
_pdbx_unobs_or_zero_occ_atoms.label_atom_id 
1 1 N 1 A PG4 901 ? O1 ? B PG4 1 O1 
2 1 N 1 A PG4 901 ? C7 ? B PG4 1 C7 
3 1 N 1 A PG4 901 ? C8 ? B PG4 1 C8 
4 1 N 1 A PG4 901 ? O5 ? B PG4 1 O5 
# 
loop_
_software.name 
_software.classification 
_software.version 
_software.citation_id 
_software.pdbx_ordinal 
XDS    'data scaling'   .        ? 1 
PHASER phasing          .        ? 2 
REFMAC refinement       5.7.0029 ? 3 
XDS    'data reduction' .        ? 4 
XSCALE 'data scaling'   .        ? 5 
# 
_cell.entry_id           4Q9C 
_cell.length_a           99.148 
_cell.length_b           99.148 
_cell.length_c           52.281 
_cell.angle_alpha        90.00 
_cell.angle_beta         90.00 
_cell.angle_gamma        120.00 
_cell.Z_PDB              12 
_cell.pdbx_unique_axis   ? 
_cell.length_a_esd       ? 
_cell.length_b_esd       ? 
_cell.length_c_esd       ? 
_cell.angle_alpha_esd    ? 
_cell.angle_beta_esd     ? 
_cell.angle_gamma_esd    ? 
# 
_symmetry.entry_id                         4Q9C 
_symmetry.space_group_name_H-M             'P 63 2 2' 
_symmetry.pdbx_full_space_group_name_H-M   ? 
_symmetry.cell_setting                     ? 
_symmetry.Int_Tables_number                182 
_symmetry.space_group_name_Hall            ? 
# 
_exptl.entry_id          4Q9C 
_exptl.method            'X-RAY DIFFRACTION' 
_exptl.crystals_number   1 
# 
_exptl_crystal.id                    1 
_exptl_crystal.density_meas          ? 
_exptl_crystal.density_Matthews      3.03 
_exptl_crystal.density_percent_sol   59.40 
_exptl_crystal.description           ? 
_exptl_crystal.F_000                 ? 
_exptl_crystal.preparation           ? 
# 
_exptl_crystal_grow.crystal_id      1 
_exptl_crystal_grow.method          'VAPOR DIFFUSION, HANGING DROP' 
_exptl_crystal_grow.temp            293 
_exptl_crystal_grow.temp_details    ? 
_exptl_crystal_grow.pH              5.0 
_exptl_crystal_grow.pdbx_details    
'1.0 M lithium chloride, 0.1 M citric acid, 20% PEG6000, pH 5.0, VAPOR DIFFUSION, HANGING DROP, temperature 293K' 
_exptl_crystal_grow.pdbx_pH_range   ? 
# 
_diffrn.id                     1 
_diffrn.ambient_temp           100 
_diffrn.ambient_temp_details   ? 
_diffrn.crystal_id             1 
# 
_diffrn_detector.diffrn_id              1 
_diffrn_detector.detector               CCD 
_diffrn_detector.type                   'Bruker Platinum 135' 
_diffrn_detector.pdbx_collection_date   2009-08-12 
_diffrn_detector.details                ? 
# 
_diffrn_radiation.diffrn_id                        1 
_diffrn_radiation.wavelength_id                    1 
_diffrn_radiation.pdbx_monochromatic_or_laue_m_l   M 
_diffrn_radiation.monochromator                    'Bruker AXS Microstar optics' 
_diffrn_radiation.pdbx_diffrn_protocol             'SINGLE WAVELENGTH' 
_diffrn_radiation.pdbx_scattering_type             x-ray 
# 
_diffrn_radiation_wavelength.id           1 
_diffrn_radiation_wavelength.wavelength   1.514 
_diffrn_radiation_wavelength.wt           1.0 
# 
_diffrn_source.diffrn_id                   1 
_diffrn_source.source                      'ROTATING ANODE' 
_diffrn_source.type                        'BRUKER AXS MICROSTAR' 
_diffrn_source.pdbx_synchrotron_site       ? 
_diffrn_source.pdbx_synchrotron_beamline   ? 
_diffrn_source.pdbx_wavelength             ? 
_diffrn_source.pdbx_wavelength_list        1.514 
# 
_reflns.entry_id                     4Q9C 
_reflns.observed_criterion_sigma_I   2.0 
_reflns.observed_criterion_sigma_F   2.0 
_reflns.d_resolution_low             30 
_reflns.d_resolution_high            2.8 
_reflns.number_obs                   4052 
_reflns.number_all                   4052 
_reflns.percent_possible_obs         100 
_reflns.pdbx_Rmerge_I_obs            0.036 
_reflns.pdbx_Rsym_value              ? 
_reflns.pdbx_netI_over_sigmaI        22.5 
_reflns.B_iso_Wilson_estimate        ? 
_reflns.pdbx_redundancy              5.0 
_reflns.R_free_details               ? 
_reflns.limit_h_max                  ? 
_reflns.limit_h_min                  ? 
_reflns.limit_k_max                  ? 
_reflns.limit_k_min                  ? 
_reflns.limit_l_max                  ? 
_reflns.limit_l_min                  ? 
_reflns.observed_criterion_F_max     ? 
_reflns.observed_criterion_F_min     ? 
_reflns.pdbx_chi_squared             ? 
_reflns.pdbx_scaling_rejects         ? 
_reflns.pdbx_ordinal                 1 
_reflns.pdbx_diffrn_id               1 
# 
_reflns_shell.d_res_high             2.8 
_reflns_shell.d_res_low              2.9 
_reflns_shell.percent_possible_all   100 
_reflns_shell.Rmerge_I_obs           0.304 
_reflns_shell.pdbx_Rsym_value        ? 
_reflns_shell.meanI_over_sigI_obs    3.6 
_reflns_shell.pdbx_redundancy        ? 
_reflns_shell.percent_possible_obs   ? 
_reflns_shell.number_unique_all      ? 
_reflns_shell.number_measured_all    ? 
_reflns_shell.number_measured_obs    ? 
_reflns_shell.number_unique_obs      ? 
_reflns_shell.pdbx_chi_squared       ? 
_reflns_shell.pdbx_ordinal           1 
_reflns_shell.pdbx_diffrn_id         1 
# 
_refine.entry_id                                 4Q9C 
_refine.ls_number_reflns_obs                     3851 
_refine.ls_number_reflns_all                     4033 
_refine.pdbx_ls_sigma_I                          2.0 
_refine.pdbx_ls_sigma_F                          ? 
_refine.pdbx_data_cutoff_high_absF               ? 
_refine.pdbx_data_cutoff_low_absF                ? 
_refine.pdbx_data_cutoff_high_rms_absF           ? 
_refine.ls_d_res_low                             15.00 
_refine.ls_d_res_high                            2.80 
_refine.ls_percent_reflns_obs                    99.63 
_refine.ls_R_factor_obs                          0.25975 
_refine.ls_R_factor_all                          ? 
_refine.ls_R_factor_R_work                       0.25851 
_refine.ls_R_factor_R_free                       0.28720 
_refine.ls_R_factor_R_free_error                 ? 
_refine.ls_R_factor_R_free_error_details         ? 
_refine.ls_percent_reflns_R_free                 4.5 
_refine.ls_number_reflns_R_free                  182 
_refine.ls_number_parameters                     ? 
_refine.ls_number_restraints                     ? 
_refine.occupancy_min                            ? 
_refine.occupancy_max                            ? 
_refine.correlation_coeff_Fo_to_Fc               0.889 
_refine.correlation_coeff_Fo_to_Fc_free          0.880 
_refine.B_iso_mean                               33.408 
_refine.aniso_B[1][1]                            1.40 
_refine.aniso_B[2][2]                            1.40 
_refine.aniso_B[3][3]                            -4.53 
_refine.aniso_B[1][2]                            1.40 
_refine.aniso_B[1][3]                            0.00 
_refine.aniso_B[2][3]                            0.00 
_refine.solvent_model_details                    MASK 
_refine.solvent_model_param_ksol                 ? 
_refine.solvent_model_param_bsol                 ? 
_refine.pdbx_solvent_vdw_probe_radii             1.20 
_refine.pdbx_solvent_ion_probe_radii             0.80 
_refine.pdbx_solvent_shrinkage_radii             0.80 
_refine.pdbx_ls_cross_valid_method               THROUGHOUT 
_refine.details                                  ? 
_refine.pdbx_starting_model                      'PDB ENTRY 4Q97' 
_refine.pdbx_method_to_determine_struct          'MOLECULAR REPLACEMENT' 
_refine.pdbx_isotropic_thermal_model             ? 
_refine.pdbx_stereochemistry_target_values       'MAXIMUM LIKELIHOOD' 
_refine.pdbx_stereochem_target_val_spec_case     ? 
_refine.pdbx_R_Free_selection_details            RANDOM 
_refine.pdbx_overall_ESU_R                       ? 
_refine.pdbx_overall_ESU_R_Free                  0.385 
_refine.overall_SU_ML                            0.270 
_refine.pdbx_overall_phase_error                 ? 
_refine.overall_SU_B                             30.862 
_refine.overall_SU_R_Cruickshank_DPI             ? 
_refine.ls_redundancy_reflns_obs                 ? 
_refine.B_iso_min                                ? 
_refine.B_iso_max                                ? 
_refine.overall_SU_R_free                        ? 
_refine.ls_wR_factor_R_free                      ? 
_refine.ls_wR_factor_R_work                      ? 
_refine.overall_FOM_free_R_set                   ? 
_refine.overall_FOM_work_R_set                   ? 
_refine.pdbx_diffrn_id                           1 
_refine.pdbx_refine_id                           'X-RAY DIFFRACTION' 
_refine.pdbx_TLS_residual_ADP_flag               ? 
_refine.pdbx_overall_SU_R_free_Cruickshank_DPI   ? 
_refine.pdbx_overall_SU_R_Blow_DPI               ? 
_refine.pdbx_overall_SU_R_free_Blow_DPI          ? 
# 
_refine_hist.pdbx_refine_id                   'X-RAY DIFFRACTION' 
_refine_hist.cycle_id                         LAST 
_refine_hist.pdbx_number_atoms_protein        816 
_refine_hist.pdbx_number_atoms_nucleic_acid   0 
_refine_hist.pdbx_number_atoms_ligand         25 
_refine_hist.number_atoms_solvent             12 
_refine_hist.number_atoms_total               853 
_refine_hist.d_res_high                       2.80 
_refine_hist.d_res_low                        15.00 
# 
loop_
_refine_ls_restr.type 
_refine_ls_restr.dev_ideal 
_refine_ls_restr.dev_ideal_target 
_refine_ls_restr.weight 
_refine_ls_restr.number 
_refine_ls_restr.pdbx_restraint_function 
_refine_ls_restr.pdbx_refine_id 
r_bond_refined_d       0.004  0.020  ? 856  ? 'X-RAY DIFFRACTION' 
r_angle_refined_deg    0.919  1.982  ? 1162 ? 'X-RAY DIFFRACTION' 
r_dihedral_angle_1_deg 4.849  5.000  ? 104  ? 'X-RAY DIFFRACTION' 
r_dihedral_angle_2_deg 33.719 24.063 ? 32   ? 'X-RAY DIFFRACTION' 
r_dihedral_angle_3_deg 15.551 15.000 ? 139  ? 'X-RAY DIFFRACTION' 
r_dihedral_angle_4_deg 11.545 15.000 ? 5    ? 'X-RAY DIFFRACTION' 
r_chiral_restr         0.055  0.200  ? 137  ? 'X-RAY DIFFRACTION' 
r_gen_planes_refined   0.004  0.022  ? 618  ? 'X-RAY DIFFRACTION' 
r_rigid_bond_restr     1.141  3.000  ? 854  ? 'X-RAY DIFFRACTION' 
r_sphericity_free      27.604 5.000  ? 3    ? 'X-RAY DIFFRACTION' 
r_sphericity_bonded    11.044 5.000  ? 850  ? 'X-RAY DIFFRACTION' 
# 
_refine_ls_shell.pdbx_total_number_of_bins_used   20 
_refine_ls_shell.d_res_high                       2.800 
_refine_ls_shell.d_res_low                        2.870 
_refine_ls_shell.number_reflns_R_work             264 
_refine_ls_shell.R_factor_R_work                  0.344 
_refine_ls_shell.percent_reflns_obs               100.00 
_refine_ls_shell.R_factor_R_free                  0.296 
_refine_ls_shell.R_factor_R_free_error            ? 
_refine_ls_shell.percent_reflns_R_free            ? 
_refine_ls_shell.number_reflns_R_free             12 
_refine_ls_shell.number_reflns_all                ? 
_refine_ls_shell.R_factor_all                     ? 
_refine_ls_shell.number_reflns_obs                ? 
_refine_ls_shell.redundancy_reflns_obs            ? 
_refine_ls_shell.pdbx_refine_id                   'X-RAY DIFFRACTION' 
# 
_struct.entry_id                  4Q9C 
_struct.title                     'IgNAR antibody domain C3' 
_struct.pdbx_model_details        ? 
_struct.pdbx_CASP_flag            ? 
_struct.pdbx_model_type_details   ? 
# 
_struct_keywords.entry_id        4Q9C 
_struct_keywords.pdbx_keywords   'IMMUNE SYSTEM' 
_struct_keywords.text            'protein evolution, antibody structure, protein folding, IMMUNE SYSTEM' 
# 
loop_
_struct_asym.id 
_struct_asym.pdbx_blank_PDB_chainid_flag 
_struct_asym.pdbx_modified 
_struct_asym.entity_id 
_struct_asym.details 
A N N 1 ? 
B N N 2 ? 
C N N 2 ? 
D N N 3 ? 
E N N 3 ? 
F N N 4 ? 
G N N 5 ? 
# 
_struct_ref.id                         1 
_struct_ref.db_name                    UNP 
_struct_ref.db_code                    Q90544_GINCI 
_struct_ref.pdbx_db_accession          Q90544 
_struct_ref.entity_id                  1 
_struct_ref.pdbx_seq_one_letter_code   
;ARVEPTKPHLRLLPPSPEEIQSTSSATLTCLIRGFYPDKVSVSWQKDDVSVSANVTNFPTALEQDLTFSTRSLLNLTAVE
WKSGAKYTCTASHPPSQSTVKRVIRNQKVD
;
_struct_ref.pdbx_align_begin           343 
_struct_ref.pdbx_db_isoform            ? 
# 
_struct_ref_seq.align_id                      1 
_struct_ref_seq.ref_id                        1 
_struct_ref_seq.pdbx_PDB_id_code              4Q9C 
_struct_ref_seq.pdbx_strand_id                A 
_struct_ref_seq.seq_align_beg                 2 
_struct_ref_seq.pdbx_seq_align_beg_ins_code   ? 
_struct_ref_seq.seq_align_end                 111 
_struct_ref_seq.pdbx_seq_align_end_ins_code   ? 
_struct_ref_seq.pdbx_db_accession             Q90544 
_struct_ref_seq.db_align_beg                  343 
_struct_ref_seq.pdbx_db_align_beg_ins_code    ? 
_struct_ref_seq.db_align_end                  452 
_struct_ref_seq.pdbx_db_align_end_ins_code    ? 
_struct_ref_seq.pdbx_auth_seq_align_beg       343 
_struct_ref_seq.pdbx_auth_seq_align_end       452 
# 
_struct_ref_seq_dif.align_id                     1 
_struct_ref_seq_dif.pdbx_pdb_id_code             4Q9C 
_struct_ref_seq_dif.mon_id                       GLY 
_struct_ref_seq_dif.pdbx_pdb_strand_id           A 
_struct_ref_seq_dif.seq_num                      1 
_struct_ref_seq_dif.pdbx_pdb_ins_code            ? 
_struct_ref_seq_dif.pdbx_seq_db_name             UNP 
_struct_ref_seq_dif.pdbx_seq_db_accession_code   Q90544 
_struct_ref_seq_dif.db_mon_id                    ? 
_struct_ref_seq_dif.pdbx_seq_db_seq_num          ? 
_struct_ref_seq_dif.details                      'expression tag' 
_struct_ref_seq_dif.pdbx_auth_seq_num            342 
_struct_ref_seq_dif.pdbx_ordinal                 1 
# 
_pdbx_struct_assembly.id                   1 
_pdbx_struct_assembly.details              author_and_software_defined_assembly 
_pdbx_struct_assembly.method_details       PISA 
_pdbx_struct_assembly.oligomeric_details   dimeric 
_pdbx_struct_assembly.oligomeric_count     2 
# 
loop_
_pdbx_struct_assembly_prop.biol_id 
_pdbx_struct_assembly_prop.type 
_pdbx_struct_assembly_prop.value 
_pdbx_struct_assembly_prop.details 
1 'ABSA (A^2)' 3760  ? 
1 MORE         -65   ? 
1 'SSA (A^2)'  11230 ? 
# 
_pdbx_struct_assembly_gen.assembly_id       1 
_pdbx_struct_assembly_gen.oper_expression   1,2 
_pdbx_struct_assembly_gen.asym_id_list      A,B,C,D,E,F,G 
# 
loop_
_pdbx_struct_oper_list.id 
_pdbx_struct_oper_list.type 
_pdbx_struct_oper_list.name 
_pdbx_struct_oper_list.symmetry_operation 
_pdbx_struct_oper_list.matrix[1][1] 
_pdbx_struct_oper_list.matrix[1][2] 
_pdbx_struct_oper_list.matrix[1][3] 
_pdbx_struct_oper_list.vector[1] 
_pdbx_struct_oper_list.matrix[2][1] 
_pdbx_struct_oper_list.matrix[2][2] 
_pdbx_struct_oper_list.matrix[2][3] 
_pdbx_struct_oper_list.vector[2] 
_pdbx_struct_oper_list.matrix[3][1] 
_pdbx_struct_oper_list.matrix[3][2] 
_pdbx_struct_oper_list.matrix[3][3] 
_pdbx_struct_oper_list.vector[3] 
1 'identity operation'         1_555  x,y,z           1.0000000000 0.0000000000 0.0000000000 0.0000000000  0.0000000000 1.0000000000  0.0000000000 0.0000000000 0.0000000000 0.0000000000 1.0000000000  0.0000000000  
2 'crystal symmetry operation' 11_654 -x+y+1,y,-z-1/2 0.8942435310 0.1040808709 0.4353110147 -4.1681051811 0.1040808709 -0.9942811853 0.0239185452 8.2223621176 0.4353110147 0.0239185452 -0.8999623457 16.1714623067 
# 
_struct_biol.id        1 
_struct_biol.details   ? 
# 
loop_
_struct_conf.conf_type_id 
_struct_conf.id 
_struct_conf.pdbx_PDB_helix_id 
_struct_conf.beg_label_comp_id 
_struct_conf.beg_label_asym_id 
_struct_conf.beg_label_seq_id 
_struct_conf.pdbx_beg_PDB_ins_code 
_struct_conf.end_label_comp_id 
_struct_conf.end_label_asym_id 
_struct_conf.end_label_seq_id 
_struct_conf.pdbx_end_PDB_ins_code 
_struct_conf.beg_auth_comp_id 
_struct_conf.beg_auth_asym_id 
_struct_conf.beg_auth_seq_id 
_struct_conf.end_auth_comp_id 
_struct_conf.end_auth_asym_id 
_struct_conf.end_auth_seq_id 
_struct_conf.pdbx_PDB_helix_class 
_struct_conf.details 
_struct_conf.pdbx_PDB_helix_length 
HELX_P HELX_P1 1 SER A 17 ? THR A 24 ? SER A 358 THR A 365 1 ? 8 
HELX_P HELX_P2 2 ALA A 79 ? LYS A 83 ? ALA A 420 LYS A 424 1 ? 5 
# 
_struct_conf_type.id          HELX_P 
_struct_conf_type.criteria    ? 
_struct_conf_type.reference   ? 
# 
loop_
_struct_conn.id 
_struct_conn.conn_type_id 
_struct_conn.pdbx_leaving_atom_flag 
_struct_conn.pdbx_PDB_id 
_struct_conn.ptnr1_label_asym_id 
_struct_conn.ptnr1_label_comp_id 
_struct_conn.ptnr1_label_seq_id 
_struct_conn.ptnr1_label_atom_id 
_struct_conn.pdbx_ptnr1_label_alt_id 
_struct_conn.pdbx_ptnr1_PDB_ins_code 
_struct_conn.pdbx_ptnr1_standard_comp_id 
_struct_conn.ptnr1_symmetry 
_struct_conn.ptnr2_label_asym_id 
_struct_conn.ptnr2_label_comp_id 
_struct_conn.ptnr2_label_seq_id 
_struct_conn.ptnr2_label_atom_id 
_struct_conn.pdbx_ptnr2_label_alt_id 
_struct_conn.pdbx_ptnr2_PDB_ins_code 
_struct_conn.ptnr1_auth_asym_id 
_struct_conn.ptnr1_auth_comp_id 
_struct_conn.ptnr1_auth_seq_id 
_struct_conn.ptnr2_auth_asym_id 
_struct_conn.ptnr2_auth_comp_id 
_struct_conn.ptnr2_auth_seq_id 
_struct_conn.ptnr2_symmetry 
_struct_conn.pdbx_ptnr3_label_atom_id 
_struct_conn.pdbx_ptnr3_label_seq_id 
_struct_conn.pdbx_ptnr3_label_comp_id 
_struct_conn.pdbx_ptnr3_label_asym_id 
_struct_conn.pdbx_ptnr3_label_alt_id 
_struct_conn.pdbx_ptnr3_PDB_ins_code 
_struct_conn.details 
_struct_conn.pdbx_dist_value 
_struct_conn.pdbx_value_order 
_struct_conn.pdbx_role 
disulf1 disulf ? ? A CYS 31 SG  ? ? ? 1_555 A CYS 90 SG ? ? A CYS 372 A CYS 431 1_555 ? ? ? ? ? ? ? 2.031 ? ? 
metalc1 metalc ? ? A THR 28 O   ? ? ? 1_555 F NA  .  NA ? ? A THR 369 A NA  905 1_555 ? ? ? ? ? ? ? 2.600 ? ? 
metalc2 metalc ? ? A THR 30 OG1 ? ? ? 1_555 F NA  .  NA ? ? A THR 371 A NA  905 1_555 ? ? ? ? ? ? ? 2.486 ? ? 
# 
loop_
_struct_conn_type.id 
_struct_conn_type.criteria 
_struct_conn_type.reference 
disulf ? ? 
metalc ? ? 
# 
_pdbx_struct_conn_angle.id                    1 
_pdbx_struct_conn_angle.ptnr1_label_atom_id   O 
_pdbx_struct_conn_angle.ptnr1_label_alt_id    ? 
_pdbx_struct_conn_angle.ptnr1_label_asym_id   A 
_pdbx_struct_conn_angle.ptnr1_label_comp_id   THR 
_pdbx_struct_conn_angle.ptnr1_label_seq_id    28 
_pdbx_struct_conn_angle.ptnr1_auth_atom_id    ? 
_pdbx_struct_conn_angle.ptnr1_auth_asym_id    A 
_pdbx_struct_conn_angle.ptnr1_auth_comp_id    THR 
_pdbx_struct_conn_angle.ptnr1_auth_seq_id     369 
_pdbx_struct_conn_angle.ptnr1_PDB_ins_code    ? 
_pdbx_struct_conn_angle.ptnr1_symmetry        1_555 
_pdbx_struct_conn_angle.ptnr2_label_atom_id   NA 
_pdbx_struct_conn_angle.ptnr2_label_alt_id    ? 
_pdbx_struct_conn_angle.ptnr2_label_asym_id   F 
_pdbx_struct_conn_angle.ptnr2_label_comp_id   NA 
_pdbx_struct_conn_angle.ptnr2_label_seq_id    . 
_pdbx_struct_conn_angle.ptnr2_auth_atom_id    ? 
_pdbx_struct_conn_angle.ptnr2_auth_asym_id    A 
_pdbx_struct_conn_angle.ptnr2_auth_comp_id    NA 
_pdbx_struct_conn_angle.ptnr2_auth_seq_id     905 
_pdbx_struct_conn_angle.ptnr2_PDB_ins_code    ? 
_pdbx_struct_conn_angle.ptnr2_symmetry        1_555 
_pdbx_struct_conn_angle.ptnr3_label_atom_id   OG1 
_pdbx_struct_conn_angle.ptnr3_label_alt_id    ? 
_pdbx_struct_conn_angle.ptnr3_label_asym_id   A 
_pdbx_struct_conn_angle.ptnr3_label_comp_id   THR 
_pdbx_struct_conn_angle.ptnr3_label_seq_id    30 
_pdbx_struct_conn_angle.ptnr3_auth_atom_id    ? 
_pdbx_struct_conn_angle.ptnr3_auth_asym_id    A 
_pdbx_struct_conn_angle.ptnr3_auth_comp_id    THR 
_pdbx_struct_conn_angle.ptnr3_auth_seq_id     371 
_pdbx_struct_conn_angle.ptnr3_PDB_ins_code    ? 
_pdbx_struct_conn_angle.ptnr3_symmetry        1_555 
_pdbx_struct_conn_angle.value                 112.8 
_pdbx_struct_conn_angle.value_esd             ? 
# 
_pdbx_modification_feature.ordinal                            1 
_pdbx_modification_feature.label_comp_id                      CYS 
_pdbx_modification_feature.label_asym_id                      A 
_pdbx_modification_feature.label_seq_id                       31 
_pdbx_modification_feature.label_alt_id                       ? 
_pdbx_modification_feature.modified_residue_label_comp_id     CYS 
_pdbx_modification_feature.modified_residue_label_asym_id     A 
_pdbx_modification_feature.modified_residue_label_seq_id      90 
_pdbx_modification_feature.modified_residue_label_alt_id      ? 
_pdbx_modification_feature.auth_comp_id                       CYS 
_pdbx_modification_feature.auth_asym_id                       A 
_pdbx_modification_feature.auth_seq_id                        372 
_pdbx_modification_feature.PDB_ins_code                       ? 
_pdbx_modification_feature.symmetry                           1_555 
_pdbx_modification_feature.modified_residue_auth_comp_id      CYS 
_pdbx_modification_feature.modified_residue_auth_asym_id      A 
_pdbx_modification_feature.modified_residue_auth_seq_id       431 
_pdbx_modification_feature.modified_residue_PDB_ins_code      ? 
_pdbx_modification_feature.modified_residue_symmetry          1_555 
_pdbx_modification_feature.comp_id_linking_atom               SG 
_pdbx_modification_feature.modified_residue_id_linking_atom   SG 
_pdbx_modification_feature.modified_residue_id                . 
_pdbx_modification_feature.ref_pcm_id                         . 
_pdbx_modification_feature.ref_comp_id                        . 
_pdbx_modification_feature.type                               None 
_pdbx_modification_feature.category                           'Disulfide bridge' 
# 
_struct_mon_prot_cis.pdbx_id                1 
_struct_mon_prot_cis.label_comp_id          TYR 
_struct_mon_prot_cis.label_seq_id           37 
_struct_mon_prot_cis.label_asym_id          A 
_struct_mon_prot_cis.label_alt_id           . 
_struct_mon_prot_cis.pdbx_PDB_ins_code      ? 
_struct_mon_prot_cis.auth_comp_id           TYR 
_struct_mon_prot_cis.auth_seq_id            378 
_struct_mon_prot_cis.auth_asym_id           A 
_struct_mon_prot_cis.pdbx_label_comp_id_2   PRO 
_struct_mon_prot_cis.pdbx_label_seq_id_2    38 
_struct_mon_prot_cis.pdbx_label_asym_id_2   A 
_struct_mon_prot_cis.pdbx_PDB_ins_code_2    ? 
_struct_mon_prot_cis.pdbx_auth_comp_id_2    PRO 
_struct_mon_prot_cis.pdbx_auth_seq_id_2     379 
_struct_mon_prot_cis.pdbx_auth_asym_id_2    A 
_struct_mon_prot_cis.pdbx_PDB_model_num     1 
_struct_mon_prot_cis.pdbx_omega_angle       -7.93 
# 
loop_
_struct_sheet.id 
_struct_sheet.type 
_struct_sheet.number_strands 
_struct_sheet.details 
A ? 4 ? 
B ? 4 ? 
C ? 4 ? 
# 
loop_
_struct_sheet_order.sheet_id 
_struct_sheet_order.range_id_1 
_struct_sheet_order.range_id_2 
_struct_sheet_order.offset 
_struct_sheet_order.sense 
A 1 2 ? anti-parallel 
A 2 3 ? anti-parallel 
A 3 4 ? anti-parallel 
B 1 2 ? anti-parallel 
B 2 3 ? anti-parallel 
B 3 4 ? anti-parallel 
C 1 2 ? anti-parallel 
C 2 3 ? anti-parallel 
C 3 4 ? anti-parallel 
# 
loop_
_struct_sheet_range.sheet_id 
_struct_sheet_range.id 
_struct_sheet_range.beg_label_comp_id 
_struct_sheet_range.beg_label_asym_id 
_struct_sheet_range.beg_label_seq_id 
_struct_sheet_range.pdbx_beg_PDB_ins_code 
_struct_sheet_range.end_label_comp_id 
_struct_sheet_range.end_label_asym_id 
_struct_sheet_range.end_label_seq_id 
_struct_sheet_range.pdbx_end_PDB_ins_code 
_struct_sheet_range.beg_auth_comp_id 
_struct_sheet_range.beg_auth_asym_id 
_struct_sheet_range.beg_auth_seq_id 
_struct_sheet_range.end_auth_comp_id 
_struct_sheet_range.end_auth_asym_id 
_struct_sheet_range.end_auth_seq_id 
A 1 HIS A 10 ? LEU A 14  ? HIS A 351 LEU A 355 
A 2 SER A 26 ? PHE A 36  ? SER A 367 PHE A 377 
A 3 PHE A 69 ? THR A 78  ? PHE A 410 THR A 419 
A 4 VAL A 56 ? ASN A 58  ? VAL A 397 ASN A 399 
B 1 HIS A 10 ? LEU A 14  ? HIS A 351 LEU A 355 
B 2 SER A 26 ? PHE A 36  ? SER A 367 PHE A 377 
B 3 PHE A 69 ? THR A 78  ? PHE A 410 THR A 419 
B 4 ALA A 62 ? LEU A 63  ? ALA A 403 LEU A 404 
C 1 VAL A 50 ? VAL A 52  ? VAL A 391 VAL A 393 
C 2 SER A 42 ? LYS A 47  ? SER A 383 LYS A 388 
C 3 TYR A 88 ? HIS A 94  ? TYR A 429 HIS A 435 
C 4 SER A 99 ? ILE A 105 ? SER A 440 ILE A 446 
# 
loop_
_pdbx_struct_sheet_hbond.sheet_id 
_pdbx_struct_sheet_hbond.range_id_1 
_pdbx_struct_sheet_hbond.range_id_2 
_pdbx_struct_sheet_hbond.range_1_label_atom_id 
_pdbx_struct_sheet_hbond.range_1_label_comp_id 
_pdbx_struct_sheet_hbond.range_1_label_asym_id 
_pdbx_struct_sheet_hbond.range_1_label_seq_id 
_pdbx_struct_sheet_hbond.range_1_PDB_ins_code 
_pdbx_struct_sheet_hbond.range_1_auth_atom_id 
_pdbx_struct_sheet_hbond.range_1_auth_comp_id 
_pdbx_struct_sheet_hbond.range_1_auth_asym_id 
_pdbx_struct_sheet_hbond.range_1_auth_seq_id 
_pdbx_struct_sheet_hbond.range_2_label_atom_id 
_pdbx_struct_sheet_hbond.range_2_label_comp_id 
_pdbx_struct_sheet_hbond.range_2_label_asym_id 
_pdbx_struct_sheet_hbond.range_2_label_seq_id 
_pdbx_struct_sheet_hbond.range_2_PDB_ins_code 
_pdbx_struct_sheet_hbond.range_2_auth_atom_id 
_pdbx_struct_sheet_hbond.range_2_auth_comp_id 
_pdbx_struct_sheet_hbond.range_2_auth_asym_id 
_pdbx_struct_sheet_hbond.range_2_auth_seq_id 
A 1 2 N ARG A 12 ? N ARG A 353 O LEU A 32 ? O LEU A 373 
A 2 3 N ALA A 27 ? N ALA A 368 O LEU A 77 ? O LEU A 418 
A 3 4 O LEU A 74 ? O LEU A 415 N THR A 57 ? N THR A 398 
B 1 2 N ARG A 12 ? N ARG A 353 O LEU A 32 ? O LEU A 373 
B 2 3 N ALA A 27 ? N ALA A 368 O LEU A 77 ? O LEU A 418 
B 3 4 O SER A 70 ? O SER A 411 N ALA A 62 ? N ALA A 403 
C 1 2 O VAL A 50 ? O VAL A 391 N LYS A 47 ? N LYS A 388 
C 2 3 N SER A 42 ? N SER A 383 O SER A 93 ? O SER A 434 
C 3 4 N HIS A 94 ? N HIS A 435 O SER A 99 ? O SER A 440 
# 
loop_
_struct_site.id 
_struct_site.pdbx_evidence_code 
_struct_site.pdbx_auth_asym_id 
_struct_site.pdbx_auth_comp_id 
_struct_site.pdbx_auth_seq_id 
_struct_site.pdbx_auth_ins_code 
_struct_site.pdbx_num_residues 
_struct_site.details 
AC1 Software A PG4 901 ? 8 'BINDING SITE FOR RESIDUE PG4 A 901' 
AC2 Software A PG4 902 ? 6 'BINDING SITE FOR RESIDUE PG4 A 902' 
AC3 Software A CL  903 ? 4 'BINDING SITE FOR RESIDUE CL A 903'  
AC4 Software A CL  904 ? 2 'BINDING SITE FOR RESIDUE CL A 904'  
AC5 Software A NA  905 ? 5 'BINDING SITE FOR RESIDUE NA A 905'  
# 
loop_
_struct_site_gen.id 
_struct_site_gen.site_id 
_struct_site_gen.pdbx_num_res 
_struct_site_gen.label_comp_id 
_struct_site_gen.label_asym_id 
_struct_site_gen.label_seq_id 
_struct_site_gen.pdbx_auth_ins_code 
_struct_site_gen.auth_comp_id 
_struct_site_gen.auth_asym_id 
_struct_site_gen.auth_seq_id 
_struct_site_gen.label_atom_id 
_struct_site_gen.label_alt_id 
_struct_site_gen.symmetry 
_struct_site_gen.details 
1  AC1 8 TYR A 37 ? TYR A 378 . ? 1_555  ? 
2  AC1 8 THR A 61 ? THR A 402 . ? 10_554 ? 
3  AC1 8 LEU A 63 ? LEU A 404 . ? 2_545  ? 
4  AC1 8 LEU A 63 ? LEU A 404 . ? 10_554 ? 
5  AC1 8 GLU A 64 ? GLU A 405 . ? 2_545  ? 
6  AC1 8 GLN A 65 ? GLN A 406 . ? 2_545  ? 
7  AC1 8 LEU A 67 ? LEU A 408 . ? 1_555  ? 
8  AC1 8 PHE A 69 ? PHE A 410 . ? 1_555  ? 
9  AC2 6 GLN A 22 ? GLN A 363 . ? 4_655  ? 
10 AC2 6 SER A 23 ? SER A 364 . ? 4_655  ? 
11 AC2 6 ASP A 66 ? ASP A 407 . ? 1_555  ? 
12 AC2 6 ARG A 72 ? ARG A 413 . ? 11_654 ? 
13 AC2 6 LEU A 74 ? LEU A 415 . ? 11_654 ? 
14 AC2 6 CL  D .  ? CL  A 903 . ? 1_555  ? 
15 AC3 4 ARG A 12 ? ARG A 353 . ? 1_555  ? 
16 AC3 4 LEU A 32 ? LEU A 373 . ? 1_555  ? 
17 AC3 4 ARG A 34 ? ARG A 375 . ? 1_555  ? 
18 AC3 4 PG4 C .  ? PG4 A 902 . ? 1_555  ? 
19 AC4 2 ARG A 12 ? ARG A 353 . ? 1_555  ? 
20 AC4 2 SER A 17 ? SER A 358 . ? 11_654 ? 
21 AC5 5 ARG A 12 ? ARG A 353 . ? 11_654 ? 
22 AC5 5 PRO A 15 ? PRO A 356 . ? 1_555  ? 
23 AC5 5 PRO A 16 ? PRO A 357 . ? 1_555  ? 
24 AC5 5 THR A 28 ? THR A 369 . ? 1_555  ? 
25 AC5 5 THR A 30 ? THR A 371 . ? 1_555  ? 
# 
_pdbx_entry_details.entry_id                   4Q9C 
_pdbx_entry_details.compound_details           ? 
_pdbx_entry_details.source_details             ? 
_pdbx_entry_details.nonpolymer_details         ? 
_pdbx_entry_details.sequence_details           ? 
_pdbx_entry_details.has_ligand_of_interest     ? 
_pdbx_entry_details.has_protein_modification   Y 
# 
_pdbx_validate_symm_contact.id                1 
_pdbx_validate_symm_contact.PDB_model_num     1 
_pdbx_validate_symm_contact.auth_atom_id_1    OD1 
_pdbx_validate_symm_contact.auth_asym_id_1    A 
_pdbx_validate_symm_contact.auth_comp_id_1    ASP 
_pdbx_validate_symm_contact.auth_seq_id_1     380 
_pdbx_validate_symm_contact.PDB_ins_code_1    ? 
_pdbx_validate_symm_contact.label_alt_id_1    ? 
_pdbx_validate_symm_contact.site_symmetry_1   1_555 
_pdbx_validate_symm_contact.auth_atom_id_2    OD1 
_pdbx_validate_symm_contact.auth_asym_id_2    A 
_pdbx_validate_symm_contact.auth_comp_id_2    ASP 
_pdbx_validate_symm_contact.auth_seq_id_2     380 
_pdbx_validate_symm_contact.PDB_ins_code_2    ? 
_pdbx_validate_symm_contact.label_alt_id_2    ? 
_pdbx_validate_symm_contact.site_symmetry_2   10_554 
_pdbx_validate_symm_contact.dist              1.98 
# 
_pdbx_validate_torsion.id              1 
_pdbx_validate_torsion.PDB_model_num   1 
_pdbx_validate_torsion.auth_comp_id    PRO 
_pdbx_validate_torsion.auth_asym_id    A 
_pdbx_validate_torsion.auth_seq_id     379 
_pdbx_validate_torsion.PDB_ins_code    ? 
_pdbx_validate_torsion.label_alt_id    ? 
_pdbx_validate_torsion.phi             -67.84 
_pdbx_validate_torsion.psi             -177.30 
# 
_pdbx_struct_special_symmetry.id              1 
_pdbx_struct_special_symmetry.PDB_model_num   1 
_pdbx_struct_special_symmetry.auth_asym_id    A 
_pdbx_struct_special_symmetry.auth_comp_id    HOH 
_pdbx_struct_special_symmetry.auth_seq_id     1004 
_pdbx_struct_special_symmetry.PDB_ins_code    ? 
_pdbx_struct_special_symmetry.label_asym_id   G 
_pdbx_struct_special_symmetry.label_comp_id   HOH 
_pdbx_struct_special_symmetry.label_seq_id    . 
# 
_pdbx_refine_tls.pdbx_refine_id   'X-RAY DIFFRACTION' 
_pdbx_refine_tls.id               1 
_pdbx_refine_tls.details          ? 
_pdbx_refine_tls.method           refined 
_pdbx_refine_tls.origin_x         -0.4679 
_pdbx_refine_tls.origin_y         0.5542 
_pdbx_refine_tls.origin_z         0.0646 
_pdbx_refine_tls.T[1][1]          0.0091 
_pdbx_refine_tls.T[2][2]          0.0076 
_pdbx_refine_tls.T[3][3]          0.0102 
_pdbx_refine_tls.T[1][2]          -0.0046 
_pdbx_refine_tls.T[1][3]          0.0000 
_pdbx_refine_tls.T[2][3]          -0.0032 
_pdbx_refine_tls.L[1][1]          0.3766 
_pdbx_refine_tls.L[2][2]          0.1717 
_pdbx_refine_tls.L[3][3]          0.1192 
_pdbx_refine_tls.L[1][2]          -0.1863 
_pdbx_refine_tls.L[1][3]          0.1174 
_pdbx_refine_tls.L[2][3]          -0.1066 
_pdbx_refine_tls.S[1][1]          0.0318 
_pdbx_refine_tls.S[2][2]          -0.0181 
_pdbx_refine_tls.S[3][3]          -0.0137 
_pdbx_refine_tls.S[1][2]          0.0195 
_pdbx_refine_tls.S[1][3]          -0.0072 
_pdbx_refine_tls.S[2][3]          -0.0053 
_pdbx_refine_tls.S[2][1]          -0.0059 
_pdbx_refine_tls.S[3][1]          0.0112 
_pdbx_refine_tls.S[3][2]          0.0085 
# 
loop_
_pdbx_refine_tls_group.pdbx_refine_id 
_pdbx_refine_tls_group.id 
_pdbx_refine_tls_group.refine_tls_id 
_pdbx_refine_tls_group.beg_auth_asym_id 
_pdbx_refine_tls_group.beg_auth_seq_id 
_pdbx_refine_tls_group.end_auth_asym_id 
_pdbx_refine_tls_group.end_auth_seq_id 
_pdbx_refine_tls_group.selection_details 
_pdbx_refine_tls_group.beg_label_asym_id 
_pdbx_refine_tls_group.beg_label_seq_id 
_pdbx_refine_tls_group.end_label_asym_id 
_pdbx_refine_tls_group.end_label_seq_id 
_pdbx_refine_tls_group.selection 
'X-RAY DIFFRACTION' 1 1 A 345 A 449 ? . . . . ? 
'X-RAY DIFFRACTION' 2 1 A 901 A 902 ? . . . . ? 
# 
loop_
_pdbx_unobs_or_zero_occ_residues.id 
_pdbx_unobs_or_zero_occ_residues.PDB_model_num 
_pdbx_unobs_or_zero_occ_residues.polymer_flag 
_pdbx_unobs_or_zero_occ_residues.occupancy_flag 
_pdbx_unobs_or_zero_occ_residues.auth_asym_id 
_pdbx_unobs_or_zero_occ_residues.auth_comp_id 
_pdbx_unobs_or_zero_occ_residues.auth_seq_id 
_pdbx_unobs_or_zero_occ_residues.PDB_ins_code 
_pdbx_unobs_or_zero_occ_residues.label_asym_id 
_pdbx_unobs_or_zero_occ_residues.label_comp_id 
_pdbx_unobs_or_zero_occ_residues.label_seq_id 
1 1 Y 1 A GLY 342 ? A GLY 1   
2 1 Y 1 A ALA 343 ? A ALA 2   
3 1 Y 1 A ARG 344 ? A ARG 3   
4 1 Y 1 A LYS 450 ? A LYS 109 
5 1 Y 1 A VAL 451 ? A VAL 110 
6 1 Y 1 A ASP 452 ? A ASP 111 
# 
loop_
_chem_comp_atom.comp_id 
_chem_comp_atom.atom_id 
_chem_comp_atom.type_symbol 
_chem_comp_atom.pdbx_aromatic_flag 
_chem_comp_atom.pdbx_stereo_config 
_chem_comp_atom.pdbx_ordinal 
ALA N    N  N N 1   
ALA CA   C  N S 2   
ALA C    C  N N 3   
ALA O    O  N N 4   
ALA CB   C  N N 5   
ALA OXT  O  N N 6   
ALA H    H  N N 7   
ALA H2   H  N N 8   
ALA HA   H  N N 9   
ALA HB1  H  N N 10  
ALA HB2  H  N N 11  
ALA HB3  H  N N 12  
ALA HXT  H  N N 13  
ARG N    N  N N 14  
ARG CA   C  N S 15  
ARG C    C  N N 16  
ARG O    O  N N 17  
ARG CB   C  N N 18  
ARG CG   C  N N 19  
ARG CD   C  N N 20  
ARG NE   N  N N 21  
ARG CZ   C  N N 22  
ARG NH1  N  N N 23  
ARG NH2  N  N N 24  
ARG OXT  O  N N 25  
ARG H    H  N N 26  
ARG H2   H  N N 27  
ARG HA   H  N N 28  
ARG HB2  H  N N 29  
ARG HB3  H  N N 30  
ARG HG2  H  N N 31  
ARG HG3  H  N N 32  
ARG HD2  H  N N 33  
ARG HD3  H  N N 34  
ARG HE   H  N N 35  
ARG HH11 H  N N 36  
ARG HH12 H  N N 37  
ARG HH21 H  N N 38  
ARG HH22 H  N N 39  
ARG HXT  H  N N 40  
ASN N    N  N N 41  
ASN CA   C  N S 42  
ASN C    C  N N 43  
ASN O    O  N N 44  
ASN CB   C  N N 45  
ASN CG   C  N N 46  
ASN OD1  O  N N 47  
ASN ND2  N  N N 48  
ASN OXT  O  N N 49  
ASN H    H  N N 50  
ASN H2   H  N N 51  
ASN HA   H  N N 52  
ASN HB2  H  N N 53  
ASN HB3  H  N N 54  
ASN HD21 H  N N 55  
ASN HD22 H  N N 56  
ASN HXT  H  N N 57  
ASP N    N  N N 58  
ASP CA   C  N S 59  
ASP C    C  N N 60  
ASP O    O  N N 61  
ASP CB   C  N N 62  
ASP CG   C  N N 63  
ASP OD1  O  N N 64  
ASP OD2  O  N N 65  
ASP OXT  O  N N 66  
ASP H    H  N N 67  
ASP H2   H  N N 68  
ASP HA   H  N N 69  
ASP HB2  H  N N 70  
ASP HB3  H  N N 71  
ASP HD2  H  N N 72  
ASP HXT  H  N N 73  
CL  CL   CL N N 74  
CYS N    N  N N 75  
CYS CA   C  N R 76  
CYS C    C  N N 77  
CYS O    O  N N 78  
CYS CB   C  N N 79  
CYS SG   S  N N 80  
CYS OXT  O  N N 81  
CYS H    H  N N 82  
CYS H2   H  N N 83  
CYS HA   H  N N 84  
CYS HB2  H  N N 85  
CYS HB3  H  N N 86  
CYS HG   H  N N 87  
CYS HXT  H  N N 88  
GLN N    N  N N 89  
GLN CA   C  N S 90  
GLN C    C  N N 91  
GLN O    O  N N 92  
GLN CB   C  N N 93  
GLN CG   C  N N 94  
GLN CD   C  N N 95  
GLN OE1  O  N N 96  
GLN NE2  N  N N 97  
GLN OXT  O  N N 98  
GLN H    H  N N 99  
GLN H2   H  N N 100 
GLN HA   H  N N 101 
GLN HB2  H  N N 102 
GLN HB3  H  N N 103 
GLN HG2  H  N N 104 
GLN HG3  H  N N 105 
GLN HE21 H  N N 106 
GLN HE22 H  N N 107 
GLN HXT  H  N N 108 
GLU N    N  N N 109 
GLU CA   C  N S 110 
GLU C    C  N N 111 
GLU O    O  N N 112 
GLU CB   C  N N 113 
GLU CG   C  N N 114 
GLU CD   C  N N 115 
GLU OE1  O  N N 116 
GLU OE2  O  N N 117 
GLU OXT  O  N N 118 
GLU H    H  N N 119 
GLU H2   H  N N 120 
GLU HA   H  N N 121 
GLU HB2  H  N N 122 
GLU HB3  H  N N 123 
GLU HG2  H  N N 124 
GLU HG3  H  N N 125 
GLU HE2  H  N N 126 
GLU HXT  H  N N 127 
GLY N    N  N N 128 
GLY CA   C  N N 129 
GLY C    C  N N 130 
GLY O    O  N N 131 
GLY OXT  O  N N 132 
GLY H    H  N N 133 
GLY H2   H  N N 134 
GLY HA2  H  N N 135 
GLY HA3  H  N N 136 
GLY HXT  H  N N 137 
HIS N    N  N N 138 
HIS CA   C  N S 139 
HIS C    C  N N 140 
HIS O    O  N N 141 
HIS CB   C  N N 142 
HIS CG   C  Y N 143 
HIS ND1  N  Y N 144 
HIS CD2  C  Y N 145 
HIS CE1  C  Y N 146 
HIS NE2  N  Y N 147 
HIS OXT  O  N N 148 
HIS H    H  N N 149 
HIS H2   H  N N 150 
HIS HA   H  N N 151 
HIS HB2  H  N N 152 
HIS HB3  H  N N 153 
HIS HD1  H  N N 154 
HIS HD2  H  N N 155 
HIS HE1  H  N N 156 
HIS HE2  H  N N 157 
HIS HXT  H  N N 158 
HOH O    O  N N 159 
HOH H1   H  N N 160 
HOH H2   H  N N 161 
ILE N    N  N N 162 
ILE CA   C  N S 163 
ILE C    C  N N 164 
ILE O    O  N N 165 
ILE CB   C  N S 166 
ILE CG1  C  N N 167 
ILE CG2  C  N N 168 
ILE CD1  C  N N 169 
ILE OXT  O  N N 170 
ILE H    H  N N 171 
ILE H2   H  N N 172 
ILE HA   H  N N 173 
ILE HB   H  N N 174 
ILE HG12 H  N N 175 
ILE HG13 H  N N 176 
ILE HG21 H  N N 177 
ILE HG22 H  N N 178 
ILE HG23 H  N N 179 
ILE HD11 H  N N 180 
ILE HD12 H  N N 181 
ILE HD13 H  N N 182 
ILE HXT  H  N N 183 
LEU N    N  N N 184 
LEU CA   C  N S 185 
LEU C    C  N N 186 
LEU O    O  N N 187 
LEU CB   C  N N 188 
LEU CG   C  N N 189 
LEU CD1  C  N N 190 
LEU CD2  C  N N 191 
LEU OXT  O  N N 192 
LEU H    H  N N 193 
LEU H2   H  N N 194 
LEU HA   H  N N 195 
LEU HB2  H  N N 196 
LEU HB3  H  N N 197 
LEU HG   H  N N 198 
LEU HD11 H  N N 199 
LEU HD12 H  N N 200 
LEU HD13 H  N N 201 
LEU HD21 H  N N 202 
LEU HD22 H  N N 203 
LEU HD23 H  N N 204 
LEU HXT  H  N N 205 
LYS N    N  N N 206 
LYS CA   C  N S 207 
LYS C    C  N N 208 
LYS O    O  N N 209 
LYS CB   C  N N 210 
LYS CG   C  N N 211 
LYS CD   C  N N 212 
LYS CE   C  N N 213 
LYS NZ   N  N N 214 
LYS OXT  O  N N 215 
LYS H    H  N N 216 
LYS H2   H  N N 217 
LYS HA   H  N N 218 
LYS HB2  H  N N 219 
LYS HB3  H  N N 220 
LYS HG2  H  N N 221 
LYS HG3  H  N N 222 
LYS HD2  H  N N 223 
LYS HD3  H  N N 224 
LYS HE2  H  N N 225 
LYS HE3  H  N N 226 
LYS HZ1  H  N N 227 
LYS HZ2  H  N N 228 
LYS HZ3  H  N N 229 
LYS HXT  H  N N 230 
NA  NA   NA N N 231 
PG4 O1   O  N N 232 
PG4 C1   C  N N 233 
PG4 C2   C  N N 234 
PG4 O2   O  N N 235 
PG4 C3   C  N N 236 
PG4 C4   C  N N 237 
PG4 O3   O  N N 238 
PG4 C5   C  N N 239 
PG4 C6   C  N N 240 
PG4 O4   O  N N 241 
PG4 C7   C  N N 242 
PG4 C8   C  N N 243 
PG4 O5   O  N N 244 
PG4 HO1  H  N N 245 
PG4 H11  H  N N 246 
PG4 H12  H  N N 247 
PG4 H21  H  N N 248 
PG4 H22  H  N N 249 
PG4 H31  H  N N 250 
PG4 H32  H  N N 251 
PG4 H41  H  N N 252 
PG4 H42  H  N N 253 
PG4 H51  H  N N 254 
PG4 H52  H  N N 255 
PG4 H61  H  N N 256 
PG4 H62  H  N N 257 
PG4 H71  H  N N 258 
PG4 H72  H  N N 259 
PG4 H81  H  N N 260 
PG4 H82  H  N N 261 
PG4 HO5  H  N N 262 
PHE N    N  N N 263 
PHE CA   C  N S 264 
PHE C    C  N N 265 
PHE O    O  N N 266 
PHE CB   C  N N 267 
PHE CG   C  Y N 268 
PHE CD1  C  Y N 269 
PHE CD2  C  Y N 270 
PHE CE1  C  Y N 271 
PHE CE2  C  Y N 272 
PHE CZ   C  Y N 273 
PHE OXT  O  N N 274 
PHE H    H  N N 275 
PHE H2   H  N N 276 
PHE HA   H  N N 277 
PHE HB2  H  N N 278 
PHE HB3  H  N N 279 
PHE HD1  H  N N 280 
PHE HD2  H  N N 281 
PHE HE1  H  N N 282 
PHE HE2  H  N N 283 
PHE HZ   H  N N 284 
PHE HXT  H  N N 285 
PRO N    N  N N 286 
PRO CA   C  N S 287 
PRO C    C  N N 288 
PRO O    O  N N 289 
PRO CB   C  N N 290 
PRO CG   C  N N 291 
PRO CD   C  N N 292 
PRO OXT  O  N N 293 
PRO H    H  N N 294 
PRO HA   H  N N 295 
PRO HB2  H  N N 296 
PRO HB3  H  N N 297 
PRO HG2  H  N N 298 
PRO HG3  H  N N 299 
PRO HD2  H  N N 300 
PRO HD3  H  N N 301 
PRO HXT  H  N N 302 
SER N    N  N N 303 
SER CA   C  N S 304 
SER C    C  N N 305 
SER O    O  N N 306 
SER CB   C  N N 307 
SER OG   O  N N 308 
SER OXT  O  N N 309 
SER H    H  N N 310 
SER H2   H  N N 311 
SER HA   H  N N 312 
SER HB2  H  N N 313 
SER HB3  H  N N 314 
SER HG   H  N N 315 
SER HXT  H  N N 316 
THR N    N  N N 317 
THR CA   C  N S 318 
THR C    C  N N 319 
THR O    O  N N 320 
THR CB   C  N R 321 
THR OG1  O  N N 322 
THR CG2  C  N N 323 
THR OXT  O  N N 324 
THR H    H  N N 325 
THR H2   H  N N 326 
THR HA   H  N N 327 
THR HB   H  N N 328 
THR HG1  H  N N 329 
THR HG21 H  N N 330 
THR HG22 H  N N 331 
THR HG23 H  N N 332 
THR HXT  H  N N 333 
TRP N    N  N N 334 
TRP CA   C  N S 335 
TRP C    C  N N 336 
TRP O    O  N N 337 
TRP CB   C  N N 338 
TRP CG   C  Y N 339 
TRP CD1  C  Y N 340 
TRP CD2  C  Y N 341 
TRP NE1  N  Y N 342 
TRP CE2  C  Y N 343 
TRP CE3  C  Y N 344 
TRP CZ2  C  Y N 345 
TRP CZ3  C  Y N 346 
TRP CH2  C  Y N 347 
TRP OXT  O  N N 348 
TRP H    H  N N 349 
TRP H2   H  N N 350 
TRP HA   H  N N 351 
TRP HB2  H  N N 352 
TRP HB3  H  N N 353 
TRP HD1  H  N N 354 
TRP HE1  H  N N 355 
TRP HE3  H  N N 356 
TRP HZ2  H  N N 357 
TRP HZ3  H  N N 358 
TRP HH2  H  N N 359 
TRP HXT  H  N N 360 
TYR N    N  N N 361 
TYR CA   C  N S 362 
TYR C    C  N N 363 
TYR O    O  N N 364 
TYR CB   C  N N 365 
TYR CG   C  Y N 366 
TYR CD1  C  Y N 367 
TYR CD2  C  Y N 368 
TYR CE1  C  Y N 369 
TYR CE2  C  Y N 370 
TYR CZ   C  Y N 371 
TYR OH   O  N N 372 
TYR OXT  O  N N 373 
TYR H    H  N N 374 
TYR H2   H  N N 375 
TYR HA   H  N N 376 
TYR HB2  H  N N 377 
TYR HB3  H  N N 378 
TYR HD1  H  N N 379 
TYR HD2  H  N N 380 
TYR HE1  H  N N 381 
TYR HE2  H  N N 382 
TYR HH   H  N N 383 
TYR HXT  H  N N 384 
VAL N    N  N N 385 
VAL CA   C  N S 386 
VAL C    C  N N 387 
VAL O    O  N N 388 
VAL CB   C  N N 389 
VAL CG1  C  N N 390 
VAL CG2  C  N N 391 
VAL OXT  O  N N 392 
VAL H    H  N N 393 
VAL H2   H  N N 394 
VAL HA   H  N N 395 
VAL HB   H  N N 396 
VAL HG11 H  N N 397 
VAL HG12 H  N N 398 
VAL HG13 H  N N 399 
VAL HG21 H  N N 400 
VAL HG22 H  N N 401 
VAL HG23 H  N N 402 
VAL HXT  H  N N 403 
# 
loop_
_chem_comp_bond.comp_id 
_chem_comp_bond.atom_id_1 
_chem_comp_bond.atom_id_2 
_chem_comp_bond.value_order 
_chem_comp_bond.pdbx_aromatic_flag 
_chem_comp_bond.pdbx_stereo_config 
_chem_comp_bond.pdbx_ordinal 
ALA N   CA   sing N N 1   
ALA N   H    sing N N 2   
ALA N   H2   sing N N 3   
ALA CA  C    sing N N 4   
ALA CA  CB   sing N N 5   
ALA CA  HA   sing N N 6   
ALA C   O    doub N N 7   
ALA C   OXT  sing N N 8   
ALA CB  HB1  sing N N 9   
ALA CB  HB2  sing N N 10  
ALA CB  HB3  sing N N 11  
ALA OXT HXT  sing N N 12  
ARG N   CA   sing N N 13  
ARG N   H    sing N N 14  
ARG N   H2   sing N N 15  
ARG CA  C    sing N N 16  
ARG CA  CB   sing N N 17  
ARG CA  HA   sing N N 18  
ARG C   O    doub N N 19  
ARG C   OXT  sing N N 20  
ARG CB  CG   sing N N 21  
ARG CB  HB2  sing N N 22  
ARG CB  HB3  sing N N 23  
ARG CG  CD   sing N N 24  
ARG CG  HG2  sing N N 25  
ARG CG  HG3  sing N N 26  
ARG CD  NE   sing N N 27  
ARG CD  HD2  sing N N 28  
ARG CD  HD3  sing N N 29  
ARG NE  CZ   sing N N 30  
ARG NE  HE   sing N N 31  
ARG CZ  NH1  sing N N 32  
ARG CZ  NH2  doub N N 33  
ARG NH1 HH11 sing N N 34  
ARG NH1 HH12 sing N N 35  
ARG NH2 HH21 sing N N 36  
ARG NH2 HH22 sing N N 37  
ARG OXT HXT  sing N N 38  
ASN N   CA   sing N N 39  
ASN N   H    sing N N 40  
ASN N   H2   sing N N 41  
ASN CA  C    sing N N 42  
ASN CA  CB   sing N N 43  
ASN CA  HA   sing N N 44  
ASN C   O    doub N N 45  
ASN C   OXT  sing N N 46  
ASN CB  CG   sing N N 47  
ASN CB  HB2  sing N N 48  
ASN CB  HB3  sing N N 49  
ASN CG  OD1  doub N N 50  
ASN CG  ND2  sing N N 51  
ASN ND2 HD21 sing N N 52  
ASN ND2 HD22 sing N N 53  
ASN OXT HXT  sing N N 54  
ASP N   CA   sing N N 55  
ASP N   H    sing N N 56  
ASP N   H2   sing N N 57  
ASP CA  C    sing N N 58  
ASP CA  CB   sing N N 59  
ASP CA  HA   sing N N 60  
ASP C   O    doub N N 61  
ASP C   OXT  sing N N 62  
ASP CB  CG   sing N N 63  
ASP CB  HB2  sing N N 64  
ASP CB  HB3  sing N N 65  
ASP CG  OD1  doub N N 66  
ASP CG  OD2  sing N N 67  
ASP OD2 HD2  sing N N 68  
ASP OXT HXT  sing N N 69  
CYS N   CA   sing N N 70  
CYS N   H    sing N N 71  
CYS N   H2   sing N N 72  
CYS CA  C    sing N N 73  
CYS CA  CB   sing N N 74  
CYS CA  HA   sing N N 75  
CYS C   O    doub N N 76  
CYS C   OXT  sing N N 77  
CYS CB  SG   sing N N 78  
CYS CB  HB2  sing N N 79  
CYS CB  HB3  sing N N 80  
CYS SG  HG   sing N N 81  
CYS OXT HXT  sing N N 82  
GLN N   CA   sing N N 83  
GLN N   H    sing N N 84  
GLN N   H2   sing N N 85  
GLN CA  C    sing N N 86  
GLN CA  CB   sing N N 87  
GLN CA  HA   sing N N 88  
GLN C   O    doub N N 89  
GLN C   OXT  sing N N 90  
GLN CB  CG   sing N N 91  
GLN CB  HB2  sing N N 92  
GLN CB  HB3  sing N N 93  
GLN CG  CD   sing N N 94  
GLN CG  HG2  sing N N 95  
GLN CG  HG3  sing N N 96  
GLN CD  OE1  doub N N 97  
GLN CD  NE2  sing N N 98  
GLN NE2 HE21 sing N N 99  
GLN NE2 HE22 sing N N 100 
GLN OXT HXT  sing N N 101 
GLU N   CA   sing N N 102 
GLU N   H    sing N N 103 
GLU N   H2   sing N N 104 
GLU CA  C    sing N N 105 
GLU CA  CB   sing N N 106 
GLU CA  HA   sing N N 107 
GLU C   O    doub N N 108 
GLU C   OXT  sing N N 109 
GLU CB  CG   sing N N 110 
GLU CB  HB2  sing N N 111 
GLU CB  HB3  sing N N 112 
GLU CG  CD   sing N N 113 
GLU CG  HG2  sing N N 114 
GLU CG  HG3  sing N N 115 
GLU CD  OE1  doub N N 116 
GLU CD  OE2  sing N N 117 
GLU OE2 HE2  sing N N 118 
GLU OXT HXT  sing N N 119 
GLY N   CA   sing N N 120 
GLY N   H    sing N N 121 
GLY N   H2   sing N N 122 
GLY CA  C    sing N N 123 
GLY CA  HA2  sing N N 124 
GLY CA  HA3  sing N N 125 
GLY C   O    doub N N 126 
GLY C   OXT  sing N N 127 
GLY OXT HXT  sing N N 128 
HIS N   CA   sing N N 129 
HIS N   H    sing N N 130 
HIS N   H2   sing N N 131 
HIS CA  C    sing N N 132 
HIS CA  CB   sing N N 133 
HIS CA  HA   sing N N 134 
HIS C   O    doub N N 135 
HIS C   OXT  sing N N 136 
HIS CB  CG   sing N N 137 
HIS CB  HB2  sing N N 138 
HIS CB  HB3  sing N N 139 
HIS CG  ND1  sing Y N 140 
HIS CG  CD2  doub Y N 141 
HIS ND1 CE1  doub Y N 142 
HIS ND1 HD1  sing N N 143 
HIS CD2 NE2  sing Y N 144 
HIS CD2 HD2  sing N N 145 
HIS CE1 NE2  sing Y N 146 
HIS CE1 HE1  sing N N 147 
HIS NE2 HE2  sing N N 148 
HIS OXT HXT  sing N N 149 
HOH O   H1   sing N N 150 
HOH O   H2   sing N N 151 
ILE N   CA   sing N N 152 
ILE N   H    sing N N 153 
ILE N   H2   sing N N 154 
ILE CA  C    sing N N 155 
ILE CA  CB   sing N N 156 
ILE CA  HA   sing N N 157 
ILE C   O    doub N N 158 
ILE C   OXT  sing N N 159 
ILE CB  CG1  sing N N 160 
ILE CB  CG2  sing N N 161 
ILE CB  HB   sing N N 162 
ILE CG1 CD1  sing N N 163 
ILE CG1 HG12 sing N N 164 
ILE CG1 HG13 sing N N 165 
ILE CG2 HG21 sing N N 166 
ILE CG2 HG22 sing N N 167 
ILE CG2 HG23 sing N N 168 
ILE CD1 HD11 sing N N 169 
ILE CD1 HD12 sing N N 170 
ILE CD1 HD13 sing N N 171 
ILE OXT HXT  sing N N 172 
LEU N   CA   sing N N 173 
LEU N   H    sing N N 174 
LEU N   H2   sing N N 175 
LEU CA  C    sing N N 176 
LEU CA  CB   sing N N 177 
LEU CA  HA   sing N N 178 
LEU C   O    doub N N 179 
LEU C   OXT  sing N N 180 
LEU CB  CG   sing N N 181 
LEU CB  HB2  sing N N 182 
LEU CB  HB3  sing N N 183 
LEU CG  CD1  sing N N 184 
LEU CG  CD2  sing N N 185 
LEU CG  HG   sing N N 186 
LEU CD1 HD11 sing N N 187 
LEU CD1 HD12 sing N N 188 
LEU CD1 HD13 sing N N 189 
LEU CD2 HD21 sing N N 190 
LEU CD2 HD22 sing N N 191 
LEU CD2 HD23 sing N N 192 
LEU OXT HXT  sing N N 193 
LYS N   CA   sing N N 194 
LYS N   H    sing N N 195 
LYS N   H2   sing N N 196 
LYS CA  C    sing N N 197 
LYS CA  CB   sing N N 198 
LYS CA  HA   sing N N 199 
LYS C   O    doub N N 200 
LYS C   OXT  sing N N 201 
LYS CB  CG   sing N N 202 
LYS CB  HB2  sing N N 203 
LYS CB  HB3  sing N N 204 
LYS CG  CD   sing N N 205 
LYS CG  HG2  sing N N 206 
LYS CG  HG3  sing N N 207 
LYS CD  CE   sing N N 208 
LYS CD  HD2  sing N N 209 
LYS CD  HD3  sing N N 210 
LYS CE  NZ   sing N N 211 
LYS CE  HE2  sing N N 212 
LYS CE  HE3  sing N N 213 
LYS NZ  HZ1  sing N N 214 
LYS NZ  HZ2  sing N N 215 
LYS NZ  HZ3  sing N N 216 
LYS OXT HXT  sing N N 217 
PG4 O1  C1   sing N N 218 
PG4 O1  HO1  sing N N 219 
PG4 C1  C2   sing N N 220 
PG4 C1  H11  sing N N 221 
PG4 C1  H12  sing N N 222 
PG4 C2  O2   sing N N 223 
PG4 C2  H21  sing N N 224 
PG4 C2  H22  sing N N 225 
PG4 O2  C3   sing N N 226 
PG4 C3  C4   sing N N 227 
PG4 C3  H31  sing N N 228 
PG4 C3  H32  sing N N 229 
PG4 C4  O3   sing N N 230 
PG4 C4  H41  sing N N 231 
PG4 C4  H42  sing N N 232 
PG4 O3  C5   sing N N 233 
PG4 C5  C6   sing N N 234 
PG4 C5  H51  sing N N 235 
PG4 C5  H52  sing N N 236 
PG4 C6  O4   sing N N 237 
PG4 C6  H61  sing N N 238 
PG4 C6  H62  sing N N 239 
PG4 O4  C7   sing N N 240 
PG4 C7  C8   sing N N 241 
PG4 C7  H71  sing N N 242 
PG4 C7  H72  sing N N 243 
PG4 C8  O5   sing N N 244 
PG4 C8  H81  sing N N 245 
PG4 C8  H82  sing N N 246 
PG4 O5  HO5  sing N N 247 
PHE N   CA   sing N N 248 
PHE N   H    sing N N 249 
PHE N   H2   sing N N 250 
PHE CA  C    sing N N 251 
PHE CA  CB   sing N N 252 
PHE CA  HA   sing N N 253 
PHE C   O    doub N N 254 
PHE C   OXT  sing N N 255 
PHE CB  CG   sing N N 256 
PHE CB  HB2  sing N N 257 
PHE CB  HB3  sing N N 258 
PHE CG  CD1  doub Y N 259 
PHE CG  CD2  sing Y N 260 
PHE CD1 CE1  sing Y N 261 
PHE CD1 HD1  sing N N 262 
PHE CD2 CE2  doub Y N 263 
PHE CD2 HD2  sing N N 264 
PHE CE1 CZ   doub Y N 265 
PHE CE1 HE1  sing N N 266 
PHE CE2 CZ   sing Y N 267 
PHE CE2 HE2  sing N N 268 
PHE CZ  HZ   sing N N 269 
PHE OXT HXT  sing N N 270 
PRO N   CA   sing N N 271 
PRO N   CD   sing N N 272 
PRO N   H    sing N N 273 
PRO CA  C    sing N N 274 
PRO CA  CB   sing N N 275 
PRO CA  HA   sing N N 276 
PRO C   O    doub N N 277 
PRO C   OXT  sing N N 278 
PRO CB  CG   sing N N 279 
PRO CB  HB2  sing N N 280 
PRO CB  HB3  sing N N 281 
PRO CG  CD   sing N N 282 
PRO CG  HG2  sing N N 283 
PRO CG  HG3  sing N N 284 
PRO CD  HD2  sing N N 285 
PRO CD  HD3  sing N N 286 
PRO OXT HXT  sing N N 287 
SER N   CA   sing N N 288 
SER N   H    sing N N 289 
SER N   H2   sing N N 290 
SER CA  C    sing N N 291 
SER CA  CB   sing N N 292 
SER CA  HA   sing N N 293 
SER C   O    doub N N 294 
SER C   OXT  sing N N 295 
SER CB  OG   sing N N 296 
SER CB  HB2  sing N N 297 
SER CB  HB3  sing N N 298 
SER OG  HG   sing N N 299 
SER OXT HXT  sing N N 300 
THR N   CA   sing N N 301 
THR N   H    sing N N 302 
THR N   H2   sing N N 303 
THR CA  C    sing N N 304 
THR CA  CB   sing N N 305 
THR CA  HA   sing N N 306 
THR C   O    doub N N 307 
THR C   OXT  sing N N 308 
THR CB  OG1  sing N N 309 
THR CB  CG2  sing N N 310 
THR CB  HB   sing N N 311 
THR OG1 HG1  sing N N 312 
THR CG2 HG21 sing N N 313 
THR CG2 HG22 sing N N 314 
THR CG2 HG23 sing N N 315 
THR OXT HXT  sing N N 316 
TRP N   CA   sing N N 317 
TRP N   H    sing N N 318 
TRP N   H2   sing N N 319 
TRP CA  C    sing N N 320 
TRP CA  CB   sing N N 321 
TRP CA  HA   sing N N 322 
TRP C   O    doub N N 323 
TRP C   OXT  sing N N 324 
TRP CB  CG   sing N N 325 
TRP CB  HB2  sing N N 326 
TRP CB  HB3  sing N N 327 
TRP CG  CD1  doub Y N 328 
TRP CG  CD2  sing Y N 329 
TRP CD1 NE1  sing Y N 330 
TRP CD1 HD1  sing N N 331 
TRP CD2 CE2  doub Y N 332 
TRP CD2 CE3  sing Y N 333 
TRP NE1 CE2  sing Y N 334 
TRP NE1 HE1  sing N N 335 
TRP CE2 CZ2  sing Y N 336 
TRP CE3 CZ3  doub Y N 337 
TRP CE3 HE3  sing N N 338 
TRP CZ2 CH2  doub Y N 339 
TRP CZ2 HZ2  sing N N 340 
TRP CZ3 CH2  sing Y N 341 
TRP CZ3 HZ3  sing N N 342 
TRP CH2 HH2  sing N N 343 
TRP OXT HXT  sing N N 344 
TYR N   CA   sing N N 345 
TYR N   H    sing N N 346 
TYR N   H2   sing N N 347 
TYR CA  C    sing N N 348 
TYR CA  CB   sing N N 349 
TYR CA  HA   sing N N 350 
TYR C   O    doub N N 351 
TYR C   OXT  sing N N 352 
TYR CB  CG   sing N N 353 
TYR CB  HB2  sing N N 354 
TYR CB  HB3  sing N N 355 
TYR CG  CD1  doub Y N 356 
TYR CG  CD2  sing Y N 357 
TYR CD1 CE1  sing Y N 358 
TYR CD1 HD1  sing N N 359 
TYR CD2 CE2  doub Y N 360 
TYR CD2 HD2  sing N N 361 
TYR CE1 CZ   doub Y N 362 
TYR CE1 HE1  sing N N 363 
TYR CE2 CZ   sing Y N 364 
TYR CE2 HE2  sing N N 365 
TYR CZ  OH   sing N N 366 
TYR OH  HH   sing N N 367 
TYR OXT HXT  sing N N 368 
VAL N   CA   sing N N 369 
VAL N   H    sing N N 370 
VAL N   H2   sing N N 371 
VAL CA  C    sing N N 372 
VAL CA  CB   sing N N 373 
VAL CA  HA   sing N N 374 
VAL C   O    doub N N 375 
VAL C   OXT  sing N N 376 
VAL CB  CG1  sing N N 377 
VAL CB  CG2  sing N N 378 
VAL CB  HB   sing N N 379 
VAL CG1 HG11 sing N N 380 
VAL CG1 HG12 sing N N 381 
VAL CG1 HG13 sing N N 382 
VAL CG2 HG21 sing N N 383 
VAL CG2 HG22 sing N N 384 
VAL CG2 HG23 sing N N 385 
VAL OXT HXT  sing N N 386 
# 
_pdbx_initial_refinement_model.id               1 
_pdbx_initial_refinement_model.entity_id_list   ? 
_pdbx_initial_refinement_model.type             'experimental model' 
_pdbx_initial_refinement_model.source_name      PDB 
_pdbx_initial_refinement_model.accession_code   4Q97 
_pdbx_initial_refinement_model.details          'PDB ENTRY 4Q97' 
# 
_atom_sites.entry_id                    4Q9C 
_atom_sites.fract_transf_matrix[1][1]   0.00344971 
_atom_sites.fract_transf_matrix[1][2]   0.00537137 
_atom_sites.fract_transf_matrix[1][3]   0.00974077 
_atom_sites.fract_transf_matrix[2][1]   0.01133391 
_atom_sites.fract_transf_matrix[2][2]   0.00062275 
_atom_sites.fract_transf_matrix[2][3]   0.00260462 
_atom_sites.fract_transf_matrix[3][1]   0.00129036 
_atom_sites.fract_transf_matrix[3][2]   0.01651418 
_atom_sites.fract_transf_matrix[3][3]   -0.00956342 
_atom_sites.fract_transf_vector[1]      0.372286 
_atom_sites.fract_transf_vector[2]      -0.068125 
_atom_sites.fract_transf_vector[3]      -0.237871 
# 
loop_
_atom_type.symbol 
C  
CL 
N  
NA 
O  
S  
# 
loop_
_atom_site.group_PDB 
_atom_site.id 
_atom_site.type_symbol 
_atom_site.label_atom_id 
_atom_site.label_alt_id 
_atom_site.label_comp_id 
_atom_site.label_asym_id 
_atom_site.label_entity_id 
_atom_site.label_seq_id 
_atom_site.pdbx_PDB_ins_code 
_atom_site.Cartn_x 
_atom_site.Cartn_y 
_atom_site.Cartn_z 
_atom_site.occupancy 
_atom_site.B_iso_or_equiv 
_atom_site.pdbx_formal_charge 
_atom_site.auth_seq_id 
_atom_site.auth_comp_id 
_atom_site.auth_asym_id 
_atom_site.auth_atom_id 
_atom_site.pdbx_PDB_model_num 
ATOM   1   N  N   . VAL A 1 4   ? -21.572 11.710  -12.401 1.00 80.02 ? 345  VAL A N   1 
ATOM   2   C  CA  . VAL A 1 4   ? -20.335 10.909  -12.169 1.00 79.44 ? 345  VAL A CA  1 
ATOM   3   C  C   . VAL A 1 4   ? -19.120 11.604  -12.781 1.00 73.23 ? 345  VAL A C   1 
ATOM   4   O  O   . VAL A 1 4   ? -19.097 11.898  -13.979 1.00 74.17 ? 345  VAL A O   1 
ATOM   5   C  CB  . VAL A 1 4   ? -20.462 9.475   -12.742 1.00 84.12 ? 345  VAL A CB  1 
ATOM   6   C  CG1 . VAL A 1 4   ? -19.160 8.700   -12.580 1.00 83.98 ? 345  VAL A CG1 1 
ATOM   7   C  CG2 . VAL A 1 4   ? -21.604 8.727   -12.073 1.00 85.05 ? 345  VAL A CG2 1 
ATOM   8   N  N   . GLU A 1 5   ? -18.124 11.873  -11.943 1.00 64.82 ? 346  GLU A N   1 
ATOM   9   C  CA  . GLU A 1 5   ? -16.838 12.383  -12.398 1.00 58.36 ? 346  GLU A CA  1 
ATOM   10  C  C   . GLU A 1 5   ? -15.742 11.697  -11.580 1.00 46.59 ? 346  GLU A C   1 
ATOM   11  O  O   . GLU A 1 5   ? -15.500 12.074  -10.430 1.00 47.23 ? 346  GLU A O   1 
ATOM   12  C  CB  . GLU A 1 5   ? -16.771 13.907  -12.250 1.00 65.69 ? 346  GLU A CB  1 
ATOM   13  C  CG  . GLU A 1 5   ? -16.212 14.642  -13.465 1.00 75.20 ? 346  GLU A CG  1 
ATOM   14  C  CD  . GLU A 1 5   ? -14.701 14.553  -13.588 1.00 79.30 ? 346  GLU A CD  1 
ATOM   15  O  OE1 . GLU A 1 5   ? -14.182 13.464  -13.915 1.00 78.50 ? 346  GLU A OE1 1 
ATOM   16  O  OE2 . GLU A 1 5   ? -14.029 15.585  -13.376 1.00 79.94 ? 346  GLU A OE2 1 
ATOM   17  N  N   . PRO A 1 6   ? -15.089 10.674  -12.168 1.00 39.38 ? 347  PRO A N   1 
ATOM   18  C  CA  . PRO A 1 6   ? -14.126 9.830   -11.453 1.00 36.12 ? 347  PRO A CA  1 
ATOM   19  C  C   . PRO A 1 6   ? -12.931 10.596  -10.891 1.00 34.57 ? 347  PRO A C   1 
ATOM   20  O  O   . PRO A 1 6   ? -12.390 11.484  -11.554 1.00 34.38 ? 347  PRO A O   1 
ATOM   21  C  CB  . PRO A 1 6   ? -13.666 8.828   -12.522 1.00 36.14 ? 347  PRO A CB  1 
ATOM   22  C  CG  . PRO A 1 6   ? -13.977 9.480   -13.825 1.00 37.27 ? 347  PRO A CG  1 
ATOM   23  C  CD  . PRO A 1 6   ? -15.231 10.262  -13.577 1.00 38.85 ? 347  PRO A CD  1 
ATOM   24  N  N   . THR A 1 7   ? -12.538 10.244  -9.668  1.00 32.50 ? 348  THR A N   1 
ATOM   25  C  CA  . THR A 1 7   ? -11.388 10.854  -9.004  1.00 31.12 ? 348  THR A CA  1 
ATOM   26  C  C   . THR A 1 7   ? -10.271 9.833   -8.809  1.00 30.84 ? 348  THR A C   1 
ATOM   27  O  O   . THR A 1 7   ? -10.528 8.680   -8.453  1.00 30.18 ? 348  THR A O   1 
ATOM   28  C  CB  . THR A 1 7   ? -11.770 11.462  -7.637  1.00 30.24 ? 348  THR A CB  1 
ATOM   29  O  OG1 . THR A 1 7   ? -12.428 10.473  -6.835  1.00 30.22 ? 348  THR A OG1 1 
ATOM   30  C  CG2 . THR A 1 7   ? -12.691 12.663  -7.815  1.00 30.16 ? 348  THR A CG2 1 
ATOM   31  N  N   . LYS A 1 8   ? -9.034  10.263  -9.050  1.00 32.20 ? 349  LYS A N   1 
ATOM   32  C  CA  . LYS A 1 8   ? -7.865  9.397   -8.896  1.00 33.33 ? 349  LYS A CA  1 
ATOM   33  C  C   . LYS A 1 8   ? -7.456  9.236   -7.427  1.00 31.47 ? 349  LYS A C   1 
ATOM   34  O  O   . LYS A 1 8   ? -7.629  10.162  -6.631  1.00 31.23 ? 349  LYS A O   1 
ATOM   35  C  CB  . LYS A 1 8   ? -6.685  9.897   -9.743  1.00 37.44 ? 349  LYS A CB  1 
ATOM   36  C  CG  . LYS A 1 8   ? -6.213  11.315  -9.443  1.00 42.34 ? 349  LYS A CG  1 
ATOM   37  C  CD  . LYS A 1 8   ? -4.771  11.540  -9.888  1.00 48.49 ? 349  LYS A CD  1 
ATOM   38  C  CE  . LYS A 1 8   ? -4.608  11.503  -11.403 1.00 51.75 ? 349  LYS A CE  1 
ATOM   39  N  NZ  . LYS A 1 8   ? -5.262  12.657  -12.081 1.00 52.83 ? 349  LYS A NZ  1 
ATOM   40  N  N   . PRO A 1 9   ? -6.916  8.054   -7.064  1.00 30.12 ? 350  PRO A N   1 
ATOM   41  C  CA  . PRO A 1 9   ? -6.486  7.796   -5.688  1.00 29.51 ? 350  PRO A CA  1 
ATOM   42  C  C   . PRO A 1 9   ? -5.181  8.495   -5.311  1.00 30.09 ? 350  PRO A C   1 
ATOM   43  O  O   . PRO A 1 9   ? -4.384  8.848   -6.183  1.00 29.85 ? 350  PRO A O   1 
ATOM   44  C  CB  . PRO A 1 9   ? -6.293  6.277   -5.659  1.00 28.59 ? 350  PRO A CB  1 
ATOM   45  C  CG  . PRO A 1 9   ? -6.006  5.900   -7.068  1.00 28.52 ? 350  PRO A CG  1 
ATOM   46  C  CD  . PRO A 1 9   ? -6.784  6.858   -7.919  1.00 29.54 ? 350  PRO A CD  1 
ATOM   47  N  N   . HIS A 1 10  ? -4.984  8.689   -4.009  1.00 31.10 ? 351  HIS A N   1 
ATOM   48  C  CA  . HIS A 1 10  ? -3.746  9.240   -3.467  1.00 32.85 ? 351  HIS A CA  1 
ATOM   49  C  C   . HIS A 1 10  ? -3.180  8.277   -2.429  1.00 30.50 ? 351  HIS A C   1 
ATOM   50  O  O   . HIS A 1 10  ? -3.922  7.736   -1.605  1.00 30.31 ? 351  HIS A O   1 
ATOM   51  C  CB  . HIS A 1 10  ? -3.990  10.617  -2.848  1.00 38.32 ? 351  HIS A CB  1 
ATOM   52  C  CG  . HIS A 1 10  ? -4.537  11.623  -3.813  1.00 43.66 ? 351  HIS A CG  1 
ATOM   53  N  ND1 . HIS A 1 10  ? -3.734  12.347  -4.667  1.00 46.50 ? 351  HIS A ND1 1 
ATOM   54  C  CD2 . HIS A 1 10  ? -5.806  12.022  -4.061  1.00 45.92 ? 351  HIS A CD2 1 
ATOM   55  C  CE1 . HIS A 1 10  ? -4.485  13.150  -5.399  1.00 48.86 ? 351  HIS A CE1 1 
ATOM   56  N  NE2 . HIS A 1 10  ? -5.746  12.973  -5.051  1.00 48.84 ? 351  HIS A NE2 1 
ATOM   57  N  N   . LEU A 1 11  ? -1.867  8.070   -2.471  1.00 28.87 ? 352  LEU A N   1 
ATOM   58  C  CA  . LEU A 1 11  ? -1.226  7.046   -1.647  1.00 27.47 ? 352  LEU A CA  1 
ATOM   59  C  C   . LEU A 1 11  ? -0.424  7.601   -0.478  1.00 26.17 ? 352  LEU A C   1 
ATOM   60  O  O   . LEU A 1 11  ? 0.019   8.750   -0.497  1.00 26.84 ? 352  LEU A O   1 
ATOM   61  C  CB  . LEU A 1 11  ? -0.313  6.153   -2.498  1.00 28.27 ? 352  LEU A CB  1 
ATOM   62  C  CG  . LEU A 1 11  ? -0.822  5.506   -3.788  1.00 28.91 ? 352  LEU A CG  1 
ATOM   63  C  CD1 . LEU A 1 11  ? 0.236   4.560   -4.331  1.00 29.61 ? 352  LEU A CD1 1 
ATOM   64  C  CD2 . LEU A 1 11  ? -2.134  4.768   -3.581  1.00 28.80 ? 352  LEU A CD2 1 
ATOM   65  N  N   . ARG A 1 12  ? -0.256  6.759   0.537   1.00 24.44 ? 353  ARG A N   1 
ATOM   66  C  CA  . ARG A 1 12  ? 0.676   6.996   1.632   1.00 23.37 ? 353  ARG A CA  1 
ATOM   67  C  C   . ARG A 1 12  ? 1.331   5.675   2.002   1.00 22.86 ? 353  ARG A C   1 
ATOM   68  O  O   . ARG A 1 12  ? 0.662   4.755   2.481   1.00 22.96 ? 353  ARG A O   1 
ATOM   69  C  CB  . ARG A 1 12  ? -0.037  7.580   2.851   1.00 22.75 ? 353  ARG A CB  1 
ATOM   70  C  CG  . ARG A 1 12  ? -0.280  9.077   2.794   1.00 22.76 ? 353  ARG A CG  1 
ATOM   71  C  CD  . ARG A 1 12  ? -0.661  9.597   4.167   1.00 22.70 ? 353  ARG A CD  1 
ATOM   72  N  NE  . ARG A 1 12  ? 0.504   9.774   5.033   1.00 22.92 ? 353  ARG A NE  1 
ATOM   73  C  CZ  . ARG A 1 12  ? 0.459   9.811   6.362   1.00 22.91 ? 353  ARG A CZ  1 
ATOM   74  N  NH1 . ARG A 1 12  ? -0.693  9.670   7.005   1.00 22.57 ? 353  ARG A NH1 1 
ATOM   75  N  NH2 . ARG A 1 12  ? 1.577   9.981   7.055   1.00 23.32 ? 353  ARG A NH2 1 
ATOM   76  N  N   . LEU A 1 13  ? 2.635   5.577   1.764   1.00 22.71 ? 354  LEU A N   1 
ATOM   77  C  CA  . LEU A 1 13  ? 3.390   4.383   2.130   1.00 22.60 ? 354  LEU A CA  1 
ATOM   78  C  C   . LEU A 1 13  ? 4.138   4.624   3.437   1.00 23.93 ? 354  LEU A C   1 
ATOM   79  O  O   . LEU A 1 13  ? 5.066   5.435   3.497   1.00 24.76 ? 354  LEU A O   1 
ATOM   80  C  CB  . LEU A 1 13  ? 4.339   3.969   1.000   1.00 22.15 ? 354  LEU A CB  1 
ATOM   81  C  CG  . LEU A 1 13  ? 5.019   2.596   1.075   1.00 21.40 ? 354  LEU A CG  1 
ATOM   82  C  CD1 . LEU A 1 13  ? 4.059   1.497   1.507   1.00 21.47 ? 354  LEU A CD1 1 
ATOM   83  C  CD2 . LEU A 1 13  ? 5.655   2.250   -0.262  1.00 21.68 ? 354  LEU A CD2 1 
ATOM   84  N  N   . LEU A 1 14  ? 3.717   3.915   4.481   1.00 24.44 ? 355  LEU A N   1 
ATOM   85  C  CA  . LEU A 1 14  ? 4.208   4.159   5.834   1.00 25.14 ? 355  LEU A CA  1 
ATOM   86  C  C   . LEU A 1 14  ? 5.059   3.008   6.375   1.00 26.00 ? 355  LEU A C   1 
ATOM   87  O  O   . LEU A 1 14  ? 4.767   1.841   6.102   1.00 26.07 ? 355  LEU A O   1 
ATOM   88  C  CB  . LEU A 1 14  ? 3.039   4.443   6.787   1.00 24.28 ? 355  LEU A CB  1 
ATOM   89  C  CG  . LEU A 1 14  ? 1.991   5.491   6.393   1.00 23.45 ? 355  LEU A CG  1 
ATOM   90  C  CD1 . LEU A 1 14  ? 0.967   5.650   7.507   1.00 23.18 ? 355  LEU A CD1 1 
ATOM   91  C  CD2 . LEU A 1 14  ? 2.616   6.833   6.038   1.00 23.52 ? 355  LEU A CD2 1 
ATOM   92  N  N   . PRO A 1 15  ? 6.112   3.340   7.149   1.00 26.78 ? 356  PRO A N   1 
ATOM   93  C  CA  . PRO A 1 15  ? 6.979   2.334   7.759   1.00 26.62 ? 356  PRO A CA  1 
ATOM   94  C  C   . PRO A 1 15  ? 6.312   1.673   8.969   1.00 26.55 ? 356  PRO A C   1 
ATOM   95  O  O   . PRO A 1 15  ? 5.292   2.176   9.451   1.00 26.55 ? 356  PRO A O   1 
ATOM   96  C  CB  . PRO A 1 15  ? 8.198   3.152   8.196   1.00 26.99 ? 356  PRO A CB  1 
ATOM   97  C  CG  . PRO A 1 15  ? 7.649   4.505   8.482   1.00 27.37 ? 356  PRO A CG  1 
ATOM   98  C  CD  . PRO A 1 15  ? 6.537   4.712   7.494   1.00 27.20 ? 356  PRO A CD  1 
ATOM   99  N  N   . PRO A 1 16  ? 6.874   0.548   9.457   1.00 26.50 ? 357  PRO A N   1 
ATOM   100 C  CA  . PRO A 1 16  ? 6.294   -0.136  10.613  1.00 26.36 ? 357  PRO A CA  1 
ATOM   101 C  C   . PRO A 1 16  ? 6.514   0.635   11.906  1.00 26.86 ? 357  PRO A C   1 
ATOM   102 O  O   . PRO A 1 16  ? 7.472   1.406   12.011  1.00 27.31 ? 357  PRO A O   1 
ATOM   103 C  CB  . PRO A 1 16  ? 7.059   -1.468  10.663  1.00 26.46 ? 357  PRO A CB  1 
ATOM   104 C  CG  . PRO A 1 16  ? 7.777   -1.573  9.359   1.00 26.34 ? 357  PRO A CG  1 
ATOM   105 C  CD  . PRO A 1 16  ? 8.054   -0.167  8.945   1.00 26.31 ? 357  PRO A CD  1 
ATOM   106 N  N   . SER A 1 17  ? 5.623   0.431   12.873  1.00 26.66 ? 358  SER A N   1 
ATOM   107 C  CA  . SER A 1 17  ? 5.800   0.976   14.214  1.00 27.37 ? 358  SER A CA  1 
ATOM   108 C  C   . SER A 1 17  ? 7.027   0.326   14.852  1.00 28.28 ? 358  SER A C   1 
ATOM   109 O  O   . SER A 1 17  ? 7.189   -0.894  14.767  1.00 28.36 ? 358  SER A O   1 
ATOM   110 C  CB  . SER A 1 17  ? 4.556   0.728   15.068  1.00 27.87 ? 358  SER A CB  1 
ATOM   111 O  OG  . SER A 1 17  ? 4.281   -0.657  15.186  1.00 28.29 ? 358  SER A OG  1 
ATOM   112 N  N   . PRO A 1 18  ? 7.901   1.139   15.480  1.00 29.35 ? 359  PRO A N   1 
ATOM   113 C  CA  . PRO A 1 18  ? 9.144   0.645   16.086  1.00 30.57 ? 359  PRO A CA  1 
ATOM   114 C  C   . PRO A 1 18  ? 8.939   -0.511  17.067  1.00 32.72 ? 359  PRO A C   1 
ATOM   115 O  O   . PRO A 1 18  ? 9.820   -1.363  17.199  1.00 33.61 ? 359  PRO A O   1 
ATOM   116 C  CB  . PRO A 1 18  ? 9.703   1.876   16.818  1.00 30.39 ? 359  PRO A CB  1 
ATOM   117 C  CG  . PRO A 1 18  ? 8.585   2.865   16.862  1.00 30.04 ? 359  PRO A CG  1 
ATOM   118 C  CD  . PRO A 1 18  ? 7.770   2.597   15.637  1.00 29.40 ? 359  PRO A CD  1 
ATOM   119 N  N   . GLU A 1 19  ? 7.788   -0.539  17.737  1.00 35.24 ? 360  GLU A N   1 
ATOM   120 C  CA  . GLU A 1 19  ? 7.468   -1.603  18.692  1.00 38.75 ? 360  GLU A CA  1 
ATOM   121 C  C   . GLU A 1 19  ? 7.224   -2.958  18.030  1.00 36.13 ? 360  GLU A C   1 
ATOM   122 O  O   . GLU A 1 19  ? 7.514   -3.996  18.622  1.00 36.33 ? 360  GLU A O   1 
ATOM   123 C  CB  . GLU A 1 19  ? 6.282   -1.211  19.579  1.00 44.22 ? 360  GLU A CB  1 
ATOM   124 C  CG  . GLU A 1 19  ? 6.632   -0.238  20.699  1.00 52.33 ? 360  GLU A CG  1 
ATOM   125 C  CD  . GLU A 1 19  ? 7.618   -0.808  21.710  1.00 58.29 ? 360  GLU A CD  1 
ATOM   126 O  OE1 . GLU A 1 19  ? 8.520   -0.061  22.142  1.00 62.18 ? 360  GLU A OE1 1 
ATOM   127 O  OE2 . GLU A 1 19  ? 7.494   -1.998  22.074  1.00 59.37 ? 360  GLU A OE2 1 
ATOM   128 N  N   . GLU A 1 20  ? 6.690   -2.944  16.809  1.00 34.00 ? 361  GLU A N   1 
ATOM   129 C  CA  . GLU A 1 20  ? 6.463   -4.174  16.046  1.00 32.93 ? 361  GLU A CA  1 
ATOM   130 C  C   . GLU A 1 20  ? 7.787   -4.801  15.609  1.00 32.65 ? 361  GLU A C   1 
ATOM   131 O  O   . GLU A 1 20  ? 7.933   -6.025  15.615  1.00 32.98 ? 361  GLU A O   1 
ATOM   132 C  CB  . GLU A 1 20  ? 5.577   -3.907  14.825  1.00 32.22 ? 361  GLU A CB  1 
ATOM   133 C  CG  . GLU A 1 20  ? 4.996   -5.169  14.198  1.00 32.59 ? 361  GLU A CG  1 
ATOM   134 C  CD  . GLU A 1 20  ? 4.608   -4.996  12.740  1.00 32.77 ? 361  GLU A CD  1 
ATOM   135 O  OE1 . GLU A 1 20  ? 4.479   -3.842  12.273  1.00 33.10 ? 361  GLU A OE1 1 
ATOM   136 O  OE2 . GLU A 1 20  ? 4.428   -6.025  12.056  1.00 32.89 ? 361  GLU A OE2 1 
ATOM   137 N  N   . ILE A 1 21  ? 8.741   -3.953  15.233  1.00 32.81 ? 362  ILE A N   1 
ATOM   138 C  CA  . ILE A 1 21  ? 10.072  -4.401  14.822  1.00 33.24 ? 362  ILE A CA  1 
ATOM   139 C  C   . ILE A 1 21  ? 10.874  -4.899  16.028  1.00 34.71 ? 362  ILE A C   1 
ATOM   140 O  O   . ILE A 1 21  ? 11.578  -5.907  15.939  1.00 34.57 ? 362  ILE A O   1 
ATOM   141 C  CB  . ILE A 1 21  ? 10.850  -3.285  14.081  1.00 32.62 ? 362  ILE A CB  1 
ATOM   142 C  CG1 . ILE A 1 21  ? 10.011  -2.711  12.932  1.00 31.80 ? 362  ILE A CG1 1 
ATOM   143 C  CG2 . ILE A 1 21  ? 12.182  -3.810  13.553  1.00 32.47 ? 362  ILE A CG2 1 
ATOM   144 C  CD1 . ILE A 1 21  ? 10.472  -1.357  12.433  1.00 31.49 ? 362  ILE A CD1 1 
ATOM   145 N  N   . GLN A 1 22  ? 10.746  -4.200  17.155  1.00 37.49 ? 363  GLN A N   1 
ATOM   146 C  CA  . GLN A 1 22  ? 11.543  -4.493  18.350  1.00 41.25 ? 363  GLN A CA  1 
ATOM   147 C  C   . GLN A 1 22  ? 10.958  -5.571  19.269  1.00 40.90 ? 363  GLN A C   1 
ATOM   148 O  O   . GLN A 1 22  ? 11.665  -6.097  20.130  1.00 41.70 ? 363  GLN A O   1 
ATOM   149 C  CB  . GLN A 1 22  ? 11.824  -3.212  19.146  1.00 46.22 ? 363  GLN A CB  1 
ATOM   150 C  CG  . GLN A 1 22  ? 12.798  -2.259  18.468  1.00 51.43 ? 363  GLN A CG  1 
ATOM   151 C  CD  . GLN A 1 22  ? 13.293  -1.164  19.393  1.00 59.88 ? 363  GLN A CD  1 
ATOM   152 O  OE1 . GLN A 1 22  ? 13.861  -1.437  20.452  1.00 61.31 ? 363  GLN A OE1 1 
ATOM   153 N  NE2 . GLN A 1 22  ? 13.092  0.085   18.991  1.00 60.56 ? 363  GLN A NE2 1 
ATOM   154 N  N   . SER A 1 23  ? 9.678   -5.894  19.091  1.00 39.50 ? 364  SER A N   1 
ATOM   155 C  CA  . SER A 1 23  ? 9.026   -6.919  19.913  1.00 38.88 ? 364  SER A CA  1 
ATOM   156 C  C   . SER A 1 23  ? 8.644   -8.167  19.118  1.00 37.16 ? 364  SER A C   1 
ATOM   157 O  O   . SER A 1 23  ? 8.945   -9.286  19.532  1.00 37.08 ? 364  SER A O   1 
ATOM   158 C  CB  . SER A 1 23  ? 7.800   -6.351  20.635  1.00 39.43 ? 364  SER A CB  1 
ATOM   159 O  OG  . SER A 1 23  ? 8.166   -5.299  21.511  1.00 40.16 ? 364  SER A OG  1 
ATOM   160 N  N   . THR A 1 24  ? 7.985   -7.965  17.979  1.00 35.03 ? 365  THR A N   1 
ATOM   161 C  CA  . THR A 1 24  ? 7.460   -9.069  17.172  1.00 33.68 ? 365  THR A CA  1 
ATOM   162 C  C   . THR A 1 24  ? 8.453   -9.530  16.099  1.00 32.26 ? 365  THR A C   1 
ATOM   163 O  O   . THR A 1 24  ? 8.256   -10.576 15.471  1.00 32.20 ? 365  THR A O   1 
ATOM   164 C  CB  . THR A 1 24  ? 6.109   -8.694  16.519  1.00 33.97 ? 365  THR A CB  1 
ATOM   165 O  OG1 . THR A 1 24  ? 5.373   -7.826  17.391  1.00 34.61 ? 365  THR A OG1 1 
ATOM   166 C  CG2 . THR A 1 24  ? 5.273   -9.939  16.232  1.00 33.75 ? 365  THR A CG2 1 
ATOM   167 N  N   . SER A 1 25  ? 9.520   -8.752  15.905  1.00 31.18 ? 366  SER A N   1 
ATOM   168 C  CA  . SER A 1 25  ? 10.528  -9.000  14.863  1.00 30.89 ? 366  SER A CA  1 
ATOM   169 C  C   . SER A 1 25  ? 9.915   -9.076  13.458  1.00 31.51 ? 366  SER A C   1 
ATOM   170 O  O   . SER A 1 25  ? 10.458  -9.722  12.557  1.00 31.88 ? 366  SER A O   1 
ATOM   171 C  CB  . SER A 1 25  ? 11.360  -10.252 15.180  1.00 30.78 ? 366  SER A CB  1 
ATOM   172 O  OG  . SER A 1 25  ? 12.444  -10.388 14.276  1.00 30.84 ? 366  SER A OG  1 
ATOM   173 N  N   . SER A 1 26  ? 8.775   -8.410  13.291  1.00 33.39 ? 367  SER A N   1 
ATOM   174 C  CA  . SER A 1 26  ? 8.095   -8.314  12.007  1.00 35.46 ? 367  SER A CA  1 
ATOM   175 C  C   . SER A 1 26  ? 7.958   -6.850  11.613  1.00 35.56 ? 367  SER A C   1 
ATOM   176 O  O   . SER A 1 26  ? 7.823   -5.976  12.474  1.00 36.18 ? 367  SER A O   1 
ATOM   177 C  CB  . SER A 1 26  ? 6.718   -8.980  12.069  1.00 37.14 ? 367  SER A CB  1 
ATOM   178 O  OG  . SER A 1 26  ? 5.878   -8.341  13.017  1.00 37.75 ? 367  SER A OG  1 
ATOM   179 N  N   . ALA A 1 27  ? 7.993   -6.590  10.311  1.00 33.48 ? 368  ALA A N   1 
ATOM   180 C  CA  . ALA A 1 27  ? 7.922   -5.232  9.798   1.00 31.27 ? 368  ALA A CA  1 
ATOM   181 C  C   . ALA A 1 27  ? 6.848   -5.099  8.723   1.00 29.26 ? 368  ALA A C   1 
ATOM   182 O  O   . ALA A 1 27  ? 7.086   -5.386  7.547   1.00 28.98 ? 368  ALA A O   1 
ATOM   183 C  CB  . ALA A 1 27  ? 9.281   -4.800  9.270   1.00 31.03 ? 368  ALA A CB  1 
ATOM   184 N  N   . THR A 1 28  ? 5.663   -4.666  9.142   1.00 27.42 ? 369  THR A N   1 
ATOM   185 C  CA  . THR A 1 28  ? 4.530   -4.506  8.237   1.00 25.93 ? 369  THR A CA  1 
ATOM   186 C  C   . THR A 1 28  ? 4.552   -3.125  7.589   1.00 24.67 ? 369  THR A C   1 
ATOM   187 O  O   . THR A 1 28  ? 4.582   -2.105  8.284   1.00 25.23 ? 369  THR A O   1 
ATOM   188 C  CB  . THR A 1 28  ? 3.187   -4.725  8.968   1.00 25.60 ? 369  THR A CB  1 
ATOM   189 O  OG1 . THR A 1 28  ? 3.227   -5.961  9.692   1.00 25.57 ? 369  THR A OG1 1 
ATOM   190 C  CG2 . THR A 1 28  ? 2.030   -4.769  7.978   1.00 25.66 ? 369  THR A CG2 1 
ATOM   191 N  N   . LEU A 1 29  ? 4.541   -3.099  6.258   1.00 22.53 ? 370  LEU A N   1 
ATOM   192 C  CA  . LEU A 1 29  ? 4.443   -1.849  5.510   1.00 20.84 ? 370  LEU A CA  1 
ATOM   193 C  C   . LEU A 1 29  ? 2.992   -1.584  5.126   1.00 21.13 ? 370  LEU A C   1 
ATOM   194 O  O   . LEU A 1 29  ? 2.358   -2.411  4.467   1.00 21.14 ? 370  LEU A O   1 
ATOM   195 C  CB  . LEU A 1 29  ? 5.329   -1.882  4.260   1.00 19.95 ? 370  LEU A CB  1 
ATOM   196 C  CG  . LEU A 1 29  ? 6.852   -1.927  4.428   1.00 19.42 ? 370  LEU A CG  1 
ATOM   197 C  CD1 . LEU A 1 29  ? 7.523   -1.928  3.063   1.00 19.47 ? 370  LEU A CD1 1 
ATOM   198 C  CD2 . LEU A 1 29  ? 7.357   -0.763  5.268   1.00 19.52 ? 370  LEU A CD2 1 
ATOM   199 N  N   . THR A 1 30  ? 2.473   -0.433  5.547   1.00 21.89 ? 371  THR A N   1 
ATOM   200 C  CA  . THR A 1 30  ? 1.080   -0.079  5.280   1.00 22.63 ? 371  THR A CA  1 
ATOM   201 C  C   . THR A 1 30  ? 0.973   0.922   4.136   1.00 22.68 ? 371  THR A C   1 
ATOM   202 O  O   . THR A 1 30  ? 1.602   1.982   4.159   1.00 22.96 ? 371  THR A O   1 
ATOM   203 C  CB  . THR A 1 30  ? 0.374   0.494   6.529   1.00 23.34 ? 371  THR A CB  1 
ATOM   204 O  OG1 . THR A 1 30  ? 0.861   -0.164  7.706   1.00 23.35 ? 371  THR A OG1 1 
ATOM   205 C  CG2 . THR A 1 30  ? -1.130  0.295   6.434   1.00 23.33 ? 371  THR A CG2 1 
ATOM   206 N  N   . CYS A 1 31  ? 0.175   0.563   3.136   1.00 22.41 ? 372  CYS A N   1 
ATOM   207 C  CA  . CYS A 1 31  ? -0.111  1.441   2.012   1.00 22.51 ? 372  CYS A CA  1 
ATOM   208 C  C   . CYS A 1 31  ? -1.542  1.956   2.136   1.00 20.90 ? 372  CYS A C   1 
ATOM   209 O  O   . CYS A 1 31  ? -2.496  1.179   2.073   1.00 20.69 ? 372  CYS A O   1 
ATOM   210 C  CB  . CYS A 1 31  ? 0.080   0.696   0.691   1.00 24.54 ? 372  CYS A CB  1 
ATOM   211 S  SG  . CYS A 1 31  ? 0.029   1.743   -0.780  1.00 27.95 ? 372  CYS A SG  1 
ATOM   212 N  N   . LEU A 1 32  ? -1.677  3.265   2.329   1.00 19.78 ? 373  LEU A N   1 
ATOM   213 C  CA  . LEU A 1 32  ? -2.982  3.893   2.523   1.00 18.86 ? 373  LEU A CA  1 
ATOM   214 C  C   . LEU A 1 32  ? -3.484  4.577   1.253   1.00 18.87 ? 373  LEU A C   1 
ATOM   215 O  O   . LEU A 1 32  ? -2.995  5.642   0.869   1.00 19.11 ? 373  LEU A O   1 
ATOM   216 C  CB  . LEU A 1 32  ? -2.934  4.873   3.704   1.00 18.65 ? 373  LEU A CB  1 
ATOM   217 C  CG  . LEU A 1 32  ? -3.368  4.409   5.104   1.00 18.33 ? 373  LEU A CG  1 
ATOM   218 C  CD1 . LEU A 1 32  ? -3.425  2.895   5.269   1.00 18.29 ? 373  LEU A CD1 1 
ATOM   219 C  CD2 . LEU A 1 32  ? -2.482  5.033   6.172   1.00 18.53 ? 373  LEU A CD2 1 
ATOM   220 N  N   . ILE A 1 33  ? -4.464  3.943   0.612   1.00 18.80 ? 374  ILE A N   1 
ATOM   221 C  CA  . ILE A 1 33  ? -5.037  4.421   -0.646  1.00 18.80 ? 374  ILE A CA  1 
ATOM   222 C  C   . ILE A 1 33  ? -6.357  5.135   -0.361  1.00 18.67 ? 374  ILE A C   1 
ATOM   223 O  O   . ILE A 1 33  ? -7.300  4.521   0.141   1.00 18.55 ? 374  ILE A O   1 
ATOM   224 C  CB  . ILE A 1 33  ? -5.285  3.260   -1.642  1.00 19.03 ? 374  ILE A CB  1 
ATOM   225 C  CG1 . ILE A 1 33  ? -4.052  2.358   -1.777  1.00 19.57 ? 374  ILE A CG1 1 
ATOM   226 C  CG2 . ILE A 1 33  ? -5.701  3.790   -3.006  1.00 19.09 ? 374  ILE A CG2 1 
ATOM   227 C  CD1 . ILE A 1 33  ? -4.078  1.125   -0.899  1.00 19.78 ? 374  ILE A CD1 1 
ATOM   228 N  N   . ARG A 1 34  ? -6.418  6.428   -0.679  1.00 19.27 ? 375  ARG A N   1 
ATOM   229 C  CA  . ARG A 1 34  ? -7.590  7.251   -0.354  1.00 20.08 ? 375  ARG A CA  1 
ATOM   230 C  C   . ARG A 1 34  ? -8.016  8.188   -1.486  1.00 20.00 ? 375  ARG A C   1 
ATOM   231 O  O   . ARG A 1 34  ? -7.210  8.544   -2.348  1.00 20.45 ? 375  ARG A O   1 
ATOM   232 C  CB  . ARG A 1 34  ? -7.340  8.066   0.922   1.00 21.61 ? 375  ARG A CB  1 
ATOM   233 C  CG  . ARG A 1 34  ? -7.034  7.224   2.150   1.00 23.84 ? 375  ARG A CG  1 
ATOM   234 C  CD  . ARG A 1 34  ? -6.918  8.057   3.415   1.00 27.42 ? 375  ARG A CD  1 
ATOM   235 N  NE  . ARG A 1 34  ? -6.326  7.281   4.505   1.00 29.79 ? 375  ARG A NE  1 
ATOM   236 C  CZ  . ARG A 1 34  ? -6.988  6.416   5.271   1.00 31.44 ? 375  ARG A CZ  1 
ATOM   237 N  NH1 . ARG A 1 34  ? -8.286  6.205   5.089   1.00 31.81 ? 375  ARG A NH1 1 
ATOM   238 N  NH2 . ARG A 1 34  ? -6.349  5.762   6.231   1.00 31.27 ? 375  ARG A NH2 1 
ATOM   239 N  N   . GLY A 1 35  ? -9.291  8.571   -1.470  1.00 19.71 ? 376  GLY A N   1 
ATOM   240 C  CA  . GLY A 1 35  ? -9.814  9.614   -2.354  1.00 19.35 ? 376  GLY A CA  1 
ATOM   241 C  C   . GLY A 1 35  ? -10.307 9.180   -3.724  1.00 18.92 ? 376  GLY A C   1 
ATOM   242 O  O   . GLY A 1 35  ? -10.657 10.025  -4.549  1.00 18.95 ? 376  GLY A O   1 
ATOM   243 N  N   . PHE A 1 36  ? -10.344 7.872   -3.969  1.00 18.55 ? 377  PHE A N   1 
ATOM   244 C  CA  . PHE A 1 36  ? -10.756 7.350   -5.276  1.00 18.77 ? 377  PHE A CA  1 
ATOM   245 C  C   . PHE A 1 36  ? -12.253 7.061   -5.373  1.00 19.48 ? 377  PHE A C   1 
ATOM   246 O  O   . PHE A 1 36  ? -12.888 6.659   -4.394  1.00 19.48 ? 377  PHE A O   1 
ATOM   247 C  CB  . PHE A 1 36  ? -9.930  6.116   -5.675  1.00 17.94 ? 377  PHE A CB  1 
ATOM   248 C  CG  . PHE A 1 36  ? -10.072 4.947   -4.737  1.00 17.24 ? 377  PHE A CG  1 
ATOM   249 C  CD1 . PHE A 1 36  ? -11.015 3.952   -4.982  1.00 17.02 ? 377  PHE A CD1 1 
ATOM   250 C  CD2 . PHE A 1 36  ? -9.249  4.826   -3.621  1.00 16.85 ? 377  PHE A CD2 1 
ATOM   251 C  CE1 . PHE A 1 36  ? -11.143 2.871   -4.125  1.00 16.61 ? 377  PHE A CE1 1 
ATOM   252 C  CE2 . PHE A 1 36  ? -9.376  3.747   -2.760  1.00 16.44 ? 377  PHE A CE2 1 
ATOM   253 C  CZ  . PHE A 1 36  ? -10.324 2.768   -3.012  1.00 16.39 ? 377  PHE A CZ  1 
ATOM   254 N  N   . TYR A 1 37  ? -12.798 7.271   -6.570  1.00 20.90 ? 378  TYR A N   1 
ATOM   255 C  CA  . TYR A 1 37  ? -14.215 7.059   -6.860  1.00 22.14 ? 378  TYR A CA  1 
ATOM   256 C  C   . TYR A 1 37  ? -14.409 6.801   -8.358  1.00 22.80 ? 378  TYR A C   1 
ATOM   257 O  O   . TYR A 1 37  ? -13.866 7.539   -9.181  1.00 22.98 ? 378  TYR A O   1 
ATOM   258 C  CB  . TYR A 1 37  ? -15.038 8.276   -6.415  1.00 22.83 ? 378  TYR A CB  1 
ATOM   259 C  CG  . TYR A 1 37  ? -16.455 8.304   -6.948  1.00 23.71 ? 378  TYR A CG  1 
ATOM   260 C  CD1 . TYR A 1 37  ? -17.472 7.591   -6.316  1.00 23.96 ? 378  TYR A CD1 1 
ATOM   261 C  CD2 . TYR A 1 37  ? -16.779 9.051   -8.082  1.00 24.18 ? 378  TYR A CD2 1 
ATOM   262 C  CE1 . TYR A 1 37  ? -18.769 7.614   -6.802  1.00 24.68 ? 378  TYR A CE1 1 
ATOM   263 C  CE2 . TYR A 1 37  ? -18.074 9.079   -8.575  1.00 24.90 ? 378  TYR A CE2 1 
ATOM   264 C  CZ  . TYR A 1 37  ? -19.064 8.360   -7.932  1.00 25.22 ? 378  TYR A CZ  1 
ATOM   265 O  OH  . TYR A 1 37  ? -20.352 8.386   -8.416  1.00 25.82 ? 378  TYR A OH  1 
ATOM   266 N  N   . PRO A 1 38  ? -15.167 5.744   -8.723  1.00 23.10 ? 379  PRO A N   1 
ATOM   267 C  CA  . PRO A 1 38  ? -15.735 4.671   -7.890  1.00 23.22 ? 379  PRO A CA  1 
ATOM   268 C  C   . PRO A 1 38  ? -14.685 3.726   -7.285  1.00 23.39 ? 379  PRO A C   1 
ATOM   269 O  O   . PRO A 1 38  ? -13.484 3.920   -7.485  1.00 23.64 ? 379  PRO A O   1 
ATOM   270 C  CB  . PRO A 1 38  ? -16.658 3.913   -8.860  1.00 23.53 ? 379  PRO A CB  1 
ATOM   271 C  CG  . PRO A 1 38  ? -16.243 4.332   -10.224 1.00 23.56 ? 379  PRO A CG  1 
ATOM   272 C  CD  . PRO A 1 38  ? -15.744 5.734   -10.080 1.00 23.40 ? 379  PRO A CD  1 
ATOM   273 N  N   . ASP A 1 39  ? -15.150 2.704   -6.567  1.00 23.50 ? 380  ASP A N   1 
ATOM   274 C  CA  . ASP A 1 39  ? -14.293 1.889   -5.700  1.00 23.52 ? 380  ASP A CA  1 
ATOM   275 C  C   . ASP A 1 39  ? -13.389 0.857   -6.393  1.00 24.27 ? 380  ASP A C   1 
ATOM   276 O  O   . ASP A 1 39  ? -12.546 0.239   -5.737  1.00 24.35 ? 380  ASP A O   1 
ATOM   277 C  CB  . ASP A 1 39  ? -15.141 1.191   -4.630  1.00 23.54 ? 380  ASP A CB  1 
ATOM   278 C  CG  . ASP A 1 39  ? -15.860 -0.036  -5.159  1.00 24.27 ? 380  ASP A CG  1 
ATOM   279 O  OD1 . ASP A 1 39  ? -15.720 -1.111  -4.542  1.00 23.82 ? 380  ASP A OD1 1 
ATOM   280 O  OD2 . ASP A 1 39  ? -16.548 0.064   -6.197  1.00 24.72 ? 380  ASP A OD2 1 
ATOM   281 N  N   . LYS A 1 40  ? -13.567 0.671   -7.701  1.00 25.73 ? 381  LYS A N   1 
ATOM   282 C  CA  . LYS A 1 40  ? -12.823 -0.347  -8.452  1.00 27.47 ? 381  LYS A CA  1 
ATOM   283 C  C   . LYS A 1 40  ? -11.323 -0.037  -8.478  1.00 26.68 ? 381  LYS A C   1 
ATOM   284 O  O   . LYS A 1 40  ? -10.872 0.839   -9.219  1.00 26.87 ? 381  LYS A O   1 
ATOM   285 C  CB  . LYS A 1 40  ? -13.385 -0.481  -9.875  1.00 30.25 ? 381  LYS A CB  1 
ATOM   286 C  CG  . LYS A 1 40  ? -13.318 -1.885  -10.462 1.00 34.02 ? 381  LYS A CG  1 
ATOM   287 C  CD  . LYS A 1 40  ? -11.989 -2.167  -11.152 1.00 36.62 ? 381  LYS A CD  1 
ATOM   288 C  CE  . LYS A 1 40  ? -11.995 -3.517  -11.853 1.00 39.46 ? 381  LYS A CE  1 
ATOM   289 N  NZ  . LYS A 1 40  ? -12.011 -4.662  -10.900 1.00 40.05 ? 381  LYS A NZ  1 
ATOM   290 N  N   . VAL A 1 41  ? -10.563 -0.763  -7.660  1.00 25.82 ? 382  VAL A N   1 
ATOM   291 C  CA  . VAL A 1 41  ? -9.128  -0.512  -7.493  1.00 25.79 ? 382  VAL A CA  1 
ATOM   292 C  C   . VAL A 1 41  ? -8.322  -1.810  -7.331  1.00 26.91 ? 382  VAL A C   1 
ATOM   293 O  O   . VAL A 1 41  ? -8.799  -2.782  -6.739  1.00 26.82 ? 382  VAL A O   1 
ATOM   294 C  CB  . VAL A 1 41  ? -8.860  0.471   -6.317  1.00 24.67 ? 382  VAL A CB  1 
ATOM   295 C  CG1 . VAL A 1 41  ? -9.161  -0.171  -4.967  1.00 24.04 ? 382  VAL A CG1 1 
ATOM   296 C  CG2 . VAL A 1 41  ? -7.436  1.013   -6.360  1.00 24.89 ? 382  VAL A CG2 1 
ATOM   297 N  N   . SER A 1 42  ? -7.108  -1.814  -7.879  1.00 28.11 ? 383  SER A N   1 
ATOM   298 C  CA  . SER A 1 42  ? -6.179  -2.933  -7.730  1.00 29.79 ? 383  SER A CA  1 
ATOM   299 C  C   . SER A 1 42  ? -4.836  -2.449  -7.195  1.00 29.39 ? 383  SER A C   1 
ATOM   300 O  O   . SER A 1 42  ? -4.220  -1.547  -7.766  1.00 29.75 ? 383  SER A O   1 
ATOM   301 C  CB  . SER A 1 42  ? -5.985  -3.662  -9.061  1.00 27.72 ? 383  SER A CB  1 
ATOM   302 O  OG  . SER A 1 42  ? -7.157  -4.363  -9.436  1.00 26.47 ? 383  SER A OG  1 
ATOM   303 N  N   . VAL A 1 43  ? -4.390  -3.052  -6.096  1.00 28.01 ? 384  VAL A N   1 
ATOM   304 C  CA  . VAL A 1 43  ? -3.125  -2.684  -5.463  1.00 26.56 ? 384  VAL A CA  1 
ATOM   305 C  C   . VAL A 1 43  ? -2.122  -3.834  -5.562  1.00 27.07 ? 384  VAL A C   1 
ATOM   306 O  O   . VAL A 1 43  ? -2.433  -4.975  -5.207  1.00 26.90 ? 384  VAL A O   1 
ATOM   307 C  CB  . VAL A 1 43  ? -3.317  -2.277  -3.983  1.00 25.50 ? 384  VAL A CB  1 
ATOM   308 C  CG1 . VAL A 1 43  ? -2.014  -1.755  -3.394  1.00 25.45 ? 384  VAL A CG1 1 
ATOM   309 C  CG2 . VAL A 1 43  ? -4.410  -1.225  -3.848  1.00 25.06 ? 384  VAL A CG2 1 
ATOM   310 N  N   . SER A 1 44  ? -0.925  -3.524  -6.053  1.00 28.30 ? 385  SER A N   1 
ATOM   311 C  CA  . SER A 1 44  ? 0.155   -4.504  -6.155  1.00 29.95 ? 385  SER A CA  1 
ATOM   312 C  C   . SER A 1 44  ? 1.452   -3.982  -5.536  1.00 30.91 ? 385  SER A C   1 
ATOM   313 O  O   . SER A 1 44  ? 1.657   -2.771  -5.425  1.00 30.66 ? 385  SER A O   1 
ATOM   314 C  CB  . SER A 1 44  ? 0.380   -4.913  -7.614  1.00 31.29 ? 385  SER A CB  1 
ATOM   315 O  OG  . SER A 1 44  ? 0.675   -3.791  -8.426  1.00 31.83 ? 385  SER A OG  1 
ATOM   316 N  N   . TRP A 1 45  ? 2.314   -4.912  -5.128  1.00 31.95 ? 386  TRP A N   1 
ATOM   317 C  CA  . TRP A 1 45  ? 3.597   -4.583  -4.513  1.00 32.34 ? 386  TRP A CA  1 
ATOM   318 C  C   . TRP A 1 45  ? 4.762   -5.092  -5.352  1.00 35.54 ? 386  TRP A C   1 
ATOM   319 O  O   . TRP A 1 45  ? 4.604   -6.027  -6.143  1.00 36.14 ? 386  TRP A O   1 
ATOM   320 C  CB  . TRP A 1 45  ? 3.690   -5.195  -3.114  1.00 29.00 ? 386  TRP A CB  1 
ATOM   321 C  CG  . TRP A 1 45  ? 2.759   -4.596  -2.112  1.00 25.69 ? 386  TRP A CG  1 
ATOM   322 C  CD1 . TRP A 1 45  ? 1.432   -4.871  -1.961  1.00 25.27 ? 386  TRP A CD1 1 
ATOM   323 C  CD2 . TRP A 1 45  ? 3.087   -3.632  -1.104  1.00 24.25 ? 386  TRP A CD2 1 
ATOM   324 N  NE1 . TRP A 1 45  ? 0.910   -4.134  -0.928  1.00 24.07 ? 386  TRP A NE1 1 
ATOM   325 C  CE2 . TRP A 1 45  ? 1.903   -3.364  -0.384  1.00 23.54 ? 386  TRP A CE2 1 
ATOM   326 C  CE3 . TRP A 1 45  ? 4.265   -2.963  -0.744  1.00 23.91 ? 386  TRP A CE3 1 
ATOM   327 C  CZ2 . TRP A 1 45  ? 1.861   -2.458  0.679   1.00 23.05 ? 386  TRP A CZ2 1 
ATOM   328 C  CZ3 . TRP A 1 45  ? 4.224   -2.063  0.315   1.00 23.50 ? 386  TRP A CZ3 1 
ATOM   329 C  CH2 . TRP A 1 45  ? 3.027   -1.820  1.014   1.00 23.26 ? 386  TRP A CH2 1 
ATOM   330 N  N   . GLN A 1 46  ? 5.927   -4.477  -5.171  1.00 38.53 ? 387  GLN A N   1 
ATOM   331 C  CA  . GLN A 1 46  ? 7.159   -4.941  -5.811  1.00 41.88 ? 387  GLN A CA  1 
ATOM   332 C  C   . GLN A 1 46  ? 8.412   -4.625  -4.992  1.00 42.22 ? 387  GLN A C   1 
ATOM   333 O  O   . GLN A 1 46  ? 8.549   -3.531  -4.439  1.00 42.39 ? 387  GLN A O   1 
ATOM   334 C  CB  . GLN A 1 46  ? 7.287   -4.410  -7.248  1.00 45.11 ? 387  GLN A CB  1 
ATOM   335 C  CG  . GLN A 1 46  ? 7.151   -2.902  -7.407  1.00 49.75 ? 387  GLN A CG  1 
ATOM   336 C  CD  . GLN A 1 46  ? 7.155   -2.455  -8.860  1.00 55.73 ? 387  GLN A CD  1 
ATOM   337 O  OE1 . GLN A 1 46  ? 7.400   -3.248  -9.771  1.00 56.51 ? 387  GLN A OE1 1 
ATOM   338 N  NE2 . GLN A 1 46  ? 6.882   -1.174  -9.082  1.00 56.72 ? 387  GLN A NE2 1 
ATOM   339 N  N   . LYS A 1 47  ? 9.309   -5.605  -4.918  1.00 43.65 ? 388  LYS A N   1 
ATOM   340 C  CA  . LYS A 1 47  ? 10.592  -5.460  -4.239  1.00 44.75 ? 388  LYS A CA  1 
ATOM   341 C  C   . LYS A 1 47  ? 11.685  -5.231  -5.280  1.00 47.93 ? 388  LYS A C   1 
ATOM   342 O  O   . LYS A 1 47  ? 11.998  -6.128  -6.069  1.00 48.53 ? 388  LYS A O   1 
ATOM   343 C  CB  . LYS A 1 47  ? 10.889  -6.709  -3.399  1.00 43.00 ? 388  LYS A CB  1 
ATOM   344 C  CG  . LYS A 1 47  ? 12.207  -6.679  -2.638  1.00 41.21 ? 388  LYS A CG  1 
ATOM   345 C  CD  . LYS A 1 47  ? 12.419  -7.977  -1.874  1.00 40.35 ? 388  LYS A CD  1 
ATOM   346 C  CE  . LYS A 1 47  ? 13.778  -8.009  -1.195  1.00 40.53 ? 388  LYS A CE  1 
ATOM   347 N  NZ  . LYS A 1 47  ? 13.995  -9.279  -0.449  1.00 40.64 ? 388  LYS A NZ  1 
ATOM   348 N  N   . ASP A 1 48  ? 12.252  -4.024  -5.272  1.00 49.38 ? 389  ASP A N   1 
ATOM   349 C  CA  . ASP A 1 48  ? 13.252  -3.591  -6.259  1.00 52.43 ? 389  ASP A CA  1 
ATOM   350 C  C   . ASP A 1 48  ? 12.764  -3.784  -7.700  1.00 54.64 ? 389  ASP A C   1 
ATOM   351 O  O   . ASP A 1 48  ? 13.451  -4.387  -8.530  1.00 54.98 ? 389  ASP A O   1 
ATOM   352 C  CB  . ASP A 1 48  ? 14.603  -4.289  -6.028  1.00 52.30 ? 389  ASP A CB  1 
ATOM   353 C  CG  . ASP A 1 48  ? 15.265  -3.871  -4.726  1.00 52.58 ? 389  ASP A CG  1 
ATOM   354 O  OD1 . ASP A 1 48  ? 15.590  -4.764  -3.916  1.00 52.55 ? 389  ASP A OD1 1 
ATOM   355 O  OD2 . ASP A 1 48  ? 15.462  -2.657  -4.510  1.00 52.43 ? 389  ASP A OD2 1 
ATOM   356 N  N   . ASP A 1 49  ? 11.564  -3.267  -7.972  1.00 56.65 ? 390  ASP A N   1 
ATOM   357 C  CA  . ASP A 1 49  ? 10.907  -3.345  -9.288  1.00 58.68 ? 390  ASP A CA  1 
ATOM   358 C  C   . ASP A 1 49  ? 10.594  -4.776  -9.753  1.00 56.43 ? 390  ASP A C   1 
ATOM   359 O  O   . ASP A 1 49  ? 10.446  -5.030  -10.951 1.00 56.91 ? 390  ASP A O   1 
ATOM   360 C  CB  . ASP A 1 49  ? 11.706  -2.575  -10.354 1.00 63.32 ? 390  ASP A CB  1 
ATOM   361 C  CG  . ASP A 1 49  ? 11.803  -1.085  -10.058 1.00 68.08 ? 390  ASP A CG  1 
ATOM   362 O  OD1 . ASP A 1 49  ? 11.538  -0.281  -10.976 1.00 69.79 ? 390  ASP A OD1 1 
ATOM   363 O  OD2 . ASP A 1 49  ? 12.144  -0.716  -8.913  1.00 67.64 ? 390  ASP A OD2 1 
ATOM   364 N  N   . VAL A 1 50  ? 10.487  -5.699  -8.798  1.00 53.00 ? 391  VAL A N   1 
ATOM   365 C  CA  . VAL A 1 50  ? 10.119  -7.091  -9.080  1.00 51.35 ? 391  VAL A CA  1 
ATOM   366 C  C   . VAL A 1 50  ? 8.894   -7.472  -8.247  1.00 49.61 ? 391  VAL A C   1 
ATOM   367 O  O   . VAL A 1 50  ? 8.928   -7.407  -7.016  1.00 48.94 ? 391  VAL A O   1 
ATOM   368 C  CB  . VAL A 1 50  ? 11.285  -8.072  -8.803  1.00 50.71 ? 391  VAL A CB  1 
ATOM   369 C  CG1 . VAL A 1 50  ? 10.869  -9.507  -9.094  1.00 50.39 ? 391  VAL A CG1 1 
ATOM   370 C  CG2 . VAL A 1 50  ? 12.512  -7.706  -9.627  1.00 50.97 ? 391  VAL A CG2 1 
ATOM   371 N  N   . SER A 1 51  ? 7.823   -7.871  -8.933  1.00 50.31 ? 392  SER A N   1 
ATOM   372 C  CA  . SER A 1 51  ? 6.524   -8.145  -8.309  1.00 50.78 ? 392  SER A CA  1 
ATOM   373 C  C   . SER A 1 51  ? 6.564   -9.213  -7.217  1.00 52.51 ? 392  SER A C   1 
ATOM   374 O  O   . SER A 1 51  ? 7.206   -10.255 -7.373  1.00 53.45 ? 392  SER A O   1 
ATOM   375 C  CB  . SER A 1 51  ? 5.494   -8.535  -9.373  1.00 50.91 ? 392  SER A CB  1 
ATOM   376 O  OG  . SER A 1 51  ? 5.282   -7.475  -10.290 1.00 50.95 ? 392  SER A OG  1 
ATOM   377 N  N   . VAL A 1 52  ? 5.873   -8.931  -6.115  1.00 53.01 ? 393  VAL A N   1 
ATOM   378 C  CA  . VAL A 1 52  ? 5.729   -9.872  -5.001  1.00 53.86 ? 393  VAL A CA  1 
ATOM   379 C  C   . VAL A 1 52  ? 4.270   -9.964  -4.548  1.00 54.41 ? 393  VAL A C   1 
ATOM   380 O  O   . VAL A 1 52  ? 3.545   -8.966  -4.554  1.00 54.58 ? 393  VAL A O   1 
ATOM   381 C  CB  . VAL A 1 52  ? 6.634   -9.512  -3.796  1.00 53.00 ? 393  VAL A CB  1 
ATOM   382 C  CG1 . VAL A 1 52  ? 8.076   -9.922  -4.062  1.00 53.34 ? 393  VAL A CG1 1 
ATOM   383 C  CG2 . VAL A 1 52  ? 6.542   -8.030  -3.450  1.00 52.06 ? 393  VAL A CG2 1 
ATOM   384 N  N   . SER A 1 53  ? 3.850   -11.167 -4.164  1.00 54.75 ? 394  SER A N   1 
ATOM   385 C  CA  . SER A 1 53  ? 2.486   -11.403 -3.690  1.00 53.44 ? 394  SER A CA  1 
ATOM   386 C  C   . SER A 1 53  ? 2.464   -12.111 -2.333  1.00 50.98 ? 394  SER A C   1 
ATOM   387 O  O   . SER A 1 53  ? 1.414   -12.200 -1.690  1.00 50.71 ? 394  SER A O   1 
ATOM   388 C  CB  . SER A 1 53  ? 1.688   -12.203 -4.724  1.00 55.40 ? 394  SER A CB  1 
ATOM   389 O  OG  . SER A 1 53  ? 2.277   -13.471 -4.959  1.00 56.49 ? 394  SER A OG  1 
ATOM   390 N  N   . ALA A 1 54  ? 3.626   -12.606 -1.909  1.00 48.48 ? 395  ALA A N   1 
ATOM   391 C  CA  . ALA A 1 54  ? 3.767   -13.304 -0.632  1.00 46.82 ? 395  ALA A CA  1 
ATOM   392 C  C   . ALA A 1 54  ? 3.619   -12.349 0.549   1.00 45.19 ? 395  ALA A C   1 
ATOM   393 O  O   . ALA A 1 54  ? 4.225   -11.274 0.569   1.00 44.90 ? 395  ALA A O   1 
ATOM   394 C  CB  . ALA A 1 54  ? 5.102   -14.033 -0.570  1.00 46.44 ? 395  ALA A CB  1 
ATOM   395 N  N   . ASN A 1 55  ? 2.805   -12.758 1.523   1.00 45.19 ? 396  ASN A N   1 
ATOM   396 C  CA  . ASN A 1 55  ? 2.492   -11.960 2.717   1.00 44.62 ? 396  ASN A CA  1 
ATOM   397 C  C   . ASN A 1 55  ? 1.888   -10.579 2.430   1.00 40.67 ? 396  ASN A C   1 
ATOM   398 O  O   . ASN A 1 55  ? 2.104   -9.623  3.180   1.00 39.67 ? 396  ASN A O   1 
ATOM   399 C  CB  . ASN A 1 55  ? 3.706   -11.858 3.652   1.00 47.27 ? 396  ASN A CB  1 
ATOM   400 C  CG  . ASN A 1 55  ? 3.830   -13.051 4.583   1.00 49.62 ? 396  ASN A CG  1 
ATOM   401 O  OD1 . ASN A 1 55  ? 3.727   -14.204 4.160   1.00 51.18 ? 396  ASN A OD1 1 
ATOM   402 N  ND2 . ASN A 1 55  ? 4.061   -12.777 5.862   1.00 50.97 ? 396  ASN A ND2 1 
ATOM   403 N  N   . VAL A 1 56  ? 1.129   -10.493 1.340   1.00 37.16 ? 397  VAL A N   1 
ATOM   404 C  CA  . VAL A 1 56  ? 0.401   -9.280  0.982   1.00 34.00 ? 397  VAL A CA  1 
ATOM   405 C  C   . VAL A 1 56  ? -1.061  -9.440  1.391   1.00 33.45 ? 397  VAL A C   1 
ATOM   406 O  O   . VAL A 1 56  ? -1.739  -10.372 0.951   1.00 33.93 ? 397  VAL A O   1 
ATOM   407 C  CB  . VAL A 1 56  ? 0.499   -8.974  -0.532  1.00 32.77 ? 397  VAL A CB  1 
ATOM   408 C  CG1 . VAL A 1 56  ? -0.353  -7.767  -0.901  1.00 31.83 ? 397  VAL A CG1 1 
ATOM   409 C  CG2 . VAL A 1 56  ? 1.945   -8.746  -0.945  1.00 32.67 ? 397  VAL A CG2 1 
ATOM   410 N  N   . THR A 1 57  ? -1.536  -8.534  2.243   1.00 31.79 ? 398  THR A N   1 
ATOM   411 C  CA  . THR A 1 57  ? -2.926  -8.552  2.688   1.00 30.60 ? 398  THR A CA  1 
ATOM   412 C  C   . THR A 1 57  ? -3.682  -7.348  2.134   1.00 28.11 ? 398  THR A C   1 
ATOM   413 O  O   . THR A 1 57  ? -3.442  -6.206  2.538   1.00 28.21 ? 398  THR A O   1 
ATOM   414 C  CB  . THR A 1 57  ? -3.038  -8.597  4.228   1.00 31.33 ? 398  THR A CB  1 
ATOM   415 O  OG1 . THR A 1 57  ? -2.161  -9.605  4.748   1.00 32.15 ? 398  THR A OG1 1 
ATOM   416 C  CG2 . THR A 1 57  ? -4.467  -8.910  4.659   1.00 31.52 ? 398  THR A CG2 1 
ATOM   417 N  N   . ASN A 1 58  ? -4.586  -7.617  1.196   1.00 25.77 ? 399  ASN A N   1 
ATOM   418 C  CA  . ASN A 1 58  ? -5.451  -6.589  0.626   1.00 23.91 ? 399  ASN A CA  1 
ATOM   419 C  C   . ASN A 1 58  ? -6.811  -6.576  1.312   1.00 23.12 ? 399  ASN A C   1 
ATOM   420 O  O   . ASN A 1 58  ? -7.404  -7.630  1.555   1.00 23.44 ? 399  ASN A O   1 
ATOM   421 C  CB  . ASN A 1 58  ? -5.618  -6.792  -0.882  1.00 23.72 ? 399  ASN A CB  1 
ATOM   422 C  CG  . ASN A 1 58  ? -4.347  -6.503  -1.659  1.00 23.26 ? 399  ASN A CG  1 
ATOM   423 O  OD1 . ASN A 1 58  ? -3.688  -5.485  -1.443  1.00 23.18 ? 399  ASN A OD1 1 
ATOM   424 N  ND2 . ASN A 1 58  ? -4.002  -7.396  -2.578  1.00 23.48 ? 399  ASN A ND2 1 
ATOM   425 N  N   . PHE A 1 59  ? -7.294  -5.378  1.623   1.00 21.59 ? 400  PHE A N   1 
ATOM   426 C  CA  . PHE A 1 59  ? -8.561  -5.212  2.329   1.00 21.02 ? 400  PHE A CA  1 
ATOM   427 C  C   . PHE A 1 59  ? -9.651  -4.639  1.424   1.00 20.33 ? 400  PHE A C   1 
ATOM   428 O  O   . PHE A 1 59  ? -9.347  -3.916  0.472   1.00 20.08 ? 400  PHE A O   1 
ATOM   429 C  CB  . PHE A 1 59  ? -8.366  -4.332  3.569   1.00 20.94 ? 400  PHE A CB  1 
ATOM   430 C  CG  . PHE A 1 59  ? -7.638  -5.021  4.689   1.00 21.58 ? 400  PHE A CG  1 
ATOM   431 C  CD1 . PHE A 1 59  ? -6.254  -4.932  4.797   1.00 21.83 ? 400  PHE A CD1 1 
ATOM   432 C  CD2 . PHE A 1 59  ? -8.337  -5.768  5.633   1.00 22.29 ? 400  PHE A CD2 1 
ATOM   433 C  CE1 . PHE A 1 59  ? -5.581  -5.568  5.829   1.00 22.35 ? 400  PHE A CE1 1 
ATOM   434 C  CE2 . PHE A 1 59  ? -7.669  -6.409  6.666   1.00 22.71 ? 400  PHE A CE2 1 
ATOM   435 C  CZ  . PHE A 1 59  ? -6.289  -6.308  6.764   1.00 22.73 ? 400  PHE A CZ  1 
ATOM   436 N  N   . PRO A 1 60  ? -10.928 -4.973  1.710   1.00 20.19 ? 401  PRO A N   1 
ATOM   437 C  CA  . PRO A 1 60  ? -12.055 -4.411  0.963   1.00 20.05 ? 401  PRO A CA  1 
ATOM   438 C  C   . PRO A 1 60  ? -12.137 -2.890  1.094   1.00 19.71 ? 401  PRO A C   1 
ATOM   439 O  O   . PRO A 1 60  ? -11.653 -2.326  2.079   1.00 19.71 ? 401  PRO A O   1 
ATOM   440 C  CB  . PRO A 1 60  ? -13.274 -5.063  1.624   1.00 20.11 ? 401  PRO A CB  1 
ATOM   441 C  CG  . PRO A 1 60  ? -12.755 -6.327  2.212   1.00 20.15 ? 401  PRO A CG  1 
ATOM   442 C  CD  . PRO A 1 60  ? -11.372 -5.989  2.683   1.00 20.09 ? 401  PRO A CD  1 
ATOM   443 N  N   . THR A 1 61  ? -12.742 -2.245  0.100   1.00 19.47 ? 402  THR A N   1 
ATOM   444 C  CA  . THR A 1 61  ? -12.890 -0.789  0.083   1.00 18.75 ? 402  THR A CA  1 
ATOM   445 C  C   . THR A 1 61  ? -13.884 -0.315  1.141   1.00 18.67 ? 402  THR A C   1 
ATOM   446 O  O   . THR A 1 61  ? -14.907 -0.960  1.380   1.00 18.60 ? 402  THR A O   1 
ATOM   447 C  CB  . THR A 1 61  ? -13.344 -0.274  -1.300  1.00 18.70 ? 402  THR A CB  1 
ATOM   448 O  OG1 . THR A 1 61  ? -14.535 -0.959  -1.705  1.00 18.55 ? 402  THR A OG1 1 
ATOM   449 C  CG2 . THR A 1 61  ? -12.253 -0.492  -2.344  1.00 18.67 ? 402  THR A CG2 1 
ATOM   450 N  N   . ALA A 1 62  ? -13.569 0.813   1.771   1.00 18.16 ? 403  ALA A N   1 
ATOM   451 C  CA  . ALA A 1 62  ? -14.437 1.413   2.780   1.00 18.31 ? 403  ALA A CA  1 
ATOM   452 C  C   . ALA A 1 62  ? -15.044 2.716   2.272   1.00 18.56 ? 403  ALA A C   1 
ATOM   453 O  O   . ALA A 1 62  ? -14.365 3.515   1.625   1.00 18.37 ? 403  ALA A O   1 
ATOM   454 C  CB  . ALA A 1 62  ? -13.666 1.651   4.070   1.00 17.91 ? 403  ALA A CB  1 
ATOM   455 N  N   . LEU A 1 63  ? -16.326 2.920   2.569   1.00 19.54 ? 404  LEU A N   1 
ATOM   456 C  CA  . LEU A 1 63  ? -17.035 4.128   2.156   1.00 20.18 ? 404  LEU A CA  1 
ATOM   457 C  C   . LEU A 1 63  ? -16.753 5.283   3.113   1.00 21.13 ? 404  LEU A C   1 
ATOM   458 O  O   . LEU A 1 63  ? -17.028 5.193   4.311   1.00 21.43 ? 404  LEU A O   1 
ATOM   459 C  CB  . LEU A 1 63  ? -18.544 3.865   2.047   1.00 20.40 ? 404  LEU A CB  1 
ATOM   460 C  CG  . LEU A 1 63  ? -19.477 5.016   1.644   1.00 20.44 ? 404  LEU A CG  1 
ATOM   461 C  CD1 . LEU A 1 63  ? -19.180 5.529   0.241   1.00 20.21 ? 404  LEU A CD1 1 
ATOM   462 C  CD2 . LEU A 1 63  ? -20.932 4.588   1.759   1.00 20.33 ? 404  LEU A CD2 1 
ATOM   463 N  N   . GLU A 1 64  ? -16.197 6.361   2.567   1.00 22.01 ? 405  GLU A N   1 
ATOM   464 C  CA  . GLU A 1 64  ? -15.874 7.556   3.339   1.00 23.72 ? 405  GLU A CA  1 
ATOM   465 C  C   . GLU A 1 64  ? -17.052 8.531   3.302   1.00 24.27 ? 405  GLU A C   1 
ATOM   466 O  O   . GLU A 1 64  ? -17.920 8.431   2.430   1.00 24.85 ? 405  GLU A O   1 
ATOM   467 C  CB  . GLU A 1 64  ? -14.615 8.215   2.775   1.00 24.68 ? 405  GLU A CB  1 
ATOM   468 C  CG  . GLU A 1 64  ? -13.694 8.830   3.818   1.00 26.41 ? 405  GLU A CG  1 
ATOM   469 C  CD  . GLU A 1 64  ? -12.827 7.805   4.526   1.00 26.85 ? 405  GLU A CD  1 
ATOM   470 O  OE1 . GLU A 1 64  ? -12.547 7.993   5.728   1.00 27.60 ? 405  GLU A OE1 1 
ATOM   471 O  OE2 . GLU A 1 64  ? -12.423 6.810   3.886   1.00 26.15 ? 405  GLU A OE2 1 
ATOM   472 N  N   . GLN A 1 65  ? -17.075 9.473   4.243   1.00 24.42 ? 406  GLN A N   1 
ATOM   473 C  CA  . GLN A 1 65  ? -18.189 10.419  4.358   1.00 24.73 ? 406  GLN A CA  1 
ATOM   474 C  C   . GLN A 1 65  ? -18.162 11.547  3.322   1.00 25.97 ? 406  GLN A C   1 
ATOM   475 O  O   . GLN A 1 65  ? -19.163 12.239  3.130   1.00 26.36 ? 406  GLN A O   1 
ATOM   476 C  CB  . GLN A 1 65  ? -18.300 10.968  5.786   1.00 24.13 ? 406  GLN A CB  1 
ATOM   477 C  CG  . GLN A 1 65  ? -18.830 9.942   6.779   1.00 23.51 ? 406  GLN A CG  1 
ATOM   478 C  CD  . GLN A 1 65  ? -19.079 10.508  8.163   1.00 23.58 ? 406  GLN A CD  1 
ATOM   479 O  OE1 . GLN A 1 65  ? -19.730 11.538  8.320   1.00 23.67 ? 406  GLN A OE1 1 
ATOM   480 N  NE2 . GLN A 1 65  ? -18.574 9.820   9.179   1.00 23.42 ? 406  GLN A NE2 1 
ATOM   481 N  N   . ASP A 1 66  ? -17.025 11.720  2.651   1.00 27.00 ? 407  ASP A N   1 
ATOM   482 C  CA  . ASP A 1 66  ? -16.928 12.658  1.530   1.00 28.69 ? 407  ASP A CA  1 
ATOM   483 C  C   . ASP A 1 66  ? -17.295 11.977  0.204   1.00 28.32 ? 407  ASP A C   1 
ATOM   484 O  O   . ASP A 1 66  ? -17.014 12.501  -0.878  1.00 28.51 ? 407  ASP A O   1 
ATOM   485 C  CB  . ASP A 1 66  ? -15.535 13.303  1.465   1.00 29.89 ? 407  ASP A CB  1 
ATOM   486 C  CG  . ASP A 1 66  ? -14.436 12.315  1.108   1.00 31.32 ? 407  ASP A CG  1 
ATOM   487 O  OD1 . ASP A 1 66  ? -14.549 11.123  1.461   1.00 30.84 ? 407  ASP A OD1 1 
ATOM   488 O  OD2 . ASP A 1 66  ? -13.442 12.739  0.480   1.00 32.55 ? 407  ASP A OD2 1 
ATOM   489 N  N   . LEU A 1 67  ? -17.927 10.807  0.318   1.00 27.89 ? 408  LEU A N   1 
ATOM   490 C  CA  . LEU A 1 67  ? -18.411 10.007  -0.817  1.00 27.03 ? 408  LEU A CA  1 
ATOM   491 C  C   . LEU A 1 67  ? -17.307 9.463   -1.737  1.00 24.85 ? 408  LEU A C   1 
ATOM   492 O  O   . LEU A 1 67  ? -17.571 9.073   -2.878  1.00 24.71 ? 408  LEU A O   1 
ATOM   493 C  CB  . LEU A 1 67  ? -19.499 10.753  -1.609  1.00 28.24 ? 408  LEU A CB  1 
ATOM   494 C  CG  . LEU A 1 67  ? -20.817 11.052  -0.883  1.00 29.39 ? 408  LEU A CG  1 
ATOM   495 C  CD1 . LEU A 1 67  ? -21.640 12.066  -1.663  1.00 29.87 ? 408  LEU A CD1 1 
ATOM   496 C  CD2 . LEU A 1 67  ? -21.627 9.787   -0.628  1.00 29.33 ? 408  LEU A CD2 1 
ATOM   497 N  N   . THR A 1 68  ? -16.077 9.438   -1.229  1.00 22.84 ? 409  THR A N   1 
ATOM   498 C  CA  . THR A 1 68  ? -14.977 8.746   -1.895  1.00 21.12 ? 409  THR A CA  1 
ATOM   499 C  C   . THR A 1 68  ? -14.742 7.414   -1.188  1.00 19.45 ? 409  THR A C   1 
ATOM   500 O  O   . THR A 1 68  ? -15.334 7.153   -0.138  1.00 19.47 ? 409  THR A O   1 
ATOM   501 C  CB  . THR A 1 68  ? -13.674 9.579   -1.899  1.00 21.57 ? 409  THR A CB  1 
ATOM   502 O  OG1 . THR A 1 68  ? -13.279 9.870   -0.554  1.00 21.83 ? 409  THR A OG1 1 
ATOM   503 C  CG2 . THR A 1 68  ? -13.863 10.883  -2.668  1.00 21.77 ? 409  THR A CG2 1 
ATOM   504 N  N   . PHE A 1 69  ? -13.892 6.571   -1.764  1.00 18.07 ? 410  PHE A N   1 
ATOM   505 C  CA  . PHE A 1 69  ? -13.571 5.281   -1.163  1.00 17.22 ? 410  PHE A CA  1 
ATOM   506 C  C   . PHE A 1 69  ? -12.114 5.224   -0.722  1.00 16.97 ? 410  PHE A C   1 
ATOM   507 O  O   . PHE A 1 69  ? -11.258 5.906   -1.289  1.00 17.01 ? 410  PHE A O   1 
ATOM   508 C  CB  . PHE A 1 69  ? -13.881 4.137   -2.132  1.00 17.06 ? 410  PHE A CB  1 
ATOM   509 C  CG  . PHE A 1 69  ? -15.343 3.978   -2.437  1.00 17.42 ? 410  PHE A CG  1 
ATOM   510 C  CD1 . PHE A 1 69  ? -15.917 4.640   -3.518  1.00 17.61 ? 410  PHE A CD1 1 
ATOM   511 C  CD2 . PHE A 1 69  ? -16.149 3.163   -1.648  1.00 17.68 ? 410  PHE A CD2 1 
ATOM   512 C  CE1 . PHE A 1 69  ? -17.266 4.496   -3.801  1.00 18.10 ? 410  PHE A CE1 1 
ATOM   513 C  CE2 . PHE A 1 69  ? -17.498 3.013   -1.927  1.00 18.05 ? 410  PHE A CE2 1 
ATOM   514 C  CZ  . PHE A 1 69  ? -18.058 3.680   -3.006  1.00 18.19 ? 410  PHE A CZ  1 
ATOM   515 N  N   . SER A 1 70  ? -11.845 4.416   0.299   1.00 17.14 ? 411  SER A N   1 
ATOM   516 C  CA  . SER A 1 70  ? -10.486 4.222   0.793   1.00 17.50 ? 411  SER A CA  1 
ATOM   517 C  C   . SER A 1 70  ? -10.219 2.760   1.127   1.00 17.62 ? 411  SER A C   1 
ATOM   518 O  O   . SER A 1 70  ? -11.085 2.064   1.657   1.00 17.86 ? 411  SER A O   1 
ATOM   519 C  CB  . SER A 1 70  ? -10.219 5.100   2.018   1.00 18.01 ? 411  SER A CB  1 
ATOM   520 O  OG  . SER A 1 70  ? -10.998 4.687   3.127   1.00 18.77 ? 411  SER A OG  1 
ATOM   521 N  N   . THR A 1 71  ? -9.011  2.307   0.803   1.00 17.49 ? 412  THR A N   1 
ATOM   522 C  CA  . THR A 1 71  ? -8.577  0.949   1.117   1.00 17.92 ? 412  THR A CA  1 
ATOM   523 C  C   . THR A 1 71  ? -7.118  0.940   1.577   1.00 18.90 ? 412  THR A C   1 
ATOM   524 O  O   . THR A 1 71  ? -6.427  1.961   1.502   1.00 18.99 ? 412  THR A O   1 
ATOM   525 C  CB  . THR A 1 71  ? -8.786  -0.015  -0.077  1.00 17.74 ? 412  THR A CB  1 
ATOM   526 O  OG1 . THR A 1 71  ? -8.533  -1.362  0.342   1.00 17.97 ? 412  THR A OG1 1 
ATOM   527 C  CG2 . THR A 1 71  ? -7.867  0.337   -1.250  1.00 17.50 ? 412  THR A CG2 1 
ATOM   528 N  N   . ARG A 1 72  ? -6.662  -0.213  2.057   1.00 20.55 ? 413  ARG A N   1 
ATOM   529 C  CA  . ARG A 1 72  ? -5.293  -0.367  2.537   1.00 22.24 ? 413  ARG A CA  1 
ATOM   530 C  C   . ARG A 1 72  ? -4.678  -1.679  2.062   1.00 22.42 ? 413  ARG A C   1 
ATOM   531 O  O   . ARG A 1 72  ? -5.386  -2.661  1.823   1.00 22.80 ? 413  ARG A O   1 
ATOM   532 C  CB  . ARG A 1 72  ? -5.247  -0.286  4.066   1.00 24.47 ? 413  ARG A CB  1 
ATOM   533 C  CG  . ARG A 1 72  ? -6.108  -1.328  4.761   1.00 27.40 ? 413  ARG A CG  1 
ATOM   534 C  CD  . ARG A 1 72  ? -6.461  -0.905  6.170   1.00 31.05 ? 413  ARG A CD  1 
ATOM   535 N  NE  . ARG A 1 72  ? -7.846  -1.244  6.490   1.00 34.49 ? 413  ARG A NE  1 
ATOM   536 C  CZ  . ARG A 1 72  ? -8.230  -2.345  7.130   1.00 35.95 ? 413  ARG A CZ  1 
ATOM   537 N  NH1 . ARG A 1 72  ? -9.517  -2.553  7.366   1.00 37.01 ? 413  ARG A NH1 1 
ATOM   538 N  NH2 . ARG A 1 72  ? -7.338  -3.233  7.538   1.00 33.55 ? 413  ARG A NH2 1 
ATOM   539 N  N   . SER A 1 73  ? -3.355  -1.680  1.927   1.00 21.81 ? 414  SER A N   1 
ATOM   540 C  CA  . SER A 1 73  ? -2.617  -2.885  1.581   1.00 21.34 ? 414  SER A CA  1 
ATOM   541 C  C   . SER A 1 73  ? -1.441  -3.062  2.531   1.00 21.17 ? 414  SER A C   1 
ATOM   542 O  O   . SER A 1 73  ? -0.688  -2.120  2.790   1.00 21.17 ? 414  SER A O   1 
ATOM   543 C  CB  . SER A 1 73  ? -2.135  -2.829  0.133   1.00 21.12 ? 414  SER A CB  1 
ATOM   544 O  OG  . SER A 1 73  ? -1.678  -4.101  -0.294  1.00 21.33 ? 414  SER A OG  1 
ATOM   545 N  N   . LEU A 1 74  ? -1.298  -4.277  3.050   1.00 21.38 ? 415  LEU A N   1 
ATOM   546 C  CA  . LEU A 1 74  ? -0.270  -4.586  4.035   1.00 21.62 ? 415  LEU A CA  1 
ATOM   547 C  C   . LEU A 1 74  ? 0.755   -5.566  3.483   1.00 22.11 ? 415  LEU A C   1 
ATOM   548 O  O   . LEU A 1 74  ? 0.399   -6.653  3.022   1.00 22.62 ? 415  LEU A O   1 
ATOM   549 C  CB  . LEU A 1 74  ? -0.907  -5.166  5.301   1.00 22.10 ? 415  LEU A CB  1 
ATOM   550 C  CG  . LEU A 1 74  ? -1.390  -4.252  6.429   1.00 22.15 ? 415  LEU A CG  1 
ATOM   551 C  CD1 . LEU A 1 74  ? -2.500  -3.302  6.000   1.00 22.20 ? 415  LEU A CD1 1 
ATOM   552 C  CD2 . LEU A 1 74  ? -1.859  -5.129  7.576   1.00 22.92 ? 415  LEU A CD2 1 
ATOM   553 N  N   . LEU A 1 75  ? 2.023   -5.170  3.523   1.00 22.04 ? 416  LEU A N   1 
ATOM   554 C  CA  . LEU A 1 75  ? 3.121   -6.064  3.176   1.00 22.60 ? 416  LEU A CA  1 
ATOM   555 C  C   . LEU A 1 75  ? 3.793   -6.552  4.454   1.00 24.17 ? 416  LEU A C   1 
ATOM   556 O  O   . LEU A 1 75  ? 4.536   -5.811  5.104   1.00 24.31 ? 416  LEU A O   1 
ATOM   557 C  CB  . LEU A 1 75  ? 4.126   -5.373  2.246   1.00 21.41 ? 416  LEU A CB  1 
ATOM   558 C  CG  . LEU A 1 75  ? 5.331   -6.186  1.751   1.00 20.76 ? 416  LEU A CG  1 
ATOM   559 C  CD1 . LEU A 1 75  ? 4.913   -7.356  0.872   1.00 20.76 ? 416  LEU A CD1 1 
ATOM   560 C  CD2 . LEU A 1 75  ? 6.308   -5.291  1.008   1.00 20.70 ? 416  LEU A CD2 1 
ATOM   561 N  N   . ASN A 1 76  ? 3.516   -7.804  4.808   1.00 26.75 ? 417  ASN A N   1 
ATOM   562 C  CA  . ASN A 1 76  ? 3.999   -8.392  6.052   1.00 29.54 ? 417  ASN A CA  1 
ATOM   563 C  C   . ASN A 1 76  ? 5.421   -8.945  5.922   1.00 29.90 ? 417  ASN A C   1 
ATOM   564 O  O   . ASN A 1 76  ? 5.621   -10.149 5.744   1.00 29.82 ? 417  ASN A O   1 
ATOM   565 C  CB  . ASN A 1 76  ? 3.024   -9.473  6.540   1.00 32.36 ? 417  ASN A CB  1 
ATOM   566 C  CG  . ASN A 1 76  ? 3.259   -9.875  7.985   1.00 35.27 ? 417  ASN A CG  1 
ATOM   567 O  OD1 . ASN A 1 76  ? 3.836   -9.122  8.773   1.00 36.07 ? 417  ASN A OD1 1 
ATOM   568 N  ND2 . ASN A 1 76  ? 2.800   -11.068 8.344   1.00 36.00 ? 417  ASN A ND2 1 
ATOM   569 N  N   . LEU A 1 77  ? 6.402   -8.050  6.009   1.00 30.37 ? 418  LEU A N   1 
ATOM   570 C  CA  . LEU A 1 77  ? 7.811   -8.426  5.925   1.00 31.28 ? 418  LEU A CA  1 
ATOM   571 C  C   . LEU A 1 77  ? 8.367   -8.794  7.295   1.00 31.30 ? 418  LEU A C   1 
ATOM   572 O  O   . LEU A 1 77  ? 7.803   -8.419  8.326   1.00 30.95 ? 418  LEU A O   1 
ATOM   573 C  CB  . LEU A 1 77  ? 8.646   -7.279  5.342   1.00 31.51 ? 418  LEU A CB  1 
ATOM   574 C  CG  . LEU A 1 77  ? 8.312   -6.702  3.965   1.00 31.85 ? 418  LEU A CG  1 
ATOM   575 C  CD1 . LEU A 1 77  ? 8.921   -5.317  3.830   1.00 31.79 ? 418  LEU A CD1 1 
ATOM   576 C  CD2 . LEU A 1 77  ? 8.781   -7.613  2.839   1.00 32.00 ? 418  LEU A CD2 1 
ATOM   577 N  N   . THR A 1 78  ? 9.471   -9.535  7.296   1.00 32.01 ? 419  THR A N   1 
ATOM   578 C  CA  . THR A 1 78  ? 10.235  -9.782  8.515   1.00 32.69 ? 419  THR A CA  1 
ATOM   579 C  C   . THR A 1 78  ? 11.148  -8.586  8.773   1.00 33.62 ? 419  THR A C   1 
ATOM   580 O  O   . THR A 1 78  ? 11.453  -7.823  7.852   1.00 33.70 ? 419  THR A O   1 
ATOM   581 C  CB  . THR A 1 78  ? 11.083  -11.066 8.416   1.00 32.53 ? 419  THR A CB  1 
ATOM   582 O  OG1 . THR A 1 78  ? 11.903  -11.016 7.241   1.00 32.85 ? 419  THR A OG1 1 
ATOM   583 C  CG2 . THR A 1 78  ? 10.194  -12.302 8.358   1.00 31.83 ? 419  THR A CG2 1 
ATOM   584 N  N   . ALA A 1 79  ? 11.577  -8.424  10.024  1.00 34.86 ? 420  ALA A N   1 
ATOM   585 C  CA  . ALA A 1 79  ? 12.489  -7.341  10.401  1.00 35.43 ? 420  ALA A CA  1 
ATOM   586 C  C   . ALA A 1 79  ? 13.836  -7.455  9.689   1.00 37.22 ? 420  ALA A C   1 
ATOM   587 O  O   . ALA A 1 79  ? 14.477  -6.445  9.402   1.00 37.51 ? 420  ALA A O   1 
ATOM   588 C  CB  . ALA A 1 79  ? 12.683  -7.305  11.909  1.00 35.13 ? 420  ALA A CB  1 
ATOM   589 N  N   . VAL A 1 80  ? 14.250  -8.690  9.408   1.00 39.48 ? 421  VAL A N   1 
ATOM   590 C  CA  . VAL A 1 80  ? 15.503  -8.970  8.702   1.00 41.90 ? 421  VAL A CA  1 
ATOM   591 C  C   . VAL A 1 80  ? 15.433  -8.489  7.248   1.00 41.56 ? 421  VAL A C   1 
ATOM   592 O  O   . VAL A 1 80  ? 16.383  -7.888  6.741   1.00 41.81 ? 421  VAL A O   1 
ATOM   593 C  CB  . VAL A 1 80  ? 15.858  -10.476 8.742   1.00 44.20 ? 421  VAL A CB  1 
ATOM   594 C  CG1 . VAL A 1 80  ? 17.270  -10.714 8.225   1.00 44.55 ? 421  VAL A CG1 1 
ATOM   595 C  CG2 . VAL A 1 80  ? 15.723  -11.025 10.156  1.00 44.48 ? 421  VAL A CG2 1 
ATOM   596 N  N   . GLU A 1 81  ? 14.302  -8.752  6.594   1.00 40.92 ? 422  GLU A N   1 
ATOM   597 C  CA  . GLU A 1 81  ? 14.081  -8.343  5.207   1.00 40.81 ? 422  GLU A CA  1 
ATOM   598 C  C   . GLU A 1 81  ? 13.898  -6.828  5.092   1.00 38.99 ? 422  GLU A C   1 
ATOM   599 O  O   . GLU A 1 81  ? 14.272  -6.226  4.084   1.00 39.05 ? 422  GLU A O   1 
ATOM   600 C  CB  . GLU A 1 81  ? 12.868  -9.072  4.623   1.00 42.22 ? 422  GLU A CB  1 
ATOM   601 C  CG  . GLU A 1 81  ? 12.839  -9.130  3.101   1.00 44.19 ? 422  GLU A CG  1 
ATOM   602 C  CD  . GLU A 1 81  ? 11.616  -9.844  2.550   1.00 46.16 ? 422  GLU A CD  1 
ATOM   603 O  OE1 . GLU A 1 81  ? 11.260  -9.588  1.381   1.00 46.36 ? 422  GLU A OE1 1 
ATOM   604 O  OE2 . GLU A 1 81  ? 11.006  -10.658 3.279   1.00 46.43 ? 422  GLU A OE2 1 
ATOM   605 N  N   . TRP A 1 82  ? 13.323  -6.224  6.131   1.00 36.52 ? 423  TRP A N   1 
ATOM   606 C  CA  . TRP A 1 82  ? 13.106  -4.780  6.176   1.00 34.29 ? 423  TRP A CA  1 
ATOM   607 C  C   . TRP A 1 82  ? 14.388  -4.012  6.486   1.00 36.52 ? 423  TRP A C   1 
ATOM   608 O  O   . TRP A 1 82  ? 14.545  -2.870  6.060   1.00 37.24 ? 423  TRP A O   1 
ATOM   609 C  CB  . TRP A 1 82  ? 12.002  -4.436  7.182   1.00 29.99 ? 423  TRP A CB  1 
ATOM   610 C  CG  . TRP A 1 82  ? 11.833  -2.963  7.477   1.00 26.97 ? 423  TRP A CG  1 
ATOM   611 C  CD1 . TRP A 1 82  ? 11.993  -2.348  8.686   1.00 26.19 ? 423  TRP A CD1 1 
ATOM   612 C  CD2 . TRP A 1 82  ? 11.472  -1.930  6.547   1.00 25.75 ? 423  TRP A CD2 1 
ATOM   613 N  NE1 . TRP A 1 82  ? 11.753  -1.000  8.570   1.00 25.49 ? 423  TRP A NE1 1 
ATOM   614 C  CE2 . TRP A 1 82  ? 11.434  -0.715  7.269   1.00 25.02 ? 423  TRP A CE2 1 
ATOM   615 C  CE3 . TRP A 1 82  ? 11.179  -1.912  5.177   1.00 25.50 ? 423  TRP A CE3 1 
ATOM   616 C  CZ2 . TRP A 1 82  ? 11.113  0.507   6.666   1.00 24.41 ? 423  TRP A CZ2 1 
ATOM   617 C  CZ3 . TRP A 1 82  ? 10.863  -0.695  4.577   1.00 24.58 ? 423  TRP A CZ3 1 
ATOM   618 C  CH2 . TRP A 1 82  ? 10.831  0.496   5.325   1.00 24.38 ? 423  TRP A CH2 1 
ATOM   619 N  N   . LYS A 1 83  ? 15.302  -4.637  7.223   1.00 38.50 ? 424  LYS A N   1 
ATOM   620 C  CA  . LYS A 1 83  ? 16.580  -4.005  7.561   1.00 40.21 ? 424  LYS A CA  1 
ATOM   621 C  C   . LYS A 1 83  ? 17.660  -4.243  6.499   1.00 41.17 ? 424  LYS A C   1 
ATOM   622 O  O   . LYS A 1 83  ? 18.796  -3.781  6.648   1.00 41.60 ? 424  LYS A O   1 
ATOM   623 C  CB  . LYS A 1 83  ? 17.065  -4.459  8.942   1.00 40.87 ? 424  LYS A CB  1 
ATOM   624 C  CG  . LYS A 1 83  ? 16.323  -3.811  10.102  1.00 41.55 ? 424  LYS A CG  1 
ATOM   625 C  CD  . LYS A 1 83  ? 16.785  -4.365  11.439  1.00 43.73 ? 424  LYS A CD  1 
ATOM   626 C  CE  . LYS A 1 83  ? 15.987  -3.767  12.586  1.00 44.29 ? 424  LYS A CE  1 
ATOM   627 N  NZ  . LYS A 1 83  ? 16.450  -4.269  13.909  1.00 45.00 ? 424  LYS A NZ  1 
ATOM   628 N  N   . SER A 1 84  ? 17.298  -4.952  5.431   1.00 41.44 ? 425  SER A N   1 
ATOM   629 C  CA  . SER A 1 84  ? 18.221  -5.235  4.330   1.00 42.31 ? 425  SER A CA  1 
ATOM   630 C  C   . SER A 1 84  ? 18.497  -3.997  3.475   1.00 42.31 ? 425  SER A C   1 
ATOM   631 O  O   . SER A 1 84  ? 19.592  -3.845  2.930   1.00 42.85 ? 425  SER A O   1 
ATOM   632 C  CB  . SER A 1 84  ? 17.691  -6.376  3.457   1.00 42.98 ? 425  SER A CB  1 
ATOM   633 O  OG  . SER A 1 84  ? 16.531  -5.984  2.743   1.00 43.99 ? 425  SER A OG  1 
ATOM   634 N  N   . GLY A 1 85  ? 17.499  -3.124  3.360   1.00 41.10 ? 426  GLY A N   1 
ATOM   635 C  CA  . GLY A 1 85  ? 17.636  -1.876  2.610   1.00 40.89 ? 426  GLY A CA  1 
ATOM   636 C  C   . GLY A 1 85  ? 17.027  -1.907  1.219   1.00 40.63 ? 426  GLY A C   1 
ATOM   637 O  O   . GLY A 1 85  ? 17.297  -1.027  0.400   1.00 40.63 ? 426  GLY A O   1 
ATOM   638 N  N   . ALA A 1 86  ? 16.201  -2.918  0.956   1.00 40.13 ? 427  ALA A N   1 
ATOM   639 C  CA  . ALA A 1 86  ? 15.583  -3.106  -0.356  1.00 40.30 ? 427  ALA A CA  1 
ATOM   640 C  C   . ALA A 1 86  ? 14.425  -2.139  -0.597  1.00 40.45 ? 427  ALA A C   1 
ATOM   641 O  O   . ALA A 1 86  ? 13.651  -1.847  0.312   1.00 40.87 ? 427  ALA A O   1 
ATOM   642 C  CB  . ALA A 1 86  ? 15.118  -4.545  -0.520  1.00 40.18 ? 427  ALA A CB  1 
ATOM   643 N  N   . LYS A 1 87  ? 14.312  -1.656  -1.831  1.00 41.55 ? 428  LYS A N   1 
ATOM   644 C  CA  . LYS A 1 87  ? 13.266  -0.709  -2.215  1.00 42.16 ? 428  LYS A CA  1 
ATOM   645 C  C   . LYS A 1 87  ? 11.915  -1.407  -2.386  1.00 40.40 ? 428  LYS A C   1 
ATOM   646 O  O   . LYS A 1 87  ? 11.808  -2.405  -3.102  1.00 40.81 ? 428  LYS A O   1 
ATOM   647 C  CB  . LYS A 1 87  ? 13.670  0.018   -3.504  1.00 45.52 ? 428  LYS A CB  1 
ATOM   648 C  CG  . LYS A 1 87  ? 12.628  0.971   -4.070  1.00 48.71 ? 428  LYS A CG  1 
ATOM   649 C  CD  . LYS A 1 87  ? 13.059  1.487   -5.434  1.00 53.32 ? 428  LYS A CD  1 
ATOM   650 C  CE  . LYS A 1 87  ? 11.898  2.120   -6.183  1.00 55.49 ? 428  LYS A CE  1 
ATOM   651 N  NZ  . LYS A 1 87  ? 12.299  2.573   -7.544  1.00 57.19 ? 428  LYS A NZ  1 
ATOM   652 N  N   . TYR A 1 88  ? 10.892  -0.875  -1.719  1.00 37.52 ? 429  TYR A N   1 
ATOM   653 C  CA  . TYR A 1 88  ? 9.529   -1.396  -1.835  1.00 35.10 ? 429  TYR A CA  1 
ATOM   654 C  C   . TYR A 1 88  ? 8.590   -0.346  -2.419  1.00 34.21 ? 429  TYR A C   1 
ATOM   655 O  O   . TYR A 1 88  ? 8.594   0.811   -1.991  1.00 34.64 ? 429  TYR A O   1 
ATOM   656 C  CB  . TYR A 1 88  ? 9.008   -1.884  -0.479  1.00 32.90 ? 429  TYR A CB  1 
ATOM   657 C  CG  . TYR A 1 88  ? 9.797   -3.036  0.100   1.00 31.57 ? 429  TYR A CG  1 
ATOM   658 C  CD1 . TYR A 1 88  ? 9.568   -4.347  -0.320  1.00 31.44 ? 429  TYR A CD1 1 
ATOM   659 C  CD2 . TYR A 1 88  ? 10.775  -2.816  1.068   1.00 31.10 ? 429  TYR A CD2 1 
ATOM   660 C  CE1 . TYR A 1 88  ? 10.292  -5.404  0.210   1.00 31.36 ? 429  TYR A CE1 1 
ATOM   661 C  CE2 . TYR A 1 88  ? 11.506  -3.867  1.602   1.00 30.95 ? 429  TYR A CE2 1 
ATOM   662 C  CZ  . TYR A 1 88  ? 11.260  -5.157  1.168   1.00 31.11 ? 429  TYR A CZ  1 
ATOM   663 O  OH  . TYR A 1 88  ? 11.981  -6.202  1.697   1.00 32.06 ? 429  TYR A OH  1 
ATOM   664 N  N   . THR A 1 89  ? 7.791   -0.762  -3.399  1.00 33.82 ? 430  THR A N   1 
ATOM   665 C  CA  . THR A 1 89  ? 6.888   0.147   -4.098  1.00 33.74 ? 430  THR A CA  1 
ATOM   666 C  C   . THR A 1 89  ? 5.443   -0.341  -4.029  1.00 33.25 ? 430  THR A C   1 
ATOM   667 O  O   . THR A 1 89  ? 5.141   -1.482  -4.390  1.00 33.49 ? 430  THR A O   1 
ATOM   668 C  CB  . THR A 1 89  ? 7.306   0.331   -5.575  1.00 34.82 ? 430  THR A CB  1 
ATOM   669 O  OG1 . THR A 1 89  ? 8.709   0.612   -5.650  1.00 34.83 ? 430  THR A OG1 1 
ATOM   670 C  CG2 . THR A 1 89  ? 6.531   1.474   -6.226  1.00 34.28 ? 430  THR A CG2 1 
ATOM   671 N  N   . CYS A 1 90  ? 4.561   0.533   -3.550  1.00 32.72 ? 431  CYS A N   1 
ATOM   672 C  CA  . CYS A 1 90  ? 3.126   0.286   -3.584  1.00 32.19 ? 431  CYS A CA  1 
ATOM   673 C  C   . CYS A 1 90  ? 2.520   1.032   -4.766  1.00 31.83 ? 431  CYS A C   1 
ATOM   674 O  O   . CYS A 1 90  ? 2.643   2.255   -4.868  1.00 32.04 ? 431  CYS A O   1 
ATOM   675 C  CB  . CYS A 1 90  ? 2.459   0.723   -2.277  1.00 31.57 ? 431  CYS A CB  1 
ATOM   676 S  SG  . CYS A 1 90  ? 0.663   0.505   -2.261  1.00 30.51 ? 431  CYS A SG  1 
ATOM   677 N  N   . THR A 1 91  ? 1.880   0.287   -5.662  1.00 31.07 ? 432  THR A N   1 
ATOM   678 C  CA  . THR A 1 91  ? 1.248   0.870   -6.844  1.00 30.90 ? 432  THR A CA  1 
ATOM   679 C  C   . THR A 1 91  ? -0.229  0.493   -6.931  1.00 30.39 ? 432  THR A C   1 
ATOM   680 O  O   . THR A 1 91  ? -0.587  -0.686  -6.878  1.00 30.70 ? 432  THR A O   1 
ATOM   681 C  CB  . THR A 1 91  ? 2.008   0.517   -8.151  1.00 31.52 ? 432  THR A CB  1 
ATOM   682 O  OG1 . THR A 1 91  ? 1.200   0.845   -9.289  1.00 31.44 ? 432  THR A OG1 1 
ATOM   683 C  CG2 . THR A 1 91  ? 2.382   -0.961  -8.206  1.00 31.81 ? 432  THR A CG2 1 
ATOM   684 N  N   . ALA A 1 92  ? -1.077  1.510   -7.052  1.00 30.13 ? 433  ALA A N   1 
ATOM   685 C  CA  . ALA A 1 92  ? -2.522  1.317   -7.122  1.00 30.29 ? 433  ALA A CA  1 
ATOM   686 C  C   . ALA A 1 92  ? -3.069  1.679   -8.497  1.00 31.71 ? 433  ALA A C   1 
ATOM   687 O  O   . ALA A 1 92  ? -2.895  2.805   -8.973  1.00 32.35 ? 433  ALA A O   1 
ATOM   688 C  CB  . ALA A 1 92  ? -3.222  2.121   -6.036  1.00 29.74 ? 433  ALA A CB  1 
ATOM   689 N  N   . SER A 1 93  ? -3.722  0.709   -9.130  1.00 31.69 ? 434  SER A N   1 
ATOM   690 C  CA  . SER A 1 93  ? -4.349  0.906   -10.431 1.00 32.67 ? 434  SER A CA  1 
ATOM   691 C  C   . SER A 1 93  ? -5.841  1.175   -10.258 1.00 30.58 ? 434  SER A C   1 
ATOM   692 O  O   . SER A 1 93  ? -6.553  0.393   -9.623  1.00 30.38 ? 434  SER A O   1 
ATOM   693 C  CB  . SER A 1 93  ? -4.123  -0.316  -11.325 1.00 32.27 ? 434  SER A CB  1 
ATOM   694 O  OG  . SER A 1 93  ? -4.636  -0.100  -12.628 1.00 35.99 ? 434  SER A OG  1 
ATOM   695 N  N   . HIS A 1 94  ? -6.299  2.291   -10.819 1.00 28.65 ? 435  HIS A N   1 
ATOM   696 C  CA  . HIS A 1 94  ? -7.698  2.697   -10.726 1.00 27.13 ? 435  HIS A CA  1 
ATOM   697 C  C   . HIS A 1 94  ? -8.294  2.859   -12.128 1.00 27.76 ? 435  HIS A C   1 
ATOM   698 O  O   . HIS A 1 94  ? -8.190  3.932   -12.729 1.00 27.93 ? 435  HIS A O   1 
ATOM   699 C  CB  . HIS A 1 94  ? -7.816  3.992   -9.913  1.00 25.82 ? 435  HIS A CB  1 
ATOM   700 C  CG  . HIS A 1 94  ? -9.225  4.408   -9.622  1.00 24.77 ? 435  HIS A CG  1 
ATOM   701 N  ND1 . HIS A 1 94  ? -9.812  5.506   -10.214 1.00 24.85 ? 435  HIS A ND1 1 
ATOM   702 C  CD2 . HIS A 1 94  ? -10.161 3.881   -8.798  1.00 24.19 ? 435  HIS A CD2 1 
ATOM   703 C  CE1 . HIS A 1 94  ? -11.050 5.635   -9.769  1.00 24.02 ? 435  HIS A CE1 1 
ATOM   704 N  NE2 . HIS A 1 94  ? -11.286 4.660   -8.910  1.00 23.82 ? 435  HIS A NE2 1 
ATOM   705 N  N   . PRO A 1 95  ? -8.910  1.779   -12.657 1.00 28.25 ? 436  PRO A N   1 
ATOM   706 C  CA  . PRO A 1 95  ? -9.504  1.754   -14.002 1.00 29.34 ? 436  PRO A CA  1 
ATOM   707 C  C   . PRO A 1 95  ? -10.563 2.831   -14.324 1.00 30.35 ? 436  PRO A C   1 
ATOM   708 O  O   . PRO A 1 95  ? -10.578 3.319   -15.457 1.00 30.73 ? 436  PRO A O   1 
ATOM   709 C  CB  . PRO A 1 95  ? -10.112 0.348   -14.092 1.00 28.89 ? 436  PRO A CB  1 
ATOM   710 C  CG  . PRO A 1 95  ? -9.271  -0.470  -13.178 1.00 28.32 ? 436  PRO A CG  1 
ATOM   711 C  CD  . PRO A 1 95  ? -8.932  0.441   -12.033 1.00 27.96 ? 436  PRO A CD  1 
ATOM   712 N  N   . PRO A 1 96  ? -11.446 3.195   -13.361 1.00 30.72 ? 437  PRO A N   1 
ATOM   713 C  CA  . PRO A 1 96  ? -12.450 4.218   -13.687 1.00 31.88 ? 437  PRO A CA  1 
ATOM   714 C  C   . PRO A 1 96  ? -11.876 5.573   -14.111 1.00 33.60 ? 437  PRO A C   1 
ATOM   715 O  O   . PRO A 1 96  ? -12.422 6.212   -15.013 1.00 34.37 ? 437  PRO A O   1 
ATOM   716 C  CB  . PRO A 1 96  ? -13.236 4.363   -12.383 1.00 30.87 ? 437  PRO A CB  1 
ATOM   717 C  CG  . PRO A 1 96  ? -13.102 3.036   -11.726 1.00 30.08 ? 437  PRO A CG  1 
ATOM   718 C  CD  . PRO A 1 96  ? -11.697 2.611   -12.028 1.00 30.00 ? 437  PRO A CD  1 
ATOM   719 N  N   . SER A 1 97  ? -10.793 6.003   -13.467 1.00 34.62 ? 438  SER A N   1 
ATOM   720 C  CA  . SER A 1 97  ? -10.128 7.258   -13.821 1.00 36.69 ? 438  SER A CA  1 
ATOM   721 C  C   . SER A 1 97  ? -8.958  7.028   -14.781 1.00 39.39 ? 438  SER A C   1 
ATOM   722 O  O   . SER A 1 97  ? -8.312  7.985   -15.218 1.00 39.59 ? 438  SER A O   1 
ATOM   723 C  CB  . SER A 1 97  ? -9.653  7.994   -12.564 1.00 35.15 ? 438  SER A CB  1 
ATOM   724 O  OG  . SER A 1 97  ? -8.633  7.269   -11.898 1.00 34.10 ? 438  SER A OG  1 
ATOM   725 N  N   . GLN A 1 98  ? -8.709  5.758   -15.105 1.00 42.34 ? 439  GLN A N   1 
ATOM   726 C  CA  . GLN A 1 98  ? -7.596  5.334   -15.970 1.00 45.94 ? 439  GLN A CA  1 
ATOM   727 C  C   . GLN A 1 98  ? -6.246  5.888   -15.503 1.00 45.24 ? 439  GLN A C   1 
ATOM   728 O  O   . GLN A 1 98  ? -5.472  6.430   -16.295 1.00 46.17 ? 439  GLN A O   1 
ATOM   729 C  CB  . GLN A 1 98  ? -7.865  5.691   -17.440 1.00 49.73 ? 439  GLN A CB  1 
ATOM   730 C  CG  . GLN A 1 98  ? -8.909  4.816   -18.119 1.00 55.85 ? 439  GLN A CG  1 
ATOM   731 C  CD  . GLN A 1 98  ? -9.122  5.171   -19.581 1.00 60.90 ? 439  GLN A CD  1 
ATOM   732 O  OE1 . GLN A 1 98  ? -9.058  4.304   -20.454 1.00 62.41 ? 439  GLN A OE1 1 
ATOM   733 N  NE2 . GLN A 1 98  ? -9.378  6.446   -19.855 1.00 60.87 ? 439  GLN A NE2 1 
ATOM   734 N  N   . SER A 1 99  ? -5.978  5.738   -14.208 1.00 42.38 ? 440  SER A N   1 
ATOM   735 C  CA  . SER A 1 99  ? -4.763  6.272   -13.599 1.00 40.55 ? 440  SER A CA  1 
ATOM   736 C  C   . SER A 1 99  ? -4.045  5.237   -12.738 1.00 38.57 ? 440  SER A C   1 
ATOM   737 O  O   . SER A 1 99  ? -4.672  4.339   -12.170 1.00 38.18 ? 440  SER A O   1 
ATOM   738 C  CB  . SER A 1 99  ? -5.085  7.515   -12.766 1.00 39.92 ? 440  SER A CB  1 
ATOM   739 O  OG  . SER A 1 99  ? -5.955  7.200   -11.692 1.00 39.63 ? 440  SER A OG  1 
ATOM   740 N  N   . THR A 1 100 ? -2.725  5.380   -12.651 1.00 37.88 ? 441  THR A N   1 
ATOM   741 C  CA  . THR A 1 100 ? -1.895  4.519   -11.817 1.00 36.95 ? 441  THR A CA  1 
ATOM   742 C  C   . THR A 1 100 ? -0.965  5.381   -10.965 1.00 36.71 ? 441  THR A C   1 
ATOM   743 O  O   . THR A 1 100 ? -0.091  6.077   -11.490 1.00 37.38 ? 441  THR A O   1 
ATOM   744 C  CB  . THR A 1 100 ? -1.073  3.525   -12.665 1.00 37.13 ? 441  THR A CB  1 
ATOM   745 O  OG1 . THR A 1 100 ? -1.937  2.846   -13.585 1.00 37.17 ? 441  THR A OG1 1 
ATOM   746 C  CG2 . THR A 1 100 ? -0.381  2.496   -11.781 1.00 36.28 ? 441  THR A CG2 1 
ATOM   747 N  N   . VAL A 1 101 ? -1.171  5.339   -9.652  1.00 36.13 ? 442  VAL A N   1 
ATOM   748 C  CA  . VAL A 1 101 ? -0.337  6.083   -8.708  1.00 36.41 ? 442  VAL A CA  1 
ATOM   749 C  C   . VAL A 1 101 ? 0.623   5.157   -7.964  1.00 35.98 ? 442  VAL A C   1 
ATOM   750 O  O   . VAL A 1 101 ? 0.268   4.027   -7.618  1.00 35.18 ? 442  VAL A O   1 
ATOM   751 C  CB  . VAL A 1 101 ? -1.175  6.909   -7.703  1.00 36.71 ? 442  VAL A CB  1 
ATOM   752 C  CG1 . VAL A 1 101 ? -1.661  8.200   -8.348  1.00 36.71 ? 442  VAL A CG1 1 
ATOM   753 C  CG2 . VAL A 1 101 ? -2.345  6.098   -7.163  1.00 36.76 ? 442  VAL A CG2 1 
ATOM   754 N  N   . LYS A 1 102 ? 1.839   5.646   -7.736  1.00 37.30 ? 443  LYS A N   1 
ATOM   755 C  CA  . LYS A 1 102 ? 2.891   4.866   -7.087  1.00 38.14 ? 443  LYS A CA  1 
ATOM   756 C  C   . LYS A 1 102 ? 3.440   5.580   -5.857  1.00 36.46 ? 443  LYS A C   1 
ATOM   757 O  O   . LYS A 1 102 ? 3.456   6.812   -5.797  1.00 36.55 ? 443  LYS A O   1 
ATOM   758 C  CB  . LYS A 1 102 ? 4.035   4.586   -8.065  1.00 42.15 ? 443  LYS A CB  1 
ATOM   759 C  CG  . LYS A 1 102 ? 3.678   3.664   -9.220  1.00 48.14 ? 443  LYS A CG  1 
ATOM   760 C  CD  . LYS A 1 102 ? 4.881   3.416   -10.117 1.00 55.07 ? 443  LYS A CD  1 
ATOM   761 C  CE  . LYS A 1 102 ? 4.559   2.435   -11.234 1.00 60.53 ? 443  LYS A CE  1 
ATOM   762 N  NZ  . LYS A 1 102 ? 4.375   1.042   -10.737 1.00 58.64 ? 443  LYS A NZ  1 
ATOM   763 N  N   . ARG A 1 103 ? 3.887   4.797   -4.878  1.00 35.43 ? 444  ARG A N   1 
ATOM   764 C  CA  . ARG A 1 103 ? 4.583   5.335   -3.715  1.00 35.70 ? 444  ARG A CA  1 
ATOM   765 C  C   . ARG A 1 103 ? 5.748   4.428   -3.337  1.00 34.29 ? 444  ARG A C   1 
ATOM   766 O  O   . ARG A 1 103 ? 5.634   3.201   -3.395  1.00 33.68 ? 444  ARG A O   1 
ATOM   767 C  CB  . ARG A 1 103 ? 3.626   5.519   -2.534  1.00 37.21 ? 444  ARG A CB  1 
ATOM   768 C  CG  . ARG A 1 103 ? 3.768   6.866   -1.840  1.00 40.70 ? 444  ARG A CG  1 
ATOM   769 C  CD  . ARG A 1 103 ? 2.995   7.947   -2.583  1.00 43.86 ? 444  ARG A CD  1 
ATOM   770 N  NE  . ARG A 1 103 ? 3.607   9.269   -2.458  1.00 48.44 ? 444  ARG A NE  1 
ATOM   771 C  CZ  . ARG A 1 103 ? 3.337   10.145  -1.492  1.00 49.78 ? 444  ARG A CZ  1 
ATOM   772 N  NH1 . ARG A 1 103 ? 3.953   11.319  -1.478  1.00 51.04 ? 444  ARG A NH1 1 
ATOM   773 N  NH2 . ARG A 1 103 ? 2.461   9.854   -0.539  1.00 47.75 ? 444  ARG A NH2 1 
ATOM   774 N  N   . VAL A 1 104 ? 6.867   5.041   -2.960  1.00 33.84 ? 445  VAL A N   1 
ATOM   775 C  CA  . VAL A 1 104 ? 8.107   4.316   -2.682  1.00 33.58 ? 445  VAL A CA  1 
ATOM   776 C  C   . VAL A 1 104 ? 8.577   4.565   -1.248  1.00 33.13 ? 445  VAL A C   1 
ATOM   777 O  O   . VAL A 1 104 ? 8.532   5.696   -0.758  1.00 33.42 ? 445  VAL A O   1 
ATOM   778 C  CB  . VAL A 1 104 ? 9.223   4.717   -3.681  1.00 34.52 ? 445  VAL A CB  1 
ATOM   779 C  CG1 . VAL A 1 104 ? 10.560  4.092   -3.304  1.00 34.34 ? 445  VAL A CG1 1 
ATOM   780 C  CG2 . VAL A 1 104 ? 8.842   4.327   -5.103  1.00 34.27 ? 445  VAL A CG2 1 
ATOM   781 N  N   . ILE A 1 105 ? 9.019   3.500   -0.583  1.00 32.02 ? 446  ILE A N   1 
ATOM   782 C  CA  . ILE A 1 105 ? 9.642   3.612   0.735   1.00 31.84 ? 446  ILE A CA  1 
ATOM   783 C  C   . ILE A 1 105 ? 11.001  2.905   0.769   1.00 34.38 ? 446  ILE A C   1 
ATOM   784 O  O   . ILE A 1 105 ? 11.167  1.826   0.192   1.00 34.63 ? 446  ILE A O   1 
ATOM   785 C  CB  . ILE A 1 105 ? 8.714   3.103   1.870   1.00 29.32 ? 446  ILE A CB  1 
ATOM   786 C  CG1 . ILE A 1 105 ? 9.173   3.645   3.230   1.00 28.74 ? 446  ILE A CG1 1 
ATOM   787 C  CG2 . ILE A 1 105 ? 8.609   1.579   1.871   1.00 29.39 ? 446  ILE A CG2 1 
ATOM   788 C  CD1 . ILE A 1 105 ? 8.105   3.626   4.302   1.00 27.59 ? 446  ILE A CD1 1 
ATOM   789 N  N   . ARG A 1 106 ? 11.970  3.534   1.428   1.00 39.12 ? 447  ARG A N   1 
ATOM   790 C  CA  . ARG A 1 106 ? 13.270  2.911   1.657   1.00 44.32 ? 447  ARG A CA  1 
ATOM   791 C  C   . ARG A 1 106 ? 13.489  2.679   3.151   1.00 46.17 ? 447  ARG A C   1 
ATOM   792 O  O   . ARG A 1 106 ? 12.912  3.370   3.994   1.00 45.97 ? 447  ARG A O   1 
ATOM   793 C  CB  . ARG A 1 106 ? 14.401  3.732   1.035   1.00 48.23 ? 447  ARG A CB  1 
ATOM   794 C  CG  . ARG A 1 106 ? 15.449  2.874   0.341   1.00 51.68 ? 447  ARG A CG  1 
ATOM   795 C  CD  . ARG A 1 106 ? 16.297  3.687   -0.623  1.00 55.29 ? 447  ARG A CD  1 
ATOM   796 N  NE  . ARG A 1 106 ? 16.814  2.867   -1.719  1.00 56.94 ? 447  ARG A NE  1 
ATOM   797 C  CZ  . ARG A 1 106 ? 16.275  2.803   -2.935  1.00 57.27 ? 447  ARG A CZ  1 
ATOM   798 N  NH1 . ARG A 1 106 ? 16.821  2.024   -3.860  1.00 57.83 ? 447  ARG A NH1 1 
ATOM   799 N  NH2 . ARG A 1 106 ? 15.194  3.514   -3.233  1.00 57.12 ? 447  ARG A NH2 1 
ATOM   800 N  N   . ASN A 1 107 ? 14.341  1.707   3.461   1.00 49.81 ? 448  ASN A N   1 
ATOM   801 C  CA  . ASN A 1 107 ? 14.391  1.090   4.784   1.00 52.30 ? 448  ASN A CA  1 
ATOM   802 C  C   . ASN A 1 107 ? 15.284  1.790   5.801   1.00 54.40 ? 448  ASN A C   1 
ATOM   803 O  O   . ASN A 1 107 ? 16.118  2.626   5.445   1.00 53.30 ? 448  ASN A O   1 
ATOM   804 C  CB  . ASN A 1 107 ? 14.831  -0.372  4.654   1.00 54.26 ? 448  ASN A CB  1 
ATOM   805 C  CG  . ASN A 1 107 ? 14.335  -1.028  3.376   1.00 56.31 ? 448  ASN A CG  1 
ATOM   806 O  OD1 . ASN A 1 107 ? 14.316  -0.410  2.312   1.00 56.65 ? 448  ASN A OD1 1 
ATOM   807 N  ND2 . ASN A 1 107 ? 13.951  -2.296  3.473   1.00 54.98 ? 448  ASN A ND2 1 
ATOM   808 N  N   . GLN A 1 108 ? 15.090  1.433   7.070   1.00 55.30 ? 449  GLN A N   1 
ATOM   809 C  CA  . GLN A 1 108 ? 15.978  1.839   8.157   1.00 55.93 ? 449  GLN A CA  1 
ATOM   810 C  C   . GLN A 1 108 ? 15.915  0.840   9.311   1.00 35.73 ? 449  GLN A C   1 
ATOM   811 O  O   . GLN A 1 108 ? 15.464  -0.295  9.143   1.00 31.98 ? 449  GLN A O   1 
ATOM   812 C  CB  . GLN A 1 108 ? 15.634  3.247   8.654   1.00 63.92 ? 449  GLN A CB  1 
ATOM   813 C  CG  . GLN A 1 108 ? 16.835  4.026   9.177   1.00 68.00 ? 449  GLN A CG  1 
ATOM   814 C  CD  . GLN A 1 108 ? 17.858  4.338   8.095   1.00 70.51 ? 449  GLN A CD  1 
ATOM   815 O  OE1 . GLN A 1 108 ? 19.046  4.055   8.251   1.00 70.74 ? 449  GLN A OE1 1 
ATOM   816 N  NE2 . GLN A 1 108 ? 17.399  4.918   6.990   1.00 70.44 ? 449  GLN A NE2 1 
HETATM 817 C  C1  . PG4 B 2 .   ? -21.118 0.197   -2.861  1.00 31.20 ? 901  PG4 A C1  1 
HETATM 818 C  C2  . PG4 B 2 .   ? -22.426 0.921   -3.258  1.00 32.05 ? 901  PG4 A C2  1 
HETATM 819 O  O2  . PG4 B 2 .   ? -22.671 1.944   -2.275  1.00 32.66 ? 901  PG4 A O2  1 
HETATM 820 C  C3  . PG4 B 2 .   ? -22.787 3.263   -2.838  1.00 31.29 ? 901  PG4 A C3  1 
HETATM 821 C  C4  . PG4 B 2 .   ? -21.648 4.156   -2.287  1.00 30.59 ? 901  PG4 A C4  1 
HETATM 822 O  O3  . PG4 B 2 .   ? -21.238 5.208   -3.184  1.00 30.15 ? 901  PG4 A O3  1 
HETATM 823 C  C5  . PG4 B 2 .   ? -21.434 6.537   -2.665  1.00 30.27 ? 901  PG4 A C5  1 
HETATM 824 C  C6  . PG4 B 2 .   ? -20.630 7.525   -3.541  1.00 30.06 ? 901  PG4 A C6  1 
HETATM 825 O  O4  . PG4 B 2 .   ? -19.253 7.112   -3.562  1.00 28.92 ? 901  PG4 A O4  1 
HETATM 826 O  O1  . PG4 C 2 .   ? -13.496 13.746  4.850   1.00 37.09 ? 902  PG4 A O1  1 
HETATM 827 C  C1  . PG4 C 2 .   ? -12.896 12.453  4.652   1.00 35.56 ? 902  PG4 A C1  1 
HETATM 828 C  C2  . PG4 C 2 .   ? -11.831 12.568  3.531   1.00 34.74 ? 902  PG4 A C2  1 
HETATM 829 O  O2  . PG4 C 2 .   ? -10.951 11.428  3.425   1.00 33.67 ? 902  PG4 A O2  1 
HETATM 830 C  C3  . PG4 C 2 .   ? -10.733 10.904  2.096   1.00 32.75 ? 902  PG4 A C3  1 
HETATM 831 C  C4  . PG4 C 2 .   ? -9.549  11.545  1.324   1.00 32.87 ? 902  PG4 A C4  1 
HETATM 832 O  O3  . PG4 C 2 .   ? -8.665  12.168  2.277   1.00 32.92 ? 902  PG4 A O3  1 
HETATM 833 C  C5  . PG4 C 2 .   ? -7.596  12.918  1.672   1.00 32.61 ? 902  PG4 A C5  1 
HETATM 834 C  C6  . PG4 C 2 .   ? -6.239  12.267  2.039   1.00 32.23 ? 902  PG4 A C6  1 
HETATM 835 O  O4  . PG4 C 2 .   ? -5.800  12.538  3.384   1.00 32.18 ? 902  PG4 A O4  1 
HETATM 836 C  C7  . PG4 C 2 .   ? -5.152  11.427  4.032   1.00 31.78 ? 902  PG4 A C7  1 
HETATM 837 C  C8  . PG4 C 2 .   ? -4.769  11.883  5.458   1.00 32.34 ? 902  PG4 A C8  1 
HETATM 838 O  O5  . PG4 C 2 .   ? -5.035  10.807  6.374   1.00 33.11 ? 902  PG4 A O5  1 
HETATM 839 CL CL  . CL  D 3 .   ? -3.853  8.274   6.110   1.00 31.69 ? 903  CL  A CL  1 
HETATM 840 CL CL  . CL  E 3 .   ? 3.110   10.645  3.713   1.00 38.22 ? 904  CL  A CL  1 
HETATM 841 NA NA  . NA  F 4 .   ? 2.996   -0.167  8.980   1.00 32.26 ? 905  NA  A NA  1 
HETATM 842 O  O   . HOH G 5 .   ? 4.023   -3.934  -8.300  1.00 42.07 ? 1001 HOH A O   1 
HETATM 843 O  O   . HOH G 5 .   ? -1.769  -3.736  10.348  1.00 45.72 ? 1002 HOH A O   1 
HETATM 844 O  O   . HOH G 5 .   ? -15.546 -5.285  -13.159 1.00 19.78 ? 1003 HOH A O   1 
HETATM 845 O  O   . HOH G 5 .   ? -17.992 -0.877  -2.669  0.50 99.23 ? 1004 HOH A O   1 
HETATM 846 O  O   . HOH G 5 .   ? -7.397  -8.055  10.207  1.00 50.25 ? 1005 HOH A O   1 
HETATM 847 O  O   . HOH G 5 .   ? 3.888   8.294   1.583   1.00 22.13 ? 1006 HOH A O   1 
HETATM 848 O  O   . HOH G 5 .   ? 6.508   -12.987 -3.725  1.00 33.12 ? 1007 HOH A O   1 
HETATM 849 O  O   . HOH G 5 .   ? -16.859 -1.448  -8.755  1.00 24.16 ? 1008 HOH A O   1 
HETATM 850 O  O   . HOH G 5 .   ? -6.799  11.267  -1.143  1.00 28.51 ? 1009 HOH A O   1 
HETATM 851 O  O   . HOH G 5 .   ? 19.192  0.622   8.279   1.00 43.47 ? 1010 HOH A O   1 
HETATM 852 O  O   . HOH G 5 .   ? -8.347  4.682   7.900   1.00 28.10 ? 1011 HOH A O   1 
HETATM 853 O  O   . HOH G 5 .   ? -15.413 9.385   6.584   1.00 22.41 ? 1012 HOH A O   1 
# 
loop_
_atom_site_anisotrop.id 
_atom_site_anisotrop.type_symbol 
_atom_site_anisotrop.pdbx_label_atom_id 
_atom_site_anisotrop.pdbx_label_alt_id 
_atom_site_anisotrop.pdbx_label_comp_id 
_atom_site_anisotrop.pdbx_label_asym_id 
_atom_site_anisotrop.pdbx_label_seq_id 
_atom_site_anisotrop.pdbx_PDB_ins_code 
_atom_site_anisotrop.U[1][1] 
_atom_site_anisotrop.U[2][2] 
_atom_site_anisotrop.U[3][3] 
_atom_site_anisotrop.U[1][2] 
_atom_site_anisotrop.U[1][3] 
_atom_site_anisotrop.U[2][3] 
_atom_site_anisotrop.pdbx_auth_seq_id 
_atom_site_anisotrop.pdbx_auth_comp_id 
_atom_site_anisotrop.pdbx_auth_asym_id 
_atom_site_anisotrop.pdbx_auth_atom_id 
1   N  N   . VAL A 4   ? 0.9929 1.0587 0.9885 0.0602  -0.0400 0.0151  345  VAL A N   
2   C  CA  . VAL A 4   ? 0.9627 1.0685 0.9868 0.0373  -0.0348 0.0368  345  VAL A CA  
3   C  C   . VAL A 4   ? 0.8839 0.9917 0.9065 0.0683  -0.1008 0.0229  345  VAL A C   
4   O  O   . VAL A 4   ? 0.8684 1.0257 0.9241 0.0587  -0.0676 0.0563  345  VAL A O   
5   C  CB  . VAL A 4   ? 1.0515 1.0973 1.0474 0.0479  -0.0536 -0.0063 345  VAL A CB  
6   C  CG1 . VAL A 4   ? 1.0511 1.1019 1.0377 0.0477  -0.0518 0.0022  345  VAL A CG1 
7   C  CG2 . VAL A 4   ? 1.0443 1.1383 1.0488 0.0452  -0.0416 -0.0120 345  VAL A CG2 
8   N  N   . GLU A 5   ? 0.7882 0.8564 0.8181 0.0568  -0.0121 0.0448  346  GLU A N   
9   C  CA  . GLU A 5   ? 0.7199 0.7993 0.6982 0.0981  -0.0808 0.0508  346  GLU A CA  
10  C  C   . GLU A 5   ? 0.5950 0.6064 0.5690 0.0475  0.0078  -0.0100 346  GLU A C   
11  O  O   . GLU A 5   ? 0.5968 0.6342 0.5633 0.0420  -0.0270 0.0195  346  GLU A O   
12  C  CB  . GLU A 5   ? 0.8310 0.8150 0.8498 0.0770  -0.0590 0.0208  346  GLU A CB  
13  C  CG  . GLU A 5   ? 1.0033 0.9775 0.8763 0.0571  -0.0220 0.0753  346  GLU A CG  
14  C  CD  . GLU A 5   ? 1.0095 1.0282 0.9751 0.0611  -0.0182 0.0792  346  GLU A CD  
15  O  OE1 . GLU A 5   ? 0.9984 1.0213 0.9628 0.0594  -0.0373 0.0835  346  GLU A OE1 
16  O  OE2 . GLU A 5   ? 1.0114 1.0396 0.9865 0.0505  -0.0209 0.0810  346  GLU A OE2 
17  N  N   . PRO A 6   ? 0.4870 0.5587 0.4503 0.0325  -0.0434 0.0402  347  PRO A N   
18  C  CA  . PRO A 6   ? 0.4482 0.5068 0.4174 0.0185  -0.0214 0.0165  347  PRO A CA  
19  C  C   . PRO A 6   ? 0.4310 0.4799 0.4024 0.0293  -0.0206 0.0373  347  PRO A C   
20  O  O   . PRO A 6   ? 0.4133 0.4792 0.4138 0.0236  -0.0265 0.0360  347  PRO A O   
21  C  CB  . PRO A 6   ? 0.4572 0.5082 0.4077 0.0306  -0.0265 0.0224  347  PRO A CB  
22  C  CG  . PRO A 6   ? 0.4711 0.5293 0.4155 0.0383  -0.0326 0.0308  347  PRO A CG  
23  C  CD  . PRO A 6   ? 0.4752 0.5453 0.4554 0.0439  -0.0283 0.0253  347  PRO A CD  
24  N  N   . THR A 7   ? 0.3962 0.4422 0.3963 0.0154  -0.0183 0.0245  348  THR A N   
25  C  CA  . THR A 7   ? 0.3896 0.4166 0.3761 0.0216  -0.0112 0.0298  348  THR A CA  
26  C  C   . THR A 7   ? 0.3834 0.4116 0.3765 0.0148  -0.0148 0.0358  348  THR A C   
27  O  O   . THR A 7   ? 0.3773 0.4052 0.3639 0.0238  -0.0181 0.0321  348  THR A O   
28  C  CB  . THR A 7   ? 0.3780 0.3949 0.3758 0.0210  -0.0193 0.0290  348  THR A CB  
29  O  OG1 . THR A 7   ? 0.3706 0.4035 0.3740 0.0123  -0.0198 0.0240  348  THR A OG1 
30  C  CG2 . THR A 7   ? 0.3679 0.4014 0.3764 0.0214  -0.0221 0.0302  348  THR A CG2 
31  N  N   . LYS A 8   ? 0.3901 0.4398 0.3936 0.0059  -0.0048 0.0343  349  LYS A N   
32  C  CA  . LYS A 8   ? 0.4072 0.4513 0.4078 0.0194  -0.0123 0.0329  349  LYS A CA  
33  C  C   . LYS A 8   ? 0.3742 0.4220 0.3993 0.0098  0.0019  0.0259  349  LYS A C   
34  O  O   . LYS A 8   ? 0.3634 0.4259 0.3969 0.0118  0.0059  0.0252  349  LYS A O   
35  C  CB  . LYS A 8   ? 0.4399 0.5293 0.4535 0.0086  0.0169  0.0558  349  LYS A CB  
36  C  CG  . LYS A 8   ? 0.5426 0.5352 0.5307 -0.0086 0.0051  0.0529  349  LYS A CG  
37  C  CD  . LYS A 8   ? 0.5587 0.6408 0.6430 -0.0176 0.0345  0.0879  349  LYS A CD  
38  C  CE  . LYS A 8   ? 0.5901 0.7324 0.6436 -0.0104 0.0185  0.0733  349  LYS A CE  
39  N  NZ  . LYS A 8   ? 0.6085 0.7439 0.6549 0.0183  0.0143  0.0588  349  LYS A NZ  
40  N  N   . PRO A 9   ? 0.3614 0.4115 0.3714 0.0011  0.0037  0.0162  350  PRO A N   
41  C  CA  . PRO A 9   ? 0.3524 0.3962 0.3722 0.0004  0.0039  0.0170  350  PRO A CA  
42  C  C   . PRO A 9   ? 0.3549 0.4002 0.3882 -0.0019 0.0021  0.0171  350  PRO A C   
43  O  O   . PRO A 9   ? 0.3524 0.4016 0.3799 0.0046  -0.0019 0.0202  350  PRO A O   
44  C  CB  . PRO A 9   ? 0.3423 0.3961 0.3478 0.0034  0.0054  0.0088  350  PRO A CB  
45  C  CG  . PRO A 9   ? 0.3429 0.3929 0.3476 0.0052  0.0054  0.0081  350  PRO A CG  
46  C  CD  . PRO A 9   ? 0.3536 0.4104 0.3584 0.0085  0.0028  0.0208  350  PRO A CD  
47  N  N   . HIS A 10  ? 0.3790 0.4093 0.3931 -0.0007 0.0005  0.0074  351  HIS A N   
48  C  CA  . HIS A 10  ? 0.3865 0.4341 0.4275 -0.0145 -0.0099 0.0185  351  HIS A CA  
49  C  C   . HIS A 10  ? 0.3512 0.3998 0.4077 -0.0188 0.0013  -0.0014 351  HIS A C   
50  O  O   . HIS A 10  ? 0.3673 0.3882 0.3959 -0.0191 -0.0054 0.0043  351  HIS A O   
51  C  CB  . HIS A 10  ? 0.4721 0.4704 0.5132 -0.0174 0.0041  -0.0362 351  HIS A CB  
52  C  CG  . HIS A 10  ? 0.5817 0.5349 0.5423 0.0172  -0.0174 -0.0133 351  HIS A CG  
53  N  ND1 . HIS A 10  ? 0.5923 0.5953 0.5789 -0.0055 0.0192  -0.0283 351  HIS A ND1 
54  C  CD2 . HIS A 10  ? 0.5759 0.5752 0.5934 0.0252  -0.0017 -0.0426 351  HIS A CD2 
55  C  CE1 . HIS A 10  ? 0.6528 0.5980 0.6057 0.0180  0.0152  -0.0171 351  HIS A CE1 
56  N  NE2 . HIS A 10  ? 0.6421 0.6004 0.6130 0.0274  0.0042  -0.0230 351  HIS A NE2 
57  N  N   . LEU A 11  ? 0.3503 0.3708 0.3754 -0.0145 -0.0024 0.0084  352  LEU A N   
58  C  CA  . LEU A 11  ? 0.3239 0.3599 0.3599 -0.0231 -0.0032 -0.0023 352  LEU A CA  
59  C  C   . LEU A 11  ? 0.3102 0.3301 0.3538 -0.0162 0.0015  0.0033  352  LEU A C   
60  O  O   . LEU A 11  ? 0.3145 0.3342 0.3710 -0.0222 0.0007  -0.0014 352  LEU A O   
61  C  CB  . LEU A 11  ? 0.3362 0.3713 0.3667 -0.0116 0.0058  0.0049  352  LEU A CB  
62  C  CG  . LEU A 11  ? 0.3459 0.3861 0.3662 -0.0125 0.0057  0.0014  352  LEU A CG  
63  C  CD1 . LEU A 11  ? 0.3486 0.4017 0.3744 -0.0027 0.0080  0.0041  352  LEU A CD1 
64  C  CD2 . LEU A 11  ? 0.3481 0.3828 0.3632 -0.0135 0.0086  -0.0004 352  LEU A CD2 
65  N  N   . ARG A 12  ? 0.2810 0.3154 0.3319 -0.0207 -0.0084 -0.0164 353  ARG A N   
66  C  CA  . ARG A 12  ? 0.2682 0.2946 0.3253 -0.0180 -0.0010 -0.0155 353  ARG A CA  
67  C  C   . ARG A 12  ? 0.2541 0.2970 0.3174 -0.0197 -0.0046 -0.0165 353  ARG A C   
68  O  O   . ARG A 12  ? 0.2606 0.2939 0.3177 -0.0182 -0.0046 -0.0147 353  ARG A O   
69  C  CB  . ARG A 12  ? 0.2635 0.2782 0.3226 -0.0166 -0.0115 -0.0202 353  ARG A CB  
70  C  CG  . ARG A 12  ? 0.2634 0.2764 0.3249 -0.0198 -0.0159 -0.0238 353  ARG A CG  
71  C  CD  . ARG A 12  ? 0.2664 0.2681 0.3279 -0.0157 -0.0258 -0.0330 353  ARG A CD  
72  N  NE  . ARG A 12  ? 0.2684 0.2673 0.3349 -0.0093 -0.0305 -0.0359 353  ARG A NE  
73  C  CZ  . ARG A 12  ? 0.2726 0.2636 0.3343 -0.0038 -0.0365 -0.0397 353  ARG A CZ  
74  N  NH1 . ARG A 12  ? 0.2705 0.2578 0.3291 -0.0009 -0.0394 -0.0388 353  ARG A NH1 
75  N  NH2 . ARG A 12  ? 0.2839 0.2668 0.3351 -0.0077 -0.0444 -0.0401 353  ARG A NH2 
76  N  N   . LEU A 13  ? 0.2537 0.2966 0.3123 -0.0235 -0.0028 -0.0184 354  LEU A N   
77  C  CA  . LEU A 13  ? 0.2524 0.2971 0.3090 -0.0203 0.0019  -0.0240 354  LEU A CA  
78  C  C   . LEU A 13  ? 0.2689 0.3155 0.3247 -0.0219 -0.0134 -0.0315 354  LEU A C   
79  O  O   . LEU A 13  ? 0.2827 0.3179 0.3402 -0.0313 -0.0064 -0.0319 354  LEU A O   
80  C  CB  . LEU A 13  ? 0.2501 0.2890 0.3022 -0.0211 -0.0019 -0.0234 354  LEU A CB  
81  C  CG  . LEU A 13  ? 0.2427 0.2906 0.2795 -0.0198 0.0024  -0.0281 354  LEU A CG  
82  C  CD1 . LEU A 13  ? 0.2394 0.2921 0.2840 -0.0190 0.0009  -0.0260 354  LEU A CD1 
83  C  CD2 . LEU A 13  ? 0.2456 0.2959 0.2821 -0.0164 0.0051  -0.0295 354  LEU A CD2 
84  N  N   . LEU A 14  ? 0.2779 0.3214 0.3294 -0.0204 -0.0114 -0.0279 355  LEU A N   
85  C  CA  . LEU A 14  ? 0.2851 0.3330 0.3369 -0.0175 -0.0182 -0.0383 355  LEU A CA  
86  C  C   . LEU A 14  ? 0.2958 0.3393 0.3525 -0.0104 -0.0236 -0.0393 355  LEU A C   
87  O  O   . LEU A 14  ? 0.3006 0.3371 0.3528 -0.0060 -0.0200 -0.0401 355  LEU A O   
88  C  CB  . LEU A 14  ? 0.2822 0.3141 0.3262 -0.0112 -0.0260 -0.0368 355  LEU A CB  
89  C  CG  . LEU A 14  ? 0.2766 0.3026 0.3118 -0.0165 -0.0187 -0.0390 355  LEU A CG  
90  C  CD1 . LEU A 14  ? 0.2823 0.2963 0.3020 -0.0112 -0.0225 -0.0448 355  LEU A CD1 
91  C  CD2 . LEU A 14  ? 0.2748 0.3005 0.3183 -0.0164 -0.0241 -0.0383 355  LEU A CD2 
92  N  N   . PRO A 15  ? 0.3025 0.3490 0.3658 -0.0153 -0.0292 -0.0458 356  PRO A N   
93  C  CA  . PRO A 15  ? 0.2985 0.3499 0.3627 -0.0163 -0.0307 -0.0480 356  PRO A CA  
94  C  C   . PRO A 15  ? 0.3021 0.3526 0.3538 -0.0110 -0.0317 -0.0506 356  PRO A C   
95  O  O   . PRO A 15  ? 0.2992 0.3538 0.3557 -0.0129 -0.0325 -0.0525 356  PRO A O   
96  C  CB  . PRO A 15  ? 0.2974 0.3540 0.3741 -0.0154 -0.0356 -0.0490 356  PRO A CB  
97  C  CG  . PRO A 15  ? 0.3042 0.3517 0.3838 -0.0181 -0.0353 -0.0514 356  PRO A CG  
98  C  CD  . PRO A 15  ? 0.3086 0.3504 0.3742 -0.0164 -0.0317 -0.0483 356  PRO A CD  
99  N  N   . PRO A 16  ? 0.3036 0.3562 0.3469 -0.0097 -0.0335 -0.0499 357  PRO A N   
100 C  CA  . PRO A 16  ? 0.3033 0.3578 0.3401 -0.0093 -0.0385 -0.0508 357  PRO A CA  
101 C  C   . PRO A 16  ? 0.3111 0.3700 0.3391 -0.0023 -0.0374 -0.0560 357  PRO A C   
102 O  O   . PRO A 16  ? 0.3266 0.3687 0.3420 -0.0089 -0.0378 -0.0666 357  PRO A O   
103 C  CB  . PRO A 16  ? 0.3039 0.3586 0.3428 -0.0084 -0.0388 -0.0466 357  PRO A CB  
104 C  CG  . PRO A 16  ? 0.3024 0.3546 0.3438 -0.0079 -0.0381 -0.0431 357  PRO A CG  
105 C  CD  . PRO A 16  ? 0.2989 0.3532 0.3475 -0.0099 -0.0373 -0.0463 357  PRO A CD  
106 N  N   . SER A 17  ? 0.3068 0.3746 0.3313 0.0021  -0.0413 -0.0611 358  SER A N   
107 C  CA  . SER A 17  ? 0.3161 0.3924 0.3313 0.0064  -0.0487 -0.0623 358  SER A CA  
108 C  C   . SER A 17  ? 0.3272 0.4049 0.3421 0.0120  -0.0578 -0.0605 358  SER A C   
109 O  O   . SER A 17  ? 0.3319 0.4033 0.3422 0.0084  -0.0574 -0.0538 358  SER A O   
110 C  CB  . SER A 17  ? 0.3212 0.4063 0.3313 0.0097  -0.0452 -0.0547 358  SER A CB  
111 O  OG  . SER A 17  ? 0.3290 0.4075 0.3382 0.0133  -0.0416 -0.0472 358  SER A OG  
112 N  N   . PRO A 18  ? 0.3421 0.4157 0.3571 0.0116  -0.0665 -0.0736 359  PRO A N   
113 C  CA  . PRO A 18  ? 0.3453 0.4375 0.3786 0.0158  -0.0763 -0.0773 359  PRO A CA  
114 C  C   . PRO A 18  ? 0.3890 0.4632 0.3909 0.0134  -0.0814 -0.0590 359  PRO A C   
115 O  O   . PRO A 18  ? 0.3871 0.4817 0.4080 0.0212  -0.0789 -0.0621 359  PRO A O   
116 C  CB  . PRO A 18  ? 0.3449 0.4333 0.3763 0.0228  -0.0784 -0.0784 359  PRO A CB  
117 C  CG  . PRO A 18  ? 0.3443 0.4266 0.3705 0.0193  -0.0780 -0.0825 359  PRO A CG  
118 C  CD  . PRO A 18  ? 0.3410 0.4167 0.3593 0.0131  -0.0677 -0.0793 359  PRO A CD  
119 N  N   . GLU A 19  ? 0.4031 0.5192 0.4164 0.0222  -0.0655 -0.0643 360  GLU A N   
120 C  CA  . GLU A 19  ? 0.4756 0.5498 0.4467 0.0100  -0.0775 -0.0358 360  GLU A CA  
121 C  C   . GLU A 19  ? 0.4214 0.5413 0.4100 0.0175  -0.0685 -0.0239 360  GLU A C   
122 O  O   . GLU A 19  ? 0.4265 0.5355 0.4181 0.0123  -0.0666 -0.0236 360  GLU A O   
123 C  CB  . GLU A 19  ? 0.5104 0.6540 0.5155 0.0392  -0.0357 -0.0226 360  GLU A CB  
124 C  CG  . GLU A 19  ? 0.6737 0.7380 0.5764 0.0088  -0.0643 -0.0774 360  GLU A CG  
125 C  CD  . GLU A 19  ? 0.7500 0.8606 0.6041 0.0602  -0.0931 -0.0661 360  GLU A CD  
126 O  OE1 . GLU A 19  ? 0.8233 0.8801 0.6591 0.0021  -0.0856 -0.0728 360  GLU A OE1 
127 O  OE2 . GLU A 19  ? 0.7628 0.8525 0.6402 0.0276  -0.0844 -0.0874 360  GLU A OE2 
128 N  N   . GLU A 20  ? 0.3961 0.4907 0.4050 0.0076  -0.0590 -0.0304 361  GLU A N   
129 C  CA  . GLU A 20  ? 0.3779 0.4810 0.3920 0.0072  -0.0605 -0.0194 361  GLU A CA  
130 C  C   . GLU A 20  ? 0.3811 0.4634 0.3957 0.0069  -0.0631 -0.0239 361  GLU A C   
131 O  O   . GLU A 20  ? 0.3940 0.4634 0.3957 0.0084  -0.0609 -0.0172 361  GLU A O   
132 C  CB  . GLU A 20  ? 0.3714 0.4653 0.3875 0.0013  -0.0557 -0.0182 361  GLU A CB  
133 C  CG  . GLU A 20  ? 0.3774 0.4647 0.3962 -0.0047 -0.0538 -0.0165 361  GLU A CG  
134 C  CD  . GLU A 20  ? 0.3891 0.4638 0.3920 -0.0089 -0.0488 -0.0198 361  GLU A CD  
135 O  OE1 . GLU A 20  ? 0.3966 0.4637 0.3973 -0.0176 -0.0502 -0.0178 361  GLU A OE1 
136 O  OE2 . GLU A 20  ? 0.3958 0.4548 0.3989 -0.0094 -0.0493 -0.0157 361  GLU A OE2 
137 N  N   . ILE A 21  ? 0.3826 0.4591 0.4045 0.0034  -0.0646 -0.0322 362  ILE A N   
138 C  CA  . ILE A 21  ? 0.3832 0.4574 0.4223 0.0044  -0.0652 -0.0379 362  ILE A CA  
139 C  C   . ILE A 21  ? 0.3960 0.4846 0.4380 0.0127  -0.0774 -0.0324 362  ILE A C   
140 O  O   . ILE A 21  ? 0.3945 0.4815 0.4372 0.0102  -0.0823 -0.0357 362  ILE A O   
141 C  CB  . ILE A 21  ? 0.3706 0.4484 0.4202 0.0054  -0.0713 -0.0423 362  ILE A CB  
142 C  CG1 . ILE A 21  ? 0.3636 0.4274 0.4169 -0.0029 -0.0637 -0.0363 362  ILE A CG1 
143 C  CG2 . ILE A 21  ? 0.3702 0.4475 0.4160 0.0014  -0.0684 -0.0420 362  ILE A CG2 
144 C  CD1 . ILE A 21  ? 0.3504 0.4343 0.4115 -0.0078 -0.0674 -0.0324 362  ILE A CD1 
145 N  N   . GLN A 22  ? 0.4397 0.5272 0.4574 0.0144  -0.0705 -0.0568 363  GLN A N   
146 C  CA  . GLN A 22  ? 0.4815 0.6009 0.4849 0.0262  -0.0932 -0.0306 363  GLN A CA  
147 C  C   . GLN A 22  ? 0.4840 0.5937 0.4762 0.0223  -0.0918 -0.0393 363  GLN A C   
148 O  O   . GLN A 22  ? 0.4955 0.5998 0.4891 0.0320  -0.0911 -0.0290 363  GLN A O   
149 C  CB  . GLN A 22  ? 0.5513 0.6507 0.5539 0.0340  -0.1131 -0.0882 363  GLN A CB  
150 C  CG  . GLN A 22  ? 0.5838 0.7338 0.6364 0.0082  -0.0853 -0.0607 363  GLN A CG  
151 C  CD  . GLN A 22  ? 0.7032 0.8570 0.7150 0.0074  -0.1297 -0.1555 363  GLN A CD  
152 O  OE1 . GLN A 22  ? 0.7532 0.8649 0.7112 0.0316  -0.1202 -0.1277 363  GLN A OE1 
153 N  NE2 . GLN A 22  ? 0.7146 0.8699 0.7162 0.0322  -0.1280 -0.1542 363  GLN A NE2 
154 N  N   . SER A 23  ? 0.4823 0.5694 0.4491 0.0209  -0.0879 -0.0129 364  SER A N   
155 C  CA  . SER A 23  ? 0.4638 0.5652 0.4483 0.0231  -0.0957 -0.0099 364  SER A CA  
156 C  C   . SER A 23  ? 0.4374 0.5458 0.4284 0.0210  -0.0919 0.0119  364  SER A C   
157 O  O   . SER A 23  ? 0.4330 0.5417 0.4341 0.0245  -0.0900 0.0052  364  SER A O   
158 C  CB  . SER A 23  ? 0.4661 0.5736 0.4582 0.0301  -0.0859 0.0087  364  SER A CB  
159 O  OG  . SER A 23  ? 0.4713 0.5827 0.4717 0.0328  -0.0902 -0.0006 364  SER A OG  
160 N  N   . THR A 24  ? 0.4127 0.4946 0.4236 0.0071  -0.0853 0.0029  365  THR A N   
161 C  CA  . THR A 24  ? 0.3915 0.4713 0.4169 0.0100  -0.0783 0.0162  365  THR A CA  
162 C  C   . THR A 24  ? 0.3760 0.4360 0.4134 0.0006  -0.0876 0.0104  365  THR A C   
163 O  O   . THR A 24  ? 0.3770 0.4266 0.4198 -0.0020 -0.0849 0.0166  365  THR A O   
164 C  CB  . THR A 24  ? 0.3917 0.4693 0.4294 0.0066  -0.0819 0.0212  365  THR A CB  
165 O  OG1 . THR A 24  ? 0.3960 0.4812 0.4376 0.0093  -0.0807 0.0138  365  THR A OG1 
166 C  CG2 . THR A 24  ? 0.3965 0.4568 0.4287 0.0144  -0.0805 0.0195  365  THR A CG2 
167 N  N   . SER A 25  ? 0.3628 0.4254 0.3961 0.0094  -0.0894 -0.0062 366  SER A N   
168 C  CA  . SER A 25  ? 0.3607 0.4075 0.4054 0.0074  -0.0867 -0.0140 366  SER A CA  
169 C  C   . SER A 25  ? 0.3727 0.4210 0.4037 -0.0018 -0.0845 -0.0235 366  SER A C   
170 O  O   . SER A 25  ? 0.3734 0.4225 0.4153 0.0064  -0.0789 -0.0232 366  SER A O   
171 C  CB  . SER A 25  ? 0.3575 0.4126 0.3995 0.0084  -0.0927 -0.0135 366  SER A CB  
172 O  OG  . SER A 25  ? 0.3502 0.4191 0.4023 0.0049  -0.0945 -0.0141 366  SER A OG  
173 N  N   . SER A 26  ? 0.3780 0.4381 0.4523 0.0076  -0.0749 -0.0151 367  SER A N   
174 C  CA  . SER A 26  ? 0.4227 0.4746 0.4499 0.0021  -0.0821 -0.0168 367  SER A CA  
175 C  C   . SER A 26  ? 0.4052 0.4771 0.4687 -0.0026 -0.0756 -0.0098 367  SER A C   
176 O  O   . SER A 26  ? 0.4187 0.4752 0.4808 -0.0018 -0.0744 -0.0132 367  SER A O   
177 C  CB  . SER A 26  ? 0.4389 0.4753 0.4967 -0.0122 -0.0767 -0.0016 367  SER A CB  
178 O  OG  . SER A 26  ? 0.4228 0.4839 0.5276 -0.0107 -0.0735 -0.0077 367  SER A OG  
179 N  N   . ALA A 27  ? 0.3763 0.4355 0.4603 -0.0007 -0.0699 -0.0277 368  ALA A N   
180 C  CA  . ALA A 27  ? 0.3478 0.4300 0.4103 -0.0058 -0.0595 -0.0385 368  ALA A CA  
181 C  C   . ALA A 27  ? 0.3314 0.3900 0.3899 -0.0039 -0.0412 -0.0326 368  ALA A C   
182 O  O   . ALA A 27  ? 0.3278 0.3894 0.3838 -0.0062 -0.0521 -0.0287 368  ALA A O   
183 C  CB  . ALA A 27  ? 0.3444 0.4155 0.4187 -0.0064 -0.0638 -0.0381 368  ALA A CB  
184 N  N   . THR A 28  ? 0.3203 0.3659 0.3553 -0.0111 -0.0528 -0.0209 369  THR A N   
185 C  CA  . THR A 28  ? 0.3037 0.3425 0.3389 -0.0126 -0.0371 -0.0214 369  THR A CA  
186 C  C   . THR A 28  ? 0.2835 0.3420 0.3115 -0.0095 -0.0383 -0.0266 369  THR A C   
187 O  O   . THR A 28  ? 0.2911 0.3355 0.3320 -0.0066 -0.0372 -0.0286 369  THR A O   
188 C  CB  . THR A 28  ? 0.3031 0.3404 0.3292 -0.0118 -0.0403 -0.0156 369  THR A CB  
189 O  OG1 . THR A 28  ? 0.2996 0.3433 0.3283 -0.0077 -0.0385 -0.0131 369  THR A OG1 
190 C  CG2 . THR A 28  ? 0.3032 0.3410 0.3305 -0.0079 -0.0407 -0.0161 369  THR A CG2 
191 N  N   . LEU A 29  ? 0.2510 0.2963 0.3083 -0.0108 -0.0331 -0.0253 370  LEU A N   
192 C  CA  . LEU A 29  ? 0.2269 0.2904 0.2741 -0.0148 -0.0230 -0.0374 370  LEU A CA  
193 C  C   . LEU A 29  ? 0.2282 0.2961 0.2785 -0.0148 -0.0250 -0.0329 370  LEU A C   
194 O  O   . LEU A 29  ? 0.2258 0.2972 0.2799 -0.0123 -0.0274 -0.0339 370  LEU A O   
195 C  CB  . LEU A 29  ? 0.2045 0.2792 0.2739 -0.0134 -0.0301 -0.0433 370  LEU A CB  
196 C  CG  . LEU A 29  ? 0.2033 0.2726 0.2620 -0.0114 -0.0244 -0.0471 370  LEU A CG  
197 C  CD1 . LEU A 29  ? 0.2040 0.2731 0.2627 -0.0106 -0.0231 -0.0472 370  LEU A CD1 
198 C  CD2 . LEU A 29  ? 0.2065 0.2726 0.2625 -0.0116 -0.0217 -0.0487 370  LEU A CD2 
199 N  N   . THR A 30  ? 0.2502 0.2974 0.2842 -0.0116 -0.0164 -0.0322 371  THR A N   
200 C  CA  . THR A 30  ? 0.2516 0.3113 0.2970 -0.0121 -0.0189 -0.0244 371  THR A CA  
201 C  C   . THR A 30  ? 0.2548 0.3093 0.2973 -0.0127 -0.0134 -0.0244 371  THR A C   
202 O  O   . THR A 30  ? 0.2557 0.3103 0.3062 -0.0135 -0.0067 -0.0234 371  THR A O   
203 C  CB  . THR A 30  ? 0.2704 0.3209 0.2953 -0.0113 -0.0156 -0.0257 371  THR A CB  
204 O  OG1 . THR A 30  ? 0.2688 0.3283 0.2899 -0.0113 -0.0173 -0.0299 371  THR A OG1 
205 C  CG2 . THR A 30  ? 0.2703 0.3243 0.2917 -0.0103 -0.0145 -0.0264 371  THR A CG2 
206 N  N   . CYS A 31  ? 0.2529 0.3018 0.2967 -0.0127 -0.0125 -0.0224 372  CYS A N   
207 C  CA  . CYS A 31  ? 0.2456 0.3064 0.3032 -0.0092 -0.0109 -0.0171 372  CYS A CA  
208 C  C   . CYS A 31  ? 0.2426 0.2784 0.2730 -0.0165 -0.0117 -0.0204 372  CYS A C   
209 O  O   . CYS A 31  ? 0.2327 0.2841 0.2693 -0.0130 -0.0134 -0.0203 372  CYS A O   
210 C  CB  . CYS A 31  ? 0.2817 0.3334 0.3170 -0.0069 -0.0064 -0.0337 372  CYS A CB  
211 S  SG  . CYS A 31  ? 0.3251 0.3819 0.3549 -0.0005 -0.0159 0.0063  372  CYS A SG  
212 N  N   . LEU A 32  ? 0.2195 0.2779 0.2541 -0.0100 -0.0088 -0.0188 373  LEU A N   
213 C  CA  . LEU A 32  ? 0.2210 0.2581 0.2374 -0.0130 -0.0077 -0.0216 373  LEU A CA  
214 C  C   . LEU A 32  ? 0.2175 0.2597 0.2395 -0.0104 -0.0048 -0.0182 373  LEU A C   
215 O  O   . LEU A 32  ? 0.2236 0.2586 0.2436 -0.0099 -0.0026 -0.0184 373  LEU A O   
216 C  CB  . LEU A 32  ? 0.2149 0.2568 0.2368 -0.0101 -0.0075 -0.0212 373  LEU A CB  
217 C  CG  . LEU A 32  ? 0.2098 0.2529 0.2336 -0.0095 -0.0115 -0.0231 373  LEU A CG  
218 C  CD1 . LEU A 32  ? 0.2104 0.2533 0.2313 -0.0079 -0.0123 -0.0192 373  LEU A CD1 
219 C  CD2 . LEU A 32  ? 0.2086 0.2596 0.2357 -0.0076 -0.0136 -0.0246 373  LEU A CD2 
220 N  N   . ILE A 33  ? 0.2158 0.2604 0.2381 -0.0117 -0.0051 -0.0137 374  ILE A N   
221 C  CA  . ILE A 33  ? 0.2141 0.2617 0.2385 -0.0090 -0.0039 -0.0125 374  ILE A CA  
222 C  C   . ILE A 33  ? 0.2141 0.2580 0.2373 -0.0077 -0.0073 -0.0070 374  ILE A C   
223 O  O   . ILE A 33  ? 0.2108 0.2571 0.2366 -0.0067 -0.0099 -0.0070 374  ILE A O   
224 C  CB  . ILE A 33  ? 0.2186 0.2668 0.2375 -0.0082 -0.0065 -0.0148 374  ILE A CB  
225 C  CG1 . ILE A 33  ? 0.2178 0.2787 0.2471 -0.0053 -0.0053 -0.0199 374  ILE A CG1 
226 C  CG2 . ILE A 33  ? 0.2189 0.2694 0.2371 -0.0047 -0.0032 -0.0130 374  ILE A CG2 
227 C  CD1 . ILE A 33  ? 0.2199 0.2817 0.2496 -0.0072 -0.0088 -0.0177 374  ILE A CD1 
228 N  N   . ARG A 34  ? 0.2268 0.2584 0.2470 -0.0070 -0.0065 -0.0063 375  ARG A N   
229 C  CA  . ARG A 34  ? 0.2327 0.2697 0.2605 0.0000  -0.0040 -0.0078 375  ARG A CA  
230 C  C   . ARG A 34  ? 0.2328 0.2665 0.2608 0.0018  -0.0064 -0.0100 375  ARG A C   
231 O  O   . ARG A 34  ? 0.2387 0.2715 0.2666 0.0001  -0.0036 -0.0053 375  ARG A O   
232 C  CB  . ARG A 34  ? 0.2510 0.2907 0.2792 -0.0063 -0.0043 -0.0269 375  ARG A CB  
233 C  CG  . ARG A 34  ? 0.2805 0.3258 0.2994 -0.0020 -0.0141 -0.0065 375  ARG A CG  
234 C  CD  . ARG A 34  ? 0.3273 0.3745 0.3398 -0.0125 -0.0152 -0.0499 375  ARG A CD  
235 N  NE  . ARG A 34  ? 0.3632 0.4219 0.3467 0.0069  -0.0327 -0.0492 375  ARG A NE  
236 C  CZ  . ARG A 34  ? 0.4002 0.4419 0.3525 -0.0002 -0.0105 -0.0503 375  ARG A CZ  
237 N  NH1 . ARG A 34  ? 0.4004 0.4469 0.3611 -0.0029 -0.0028 -0.0534 375  ARG A NH1 
238 N  NH2 . ARG A 34  ? 0.3868 0.4475 0.3536 -0.0019 -0.0176 -0.0566 375  ARG A NH2 
239 N  N   . GLY A 35  ? 0.2341 0.2625 0.2521 0.0041  -0.0088 -0.0053 376  GLY A N   
240 C  CA  . GLY A 35  ? 0.2287 0.2627 0.2435 0.0040  -0.0059 -0.0070 376  GLY A CA  
241 C  C   . GLY A 35  ? 0.2241 0.2552 0.2392 0.0077  -0.0054 -0.0010 376  GLY A C   
242 O  O   . GLY A 35  ? 0.2225 0.2605 0.2369 0.0092  -0.0044 0.0001  376  GLY A O   
243 N  N   . PHE A 36  ? 0.2194 0.2564 0.2289 0.0084  -0.0073 -0.0033 377  PHE A N   
244 C  CA  . PHE A 36  ? 0.2244 0.2611 0.2274 0.0124  -0.0092 -0.0029 377  PHE A CA  
245 C  C   . PHE A 36  ? 0.2258 0.2744 0.2400 0.0109  -0.0113 -0.0028 377  PHE A C   
246 O  O   . PHE A 36  ? 0.2318 0.2717 0.2363 0.0111  -0.0125 -0.0025 377  PHE A O   
247 C  CB  . PHE A 36  ? 0.2107 0.2561 0.2146 0.0060  -0.0114 -0.0010 377  PHE A CB  
248 C  CG  . PHE A 36  ? 0.1979 0.2473 0.2097 0.0055  -0.0136 -0.0077 377  PHE A CG  
249 C  CD1 . PHE A 36  ? 0.1942 0.2453 0.2072 0.0073  -0.0148 -0.0046 377  PHE A CD1 
250 C  CD2 . PHE A 36  ? 0.1937 0.2392 0.2071 0.0029  -0.0106 -0.0059 377  PHE A CD2 
251 C  CE1 . PHE A 36  ? 0.1841 0.2399 0.2069 0.0028  -0.0186 -0.0081 377  PHE A CE1 
252 C  CE2 . PHE A 36  ? 0.1838 0.2354 0.2052 -0.0007 -0.0149 -0.0087 377  PHE A CE2 
253 C  CZ  . PHE A 36  ? 0.1801 0.2368 0.2056 0.0004  -0.0165 -0.0082 377  PHE A CZ  
254 N  N   . TYR A 37  ? 0.2556 0.2958 0.2426 0.0200  -0.0176 -0.0001 378  TYR A N   
255 C  CA  . TYR A 37  ? 0.2578 0.3185 0.2648 0.0194  -0.0216 -0.0010 378  TYR A CA  
256 C  C   . TYR A 37  ? 0.2717 0.3291 0.2654 0.0241  -0.0237 -0.0026 378  TYR A C   
257 O  O   . TYR A 37  ? 0.2767 0.3318 0.2646 0.0236  -0.0236 -0.0007 378  TYR A O   
258 C  CB  . TYR A 37  ? 0.2728 0.3209 0.2736 0.0247  -0.0169 -0.0013 378  TYR A CB  
259 C  CG  . TYR A 37  ? 0.2787 0.3346 0.2874 0.0301  -0.0260 -0.0050 378  TYR A CG  
260 C  CD1 . TYR A 37  ? 0.2775 0.3400 0.2927 0.0279  -0.0262 -0.0053 378  TYR A CD1 
261 C  CD2 . TYR A 37  ? 0.2917 0.3395 0.2873 0.0344  -0.0233 -0.0032 378  TYR A CD2 
262 C  CE1 . TYR A 37  ? 0.2799 0.3522 0.3056 0.0347  -0.0312 -0.0087 378  TYR A CE1 
263 C  CE2 . TYR A 37  ? 0.2961 0.3531 0.2968 0.0401  -0.0305 -0.0079 378  TYR A CE2 
264 C  CZ  . TYR A 37  ? 0.2955 0.3598 0.3029 0.0380  -0.0300 -0.0081 378  TYR A CZ  
265 O  OH  . TYR A 37  ? 0.2999 0.3712 0.3098 0.0379  -0.0363 -0.0089 378  TYR A OH  
266 N  N   . PRO A 38  ? 0.2737 0.3343 0.2696 0.0239  -0.0286 -0.0071 379  PRO A N   
267 C  CA  . PRO A 38  ? 0.2726 0.3373 0.2723 0.0191  -0.0295 -0.0078 379  PRO A CA  
268 C  C   . PRO A 38  ? 0.2741 0.3384 0.2761 0.0186  -0.0323 -0.0077 379  PRO A C   
269 O  O   . PRO A 38  ? 0.2763 0.3459 0.2761 0.0188  -0.0260 -0.0087 379  PRO A O   
270 C  CB  . PRO A 38  ? 0.2717 0.3413 0.2807 0.0215  -0.0367 -0.0081 379  PRO A CB  
271 C  CG  . PRO A 38  ? 0.2729 0.3461 0.2762 0.0258  -0.0399 -0.0099 379  PRO A CG  
272 C  CD  . PRO A 38  ? 0.2761 0.3418 0.2710 0.0282  -0.0312 -0.0044 379  PRO A CD  
273 N  N   . ASP A 39  ? 0.2697 0.3353 0.2878 0.0094  -0.0332 -0.0114 380  ASP A N   
274 C  CA  . ASP A 39  ? 0.2679 0.3323 0.2933 0.0044  -0.0359 -0.0093 380  ASP A CA  
275 C  C   . ASP A 39  ? 0.2757 0.3403 0.3062 0.0079  -0.0349 -0.0174 380  ASP A C   
276 O  O   . ASP A 39  ? 0.2711 0.3435 0.3106 0.0018  -0.0378 -0.0139 380  ASP A O   
277 C  CB  . ASP A 39  ? 0.2598 0.3329 0.3017 0.0021  -0.0375 -0.0072 380  ASP A CB  
278 C  CG  . ASP A 39  ? 0.2652 0.3348 0.3219 -0.0007 -0.0443 -0.0080 380  ASP A CG  
279 O  OD1 . ASP A 39  ? 0.2552 0.3274 0.3223 0.0079  -0.0485 -0.0053 380  ASP A OD1 
280 O  OD2 . ASP A 39  ? 0.2783 0.3437 0.3172 -0.0008 -0.0446 -0.0080 380  ASP A OD2 
281 N  N   . LYS A 40  ? 0.3014 0.3673 0.3089 0.0053  -0.0465 -0.0152 381  LYS A N   
282 C  CA  . LYS A 40  ? 0.3186 0.3802 0.3447 0.0173  -0.0421 -0.0247 381  LYS A CA  
283 C  C   . LYS A 40  ? 0.3184 0.3758 0.3194 0.0166  -0.0450 -0.0229 381  LYS A C   
284 O  O   . LYS A 40  ? 0.3192 0.3843 0.3175 0.0154  -0.0394 -0.0226 381  LYS A O   
285 C  CB  . LYS A 40  ? 0.3561 0.4358 0.3573 0.0154  -0.0647 -0.0190 381  LYS A CB  
286 C  CG  . LYS A 40  ? 0.4153 0.4448 0.4323 0.0193  -0.0770 -0.0410 381  LYS A CG  
287 C  CD  . LYS A 40  ? 0.4197 0.5097 0.4618 0.0293  -0.0678 -0.0327 381  LYS A CD  
288 C  CE  . LYS A 40  ? 0.4490 0.5449 0.5051 0.0278  -0.0860 -0.0748 381  LYS A CE  
289 N  NZ  . LYS A 40  ? 0.4542 0.5609 0.5065 0.0212  -0.0787 -0.0663 381  LYS A NZ  
290 N  N   . VAL A 41  ? 0.3065 0.3615 0.3128 0.0112  -0.0414 -0.0294 382  VAL A N   
291 C  CA  . VAL A 41  ? 0.3081 0.3625 0.3094 0.0052  -0.0380 -0.0316 382  VAL A CA  
292 C  C   . VAL A 41  ? 0.3317 0.3595 0.3312 0.0071  -0.0506 -0.0339 382  VAL A C   
293 O  O   . VAL A 41  ? 0.3240 0.3687 0.3260 -0.0039 -0.0510 -0.0375 382  VAL A O   
294 C  CB  . VAL A 41  ? 0.2955 0.3464 0.2951 0.0058  -0.0304 -0.0188 382  VAL A CB  
295 C  CG1 . VAL A 41  ? 0.2856 0.3306 0.2972 0.0033  -0.0352 -0.0177 382  VAL A CG1 
296 C  CG2 . VAL A 41  ? 0.2971 0.3488 0.2996 0.0033  -0.0307 -0.0200 382  VAL A CG2 
297 N  N   . SER A 42  ? 0.3360 0.3848 0.3470 -0.0194 -0.0461 -0.0377 383  SER A N   
298 C  CA  . SER A 42  ? 0.3681 0.3766 0.3870 -0.0203 -0.0756 -0.0254 383  SER A CA  
299 C  C   . SER A 42  ? 0.3508 0.4048 0.3609 -0.0026 -0.0604 -0.0414 383  SER A C   
300 O  O   . SER A 42  ? 0.3478 0.4088 0.3737 -0.0004 -0.0522 -0.0398 383  SER A O   
301 C  CB  . SER A 42  ? 0.3153 0.3573 0.3806 -0.1097 -0.1318 -0.0398 383  SER A CB  
302 O  OG  . SER A 42  ? 0.3997 0.2936 0.3124 -0.1344 -0.1691 -0.0320 383  SER A OG  
303 N  N   . VAL A 43  ? 0.3307 0.3870 0.3465 0.0062  -0.0391 -0.0488 384  VAL A N   
304 C  CA  . VAL A 43  ? 0.3200 0.3713 0.3177 0.0141  -0.0257 -0.0477 384  VAL A CA  
305 C  C   . VAL A 43  ? 0.3276 0.3726 0.3282 0.0195  -0.0361 -0.0426 384  VAL A C   
306 O  O   . VAL A 43  ? 0.3219 0.3722 0.3278 0.0177  -0.0406 -0.0429 384  VAL A O   
307 C  CB  . VAL A 43  ? 0.2962 0.3565 0.3162 0.0074  -0.0234 -0.0435 384  VAL A CB  
308 C  CG1 . VAL A 43  ? 0.2940 0.3590 0.3135 0.0058  -0.0200 -0.0419 384  VAL A CG1 
309 C  CG2 . VAL A 43  ? 0.2900 0.3527 0.3091 0.0026  -0.0201 -0.0365 384  VAL A CG2 
310 N  N   . SER A 44  ? 0.3324 0.4082 0.3348 0.0212  -0.0253 -0.0499 385  SER A N   
311 C  CA  . SER A 44  ? 0.3536 0.4290 0.3553 0.0398  -0.0251 -0.0578 385  SER A CA  
312 C  C   . SER A 44  ? 0.3636 0.4457 0.3651 0.0252  -0.0254 -0.0606 385  SER A C   
313 O  O   . SER A 44  ? 0.3635 0.4424 0.3588 0.0302  -0.0177 -0.0590 385  SER A O   
314 C  CB  . SER A 44  ? 0.3678 0.4620 0.3590 0.0381  -0.0310 -0.0727 385  SER A CB  
315 O  OG  . SER A 44  ? 0.3770 0.4727 0.3595 0.0349  -0.0281 -0.0684 385  SER A OG  
316 N  N   . TRP A 45  ? 0.3805 0.4536 0.3797 0.0363  -0.0248 -0.0565 386  TRP A N   
317 C  CA  . TRP A 45  ? 0.3868 0.4584 0.3832 0.0273  -0.0299 -0.0488 386  TRP A CA  
318 C  C   . TRP A 45  ? 0.4133 0.5127 0.4243 0.0533  -0.0121 -0.0565 386  TRP A C   
319 O  O   . TRP A 45  ? 0.4195 0.5212 0.4325 0.0390  -0.0283 -0.0588 386  TRP A O   
320 C  CB  . TRP A 45  ? 0.3247 0.4103 0.3666 0.0271  -0.0171 -0.0710 386  TRP A CB  
321 C  CG  . TRP A 45  ? 0.2913 0.3575 0.3273 0.0061  -0.0370 -0.0537 386  TRP A CG  
322 C  CD1 . TRP A 45  ? 0.2897 0.3529 0.3175 0.0123  -0.0313 -0.0561 386  TRP A CD1 
323 C  CD2 . TRP A 45  ? 0.2646 0.3435 0.3130 0.0080  -0.0221 -0.0451 386  TRP A CD2 
324 N  NE1 . TRP A 45  ? 0.2693 0.3368 0.3081 0.0007  -0.0323 -0.0474 386  TRP A NE1 
325 C  CE2 . TRP A 45  ? 0.2644 0.3307 0.2993 0.0036  -0.0258 -0.0491 386  TRP A CE2 
326 C  CE3 . TRP A 45  ? 0.2657 0.3343 0.3082 0.0073  -0.0204 -0.0420 386  TRP A CE3 
327 C  CZ2 . TRP A 45  ? 0.2570 0.3236 0.2953 -0.0005 -0.0204 -0.0439 386  TRP A CZ2 
328 C  CZ3 . TRP A 45  ? 0.2588 0.3296 0.3044 0.0018  -0.0194 -0.0382 386  TRP A CZ3 
329 C  CH2 . TRP A 45  ? 0.2586 0.3245 0.3006 -0.0038 -0.0196 -0.0407 386  TRP A CH2 
330 N  N   . GLN A 46  ? 0.4370 0.5551 0.4718 0.0280  -0.0226 -0.0594 387  GLN A N   
331 C  CA  . GLN A 46  ? 0.4563 0.6176 0.5175 0.0489  -0.0074 -0.0732 387  GLN A CA  
332 C  C   . GLN A 46  ? 0.4615 0.6242 0.5184 0.0402  -0.0101 -0.0675 387  GLN A C   
333 O  O   . GLN A 46  ? 0.4712 0.6166 0.5226 0.0443  0.0044  -0.0642 387  GLN A O   
334 C  CB  . GLN A 46  ? 0.4911 0.7029 0.5198 0.0493  -0.0135 -0.0581 387  GLN A CB  
335 C  CG  . GLN A 46  ? 0.5409 0.7117 0.6376 0.0551  -0.0268 -0.0592 387  GLN A CG  
336 C  CD  . GLN A 46  ? 0.5884 0.8851 0.6437 0.0488  -0.0479 -0.0324 387  GLN A CD  
337 O  OE1 . GLN A 46  ? 0.6073 0.8522 0.6873 0.0570  -0.0582 -0.0425 387  GLN A OE1 
338 N  NE2 . GLN A 46  ? 0.6017 0.8819 0.6715 0.0610  -0.0523 -0.0599 387  GLN A NE2 
339 N  N   . LYS A 47  ? 0.4828 0.6382 0.5373 0.0576  -0.0109 -0.0738 388  LYS A N   
340 C  CA  . LYS A 47  ? 0.4898 0.6552 0.5553 0.0587  -0.0222 -0.0711 388  LYS A CA  
341 C  C   . LYS A 47  ? 0.4981 0.7327 0.5901 0.0600  -0.0043 -0.0580 388  LYS A C   
342 O  O   . LYS A 47  ? 0.5015 0.7346 0.6079 0.0575  -0.0118 -0.0675 388  LYS A O   
343 C  CB  . LYS A 47  ? 0.4578 0.6421 0.5339 0.0541  -0.0253 -0.0860 388  LYS A CB  
344 C  CG  . LYS A 47  ? 0.4504 0.5952 0.5200 0.0506  -0.0163 -0.0821 388  LYS A CG  
345 C  CD  . LYS A 47  ? 0.4302 0.5912 0.5117 0.0538  -0.0317 -0.0901 388  LYS A CD  
346 C  CE  . LYS A 47  ? 0.4304 0.5915 0.5178 0.0512  -0.0345 -0.0916 388  LYS A CE  
347 N  NZ  . LYS A 47  ? 0.4275 0.5904 0.5261 0.0512  -0.0432 -0.0930 388  LYS A NZ  
348 N  N   . ASP A 48  ? 0.5258 0.7370 0.6131 0.0543  0.0002  -0.0656 389  ASP A N   
349 C  CA  . ASP A 48  ? 0.5507 0.8002 0.6411 0.0575  0.0243  -0.0480 389  ASP A CA  
350 C  C   . ASP A 48  ? 0.5937 0.8407 0.6414 0.0622  0.0186  -0.0503 389  ASP A C   
351 O  O   . ASP A 48  ? 0.5847 0.8610 0.6429 0.0674  0.0255  -0.0430 389  ASP A O   
352 C  CB  . ASP A 48  ? 0.5513 0.7995 0.6359 0.0573  0.0201  -0.0539 389  ASP A CB  
353 C  CG  . ASP A 48  ? 0.5546 0.8080 0.6350 0.0554  0.0241  -0.0598 389  ASP A CG  
354 O  OD1 . ASP A 48  ? 0.5477 0.8115 0.6372 0.0566  0.0226  -0.0600 389  ASP A OD1 
355 O  OD2 . ASP A 48  ? 0.5663 0.8022 0.6233 0.0640  0.0345  -0.0547 389  ASP A OD2 
356 N  N   . ASP A 49  ? 0.5998 0.8765 0.6761 0.0751  0.0170  -0.0508 390  ASP A N   
357 C  CA  . ASP A 49  ? 0.6344 0.9145 0.6805 0.0817  0.0068  -0.0666 390  ASP A CA  
358 C  C   . ASP A 49  ? 0.6097 0.8981 0.6359 0.0966  0.0136  -0.0530 390  ASP A C   
359 O  O   . ASP A 49  ? 0.6124 0.9071 0.6426 0.0945  0.0055  -0.0636 390  ASP A O   
360 C  CB  . ASP A 49  ? 0.6486 1.0431 0.7139 0.0720  0.0350  -0.0347 390  ASP A CB  
361 C  CG  . ASP A 49  ? 0.6853 1.0644 0.8370 0.0650  0.0210  -0.0698 390  ASP A CG  
362 O  OD1 . ASP A 49  ? 0.7118 1.1321 0.8078 0.0880  0.0231  -0.0679 390  ASP A OD1 
363 O  OD2 . ASP A 49  ? 0.6756 1.0822 0.8120 0.0684  0.0108  -0.0229 390  ASP A OD2 
364 N  N   . VAL A 50  ? 0.5812 0.8142 0.6183 0.0982  -0.0013 -0.0975 391  VAL A N   
365 C  CA  . VAL A 50  ? 0.5568 0.8060 0.5881 0.1160  -0.0150 -0.1032 391  VAL A CA  
366 C  C   . VAL A 50  ? 0.5481 0.7574 0.5794 0.1052  -0.0295 -0.1153 391  VAL A C   
367 O  O   . VAL A 50  ? 0.5417 0.7386 0.5790 0.1023  -0.0295 -0.1114 391  VAL A O   
368 C  CB  . VAL A 50  ? 0.5488 0.7902 0.5875 0.1091  -0.0103 -0.1127 391  VAL A CB  
369 C  CG1 . VAL A 50  ? 0.5515 0.7846 0.5783 0.1226  -0.0099 -0.1217 391  VAL A CG1 
370 C  CG2 . VAL A 50  ? 0.5437 0.8021 0.5906 0.1197  -0.0100 -0.1047 391  VAL A CG2 
371 N  N   . SER A 51  ? 0.5685 0.7480 0.5949 0.1074  -0.0486 -0.1208 392  SER A N   
372 C  CA  . SER A 51  ? 0.5707 0.7436 0.6150 0.0953  -0.0489 -0.1246 392  SER A CA  
373 C  C   . SER A 51  ? 0.6039 0.7406 0.6504 0.0855  -0.0657 -0.1112 392  SER A C   
374 O  O   . SER A 51  ? 0.6005 0.7571 0.6731 0.0957  -0.0669 -0.1186 392  SER A O   
375 C  CB  . SER A 51  ? 0.5821 0.7443 0.6077 0.1020  -0.0531 -0.1269 392  SER A CB  
376 O  OG  . SER A 51  ? 0.5819 0.7482 0.6055 0.1033  -0.0666 -0.1305 392  SER A OG  
377 N  N   . VAL A 52  ? 0.6185 0.7376 0.6581 0.0794  -0.0588 -0.1180 393  VAL A N   
378 C  CA  . VAL A 52  ? 0.6526 0.7237 0.6701 0.0715  -0.0712 -0.1158 393  VAL A CA  
379 C  C   . VAL A 52  ? 0.6549 0.7215 0.6909 0.0598  -0.0705 -0.1114 393  VAL A C   
380 O  O   . VAL A 52  ? 0.6530 0.7292 0.6914 0.0635  -0.0795 -0.1046 393  VAL A O   
381 C  CB  . VAL A 52  ? 0.6257 0.7141 0.6736 0.0720  -0.0667 -0.1072 393  VAL A CB  
382 C  CG1 . VAL A 52  ? 0.6272 0.7263 0.6732 0.0753  -0.0663 -0.1105 393  VAL A CG1 
383 C  CG2 . VAL A 52  ? 0.6149 0.7108 0.6522 0.0645  -0.0733 -0.1007 393  VAL A CG2 
384 N  N   . SER A 53  ? 0.6645 0.7094 0.7063 0.0600  -0.0913 -0.1139 394  SER A N   
385 C  CA  . SER A 53  ? 0.6609 0.6695 0.6999 0.0551  -0.1036 -0.0943 394  SER A CA  
386 C  C   . SER A 53  ? 0.6068 0.6272 0.7027 0.0488  -0.1189 -0.0974 394  SER A C   
387 O  O   . SER A 53  ? 0.6196 0.6135 0.6933 0.0416  -0.1143 -0.0887 394  SER A O   
388 C  CB  . SER A 53  ? 0.6789 0.6954 0.7304 0.0583  -0.1251 -0.1118 394  SER A CB  
389 O  OG  . SER A 53  ? 0.6822 0.7078 0.7561 0.0682  -0.1371 -0.1299 394  SER A OG  
390 N  N   . ALA A 54  ? 0.5988 0.5865 0.6566 0.0289  -0.1104 -0.0828 395  ALA A N   
391 C  CA  . ALA A 54  ? 0.5600 0.5607 0.6580 0.0303  -0.1159 -0.0867 395  ALA A CA  
392 C  C   . ALA A 54  ? 0.5453 0.5352 0.6361 0.0191  -0.1103 -0.0637 395  ALA A C   
393 O  O   . ALA A 54  ? 0.5441 0.5316 0.6299 0.0214  -0.1143 -0.0577 395  ALA A O   
394 C  CB  . ALA A 54  ? 0.5609 0.5616 0.6420 0.0315  -0.1215 -0.0881 395  ALA A CB  
395 N  N   . ASN A 55  ? 0.5419 0.5361 0.6390 0.0175  -0.1152 -0.0502 396  ASN A N   
396 C  CA  . ASN A 55  ? 0.5468 0.5170 0.6316 0.0155  -0.1025 -0.0347 396  ASN A CA  
397 C  C   . ASN A 55  ? 0.4820 0.5083 0.5547 -0.0044 -0.1056 -0.0424 396  ASN A C   
398 O  O   . ASN A 55  ? 0.4736 0.4860 0.5474 0.0064  -0.0867 -0.0330 396  ASN A O   
399 C  CB  . ASN A 55  ? 0.5635 0.5777 0.6548 0.0070  -0.1176 -0.0562 396  ASN A CB  
400 C  CG  . ASN A 55  ? 0.5943 0.5935 0.6974 0.0139  -0.1269 -0.0351 396  ASN A CG  
401 O  OD1 . ASN A 55  ? 0.6182 0.6000 0.7262 0.0031  -0.1278 -0.0462 396  ASN A OD1 
402 N  ND2 . ASN A 55  ? 0.6103 0.6267 0.6995 0.0121  -0.1169 -0.0374 396  ASN A ND2 
403 N  N   . VAL A 56  ? 0.4419 0.4348 0.5350 0.0075  -0.0794 -0.0368 397  VAL A N   
404 C  CA  . VAL A 56  ? 0.4016 0.4218 0.4683 -0.0125 -0.0741 -0.0405 397  VAL A CA  
405 C  C   . VAL A 56  ? 0.3987 0.4025 0.4696 -0.0072 -0.0772 -0.0302 397  VAL A C   
406 O  O   . VAL A 56  ? 0.3891 0.4141 0.4857 -0.0136 -0.0837 -0.0260 397  VAL A O   
407 C  CB  . VAL A 56  ? 0.3809 0.3991 0.4650 0.0012  -0.0741 -0.0469 397  VAL A CB  
408 C  CG1 . VAL A 56  ? 0.3771 0.3941 0.4381 -0.0020 -0.0681 -0.0491 397  VAL A CG1 
409 C  CG2 . VAL A 56  ? 0.3780 0.4025 0.4607 0.0023  -0.0784 -0.0505 397  VAL A CG2 
410 N  N   . THR A 57  ? 0.3715 0.3934 0.4428 -0.0169 -0.0696 -0.0120 398  THR A N   
411 C  CA  . THR A 57  ? 0.3665 0.3666 0.4295 -0.0185 -0.0758 -0.0066 398  THR A CA  
412 C  C   . THR A 57  ? 0.3246 0.3593 0.3839 -0.0300 -0.0680 -0.0183 398  THR A C   
413 O  O   . THR A 57  ? 0.3335 0.3562 0.3821 -0.0238 -0.0654 -0.0177 398  THR A O   
414 C  CB  . THR A 57  ? 0.3710 0.3865 0.4326 -0.0288 -0.0671 -0.0032 398  THR A CB  
415 O  OG1 . THR A 57  ? 0.3859 0.3839 0.4516 -0.0201 -0.0678 -0.0056 398  THR A OG1 
416 C  CG2 . THR A 57  ? 0.3736 0.3856 0.4382 -0.0311 -0.0628 -0.0089 398  THR A CG2 
417 N  N   . ASN A 58  ? 0.2997 0.3135 0.3656 -0.0134 -0.0544 -0.0077 399  ASN A N   
418 C  CA  . ASN A 58  ? 0.2700 0.3073 0.3309 -0.0252 -0.0505 -0.0164 399  ASN A CA  
419 C  C   . ASN A 58  ? 0.2640 0.2890 0.3254 -0.0245 -0.0559 -0.0030 399  ASN A C   
420 O  O   . ASN A 58  ? 0.2650 0.2959 0.3295 -0.0294 -0.0533 -0.0009 399  ASN A O   
421 C  CB  . ASN A 58  ? 0.2711 0.2968 0.3330 -0.0138 -0.0570 -0.0221 399  ASN A CB  
422 C  CG  . ASN A 58  ? 0.2713 0.2943 0.3182 -0.0074 -0.0569 -0.0332 399  ASN A CG  
423 O  OD1 . ASN A 58  ? 0.2686 0.2939 0.3180 -0.0077 -0.0558 -0.0292 399  ASN A OD1 
424 N  ND2 . ASN A 58  ? 0.2761 0.2960 0.3198 -0.0045 -0.0584 -0.0349 399  ASN A ND2 
425 N  N   . PHE A 59  ? 0.2326 0.2882 0.2993 -0.0294 -0.0442 0.0067  400  PHE A N   
426 C  CA  . PHE A 59  ? 0.2261 0.2807 0.2917 -0.0306 -0.0488 0.0175  400  PHE A CA  
427 C  C   . PHE A 59  ? 0.2107 0.2744 0.2869 -0.0361 -0.0409 0.0177  400  PHE A C   
428 O  O   . PHE A 59  ? 0.2112 0.2696 0.2819 -0.0317 -0.0458 0.0164  400  PHE A O   
429 C  CB  . PHE A 59  ? 0.2226 0.2853 0.2876 -0.0325 -0.0380 0.0172  400  PHE A CB  
430 C  CG  . PHE A 59  ? 0.2287 0.2975 0.2935 -0.0349 -0.0411 0.0255  400  PHE A CG  
431 C  CD1 . PHE A 59  ? 0.2290 0.3016 0.2986 -0.0362 -0.0403 0.0242  400  PHE A CD1 
432 C  CD2 . PHE A 59  ? 0.2382 0.3089 0.2997 -0.0377 -0.0350 0.0290  400  PHE A CD2 
433 C  CE1 . PHE A 59  ? 0.2407 0.3072 0.3013 -0.0330 -0.0411 0.0287  400  PHE A CE1 
434 C  CE2 . PHE A 59  ? 0.2433 0.3176 0.3018 -0.0351 -0.0371 0.0311  400  PHE A CE2 
435 C  CZ  . PHE A 59  ? 0.2432 0.3161 0.3040 -0.0353 -0.0365 0.0289  400  PHE A CZ  
436 N  N   . PRO A 60  ? 0.2079 0.2728 0.2863 -0.0350 -0.0458 0.0222  401  PRO A N   
437 C  CA  . PRO A 60  ? 0.2001 0.2770 0.2845 -0.0333 -0.0406 0.0190  401  PRO A CA  
438 C  C   . PRO A 60  ? 0.1981 0.2794 0.2712 -0.0286 -0.0346 0.0129  401  PRO A C   
439 O  O   . PRO A 60  ? 0.1996 0.2807 0.2685 -0.0305 -0.0284 0.0103  401  PRO A O   
440 C  CB  . PRO A 60  ? 0.1981 0.2740 0.2921 -0.0358 -0.0453 0.0233  401  PRO A CB  
441 C  CG  . PRO A 60  ? 0.1952 0.2740 0.2964 -0.0410 -0.0473 0.0275  401  PRO A CG  
442 C  CD  . PRO A 60  ? 0.1966 0.2743 0.2925 -0.0391 -0.0492 0.0249  401  PRO A CD  
443 N  N   . THR A 61  ? 0.1917 0.2832 0.2649 -0.0224 -0.0318 0.0065  402  THR A N   
444 C  CA  . THR A 61  ? 0.1829 0.2835 0.2458 -0.0173 -0.0253 0.0035  402  THR A CA  
445 C  C   . THR A 61  ? 0.1805 0.2851 0.2437 -0.0192 -0.0239 0.0074  402  THR A C   
446 O  O   . THR A 61  ? 0.1794 0.2841 0.2430 -0.0178 -0.0231 0.0081  402  THR A O   
447 C  CB  . THR A 61  ? 0.1855 0.2797 0.2452 -0.0174 -0.0277 0.0005  402  THR A CB  
448 O  OG1 . THR A 61  ? 0.1826 0.2799 0.2423 -0.0140 -0.0309 0.0022  402  THR A OG1 
449 C  CG2 . THR A 61  ? 0.1881 0.2772 0.2441 -0.0147 -0.0286 -0.0051 402  THR A CG2 
450 N  N   . ALA A 62  ? 0.1746 0.2892 0.2262 -0.0120 -0.0142 0.0029  403  ALA A N   
451 C  CA  . ALA A 62  ? 0.1753 0.2953 0.2247 -0.0094 -0.0114 0.0064  403  ALA A CA  
452 C  C   . ALA A 62  ? 0.1794 0.3008 0.2249 -0.0018 -0.0087 0.0061  403  ALA A C   
453 O  O   . ALA A 62  ? 0.1779 0.2973 0.2225 0.0012  -0.0069 0.0041  403  ALA A O   
454 C  CB  . ALA A 62  ? 0.1674 0.2932 0.2198 -0.0057 -0.0059 0.0065  403  ALA A CB  
455 N  N   . LEU A 63  ? 0.1815 0.3254 0.2354 0.0024  -0.0059 0.0027  404  LEU A N   
456 C  CA  . LEU A 63  ? 0.1871 0.3371 0.2425 0.0141  -0.0060 0.0021  404  LEU A CA  
457 C  C   . LEU A 63  ? 0.2051 0.3531 0.2447 0.0226  -0.0052 -0.0107 404  LEU A C   
458 O  O   . LEU A 63  ? 0.2082 0.3599 0.2461 0.0210  -0.0038 -0.0041 404  LEU A O   
459 C  CB  . LEU A 63  ? 0.1866 0.3431 0.2451 0.0152  -0.0073 0.0004  404  LEU A CB  
460 C  CG  . LEU A 63  ? 0.1807 0.3477 0.2481 0.0163  -0.0077 -0.0005 404  LEU A CG  
461 C  CD1 . LEU A 63  ? 0.1818 0.3384 0.2474 0.0173  -0.0101 -0.0020 404  LEU A CD1 
462 C  CD2 . LEU A 63  ? 0.1787 0.3453 0.2482 0.0190  -0.0104 0.0003  404  LEU A CD2 
463 N  N   . GLU A 64  ? 0.2249 0.3542 0.2572 0.0249  -0.0012 -0.0061 405  GLU A N   
464 C  CA  . GLU A 64  ? 0.2562 0.3698 0.2752 0.0334  -0.0102 -0.0256 405  GLU A CA  
465 C  C   . GLU A 64  ? 0.2612 0.3814 0.2794 0.0413  -0.0049 -0.0309 405  GLU A C   
466 O  O   . GLU A 64  ? 0.2740 0.3911 0.2787 0.0410  -0.0106 -0.0278 405  GLU A O   
467 C  CB  . GLU A 64  ? 0.2671 0.3762 0.2941 0.0295  -0.0010 -0.0227 405  GLU A CB  
468 C  CG  . GLU A 64  ? 0.2950 0.3980 0.3103 0.0267  -0.0172 -0.0325 405  GLU A CG  
469 C  CD  . GLU A 64  ? 0.2979 0.3947 0.3274 0.0285  -0.0126 -0.0265 405  GLU A CD  
470 O  OE1 . GLU A 64  ? 0.3092 0.4113 0.3279 0.0245  -0.0176 -0.0196 405  GLU A OE1 
471 O  OE2 . GLU A 64  ? 0.2910 0.3877 0.3147 0.0193  -0.0116 -0.0234 405  GLU A OE2 
472 N  N   . GLN A 65  ? 0.2541 0.3942 0.2794 0.0559  -0.0088 -0.0378 406  GLN A N   
473 C  CA  . GLN A 65  ? 0.2615 0.4053 0.2728 0.0644  -0.0111 -0.0544 406  GLN A CA  
474 C  C   . GLN A 65  ? 0.2868 0.4027 0.2973 0.0695  -0.0204 -0.0466 406  GLN A C   
475 O  O   . GLN A 65  ? 0.2936 0.4106 0.2970 0.0785  -0.0185 -0.0504 406  GLN A O   
476 C  CB  . GLN A 65  ? 0.2375 0.4101 0.2690 0.0768  -0.0128 -0.0515 406  GLN A CB  
477 C  CG  . GLN A 65  ? 0.2237 0.4232 0.2462 0.0834  -0.0047 -0.0586 406  GLN A CG  
478 C  CD  . GLN A 65  ? 0.2143 0.4363 0.2452 0.0935  -0.0027 -0.0577 406  GLN A CD  
479 O  OE1 . GLN A 65  ? 0.2104 0.4392 0.2495 0.0927  0.0007  -0.0650 406  GLN A OE1 
480 N  NE2 . GLN A 65  ? 0.2079 0.4442 0.2374 0.0941  0.0001  -0.0593 406  GLN A NE2 
481 N  N   . ASP A 66  ? 0.2907 0.4113 0.3236 0.0642  -0.0122 -0.0527 407  ASP A N   
482 C  CA  . ASP A 66  ? 0.3297 0.4112 0.3490 0.0616  -0.0197 -0.0385 407  ASP A CA  
483 C  C   . ASP A 66  ? 0.3159 0.4061 0.3540 0.0496  -0.0212 -0.0364 407  ASP A C   
484 O  O   . ASP A 66  ? 0.3233 0.4050 0.3548 0.0495  -0.0213 -0.0358 407  ASP A O   
485 C  CB  . ASP A 66  ? 0.3425 0.4212 0.3721 0.0481  -0.0207 -0.0419 407  ASP A CB  
486 C  CG  . ASP A 66  ? 0.3585 0.4355 0.3956 0.0614  -0.0186 -0.0460 407  ASP A CG  
487 O  OD1 . ASP A 66  ? 0.3455 0.4422 0.3839 0.0499  -0.0161 -0.0407 407  ASP A OD1 
488 O  OD2 . ASP A 66  ? 0.3805 0.4497 0.4062 0.0459  -0.0115 -0.0360 407  ASP A OD2 
489 N  N   . LEU A 67  ? 0.3091 0.4060 0.3445 0.0506  -0.0226 -0.0342 408  LEU A N   
490 C  CA  . LEU A 67  ? 0.2952 0.3934 0.3382 0.0472  -0.0137 -0.0282 408  LEU A CA  
491 C  C   . LEU A 67  ? 0.2712 0.3618 0.3112 0.0350  -0.0311 -0.0210 408  LEU A C   
492 O  O   . LEU A 67  ? 0.2760 0.3570 0.3056 0.0376  -0.0167 -0.0232 408  LEU A O   
493 C  CB  . LEU A 67  ? 0.3088 0.4111 0.3527 0.0552  -0.0248 -0.0270 408  LEU A CB  
494 C  CG  . LEU A 67  ? 0.3162 0.4337 0.3665 0.0605  -0.0178 -0.0346 408  LEU A CG  
495 C  CD1 . LEU A 67  ? 0.3242 0.4361 0.3745 0.0689  -0.0199 -0.0379 408  LEU A CD1 
496 C  CD2 . LEU A 67  ? 0.3136 0.4367 0.3638 0.0598  -0.0200 -0.0313 408  LEU A CD2 
497 N  N   . THR A 68  ? 0.2568 0.3270 0.2839 0.0319  -0.0100 -0.0208 409  THR A N   
498 C  CA  . THR A 68  ? 0.2443 0.2969 0.2612 0.0218  -0.0177 -0.0101 409  THR A CA  
499 C  C   . THR A 68  ? 0.2119 0.2872 0.2398 0.0171  -0.0104 -0.0202 409  THR A C   
500 O  O   . THR A 68  ? 0.2108 0.2876 0.2413 0.0132  -0.0130 -0.0138 409  THR A O   
501 C  CB  . THR A 68  ? 0.2444 0.3057 0.2694 0.0195  -0.0130 -0.0152 409  THR A CB  
502 O  OG1 . THR A 68  ? 0.2480 0.3096 0.2716 0.0183  -0.0165 -0.0157 409  THR A OG1 
503 C  CG2 . THR A 68  ? 0.2474 0.3059 0.2736 0.0214  -0.0153 -0.0148 409  THR A CG2 
504 N  N   . PHE A 69  ? 0.1958 0.2672 0.2233 0.0091  -0.0158 -0.0072 410  PHE A N   
505 C  CA  . PHE A 69  ? 0.1802 0.2620 0.2121 0.0042  -0.0121 -0.0109 410  PHE A CA  
506 C  C   . PHE A 69  ? 0.1800 0.2527 0.2118 0.0019  -0.0121 -0.0071 410  PHE A C   
507 O  O   . PHE A 69  ? 0.1807 0.2527 0.2127 0.0024  -0.0116 -0.0063 410  PHE A O   
508 C  CB  . PHE A 69  ? 0.1755 0.2609 0.2116 0.0053  -0.0156 -0.0093 410  PHE A CB  
509 C  CG  . PHE A 69  ? 0.1766 0.2660 0.2191 0.0056  -0.0195 -0.0053 410  PHE A CG  
510 C  CD1 . PHE A 69  ? 0.1833 0.2690 0.2167 0.0078  -0.0190 -0.0055 410  PHE A CD1 
511 C  CD2 . PHE A 69  ? 0.1780 0.2705 0.2231 0.0030  -0.0203 -0.0027 410  PHE A CD2 
512 C  CE1 . PHE A 69  ? 0.1841 0.2775 0.2261 0.0092  -0.0223 -0.0045 410  PHE A CE1 
513 C  CE2 . PHE A 69  ? 0.1779 0.2779 0.2301 0.0048  -0.0225 -0.0019 410  PHE A CE2 
514 C  CZ  . PHE A 69  ? 0.1816 0.2803 0.2293 0.0073  -0.0234 -0.0033 410  PHE A CZ  
515 N  N   . SER A 70  ? 0.1844 0.2550 0.2115 -0.0016 -0.0105 -0.0052 411  SER A N   
516 C  CA  . SER A 70  ? 0.1831 0.2632 0.2186 -0.0027 -0.0099 -0.0051 411  SER A CA  
517 C  C   . SER A 70  ? 0.1886 0.2613 0.2192 -0.0078 -0.0105 -0.0039 411  SER A C   
518 O  O   . SER A 70  ? 0.1916 0.2623 0.2246 -0.0089 -0.0103 -0.0007 411  SER A O   
519 C  CB  . SER A 70  ? 0.1898 0.2728 0.2215 -0.0017 -0.0106 -0.0104 411  SER A CB  
520 O  OG  . SER A 70  ? 0.1936 0.2929 0.2266 -0.0042 -0.0077 -0.0058 411  SER A OG  
521 N  N   . THR A 71  ? 0.1893 0.2571 0.2181 -0.0096 -0.0095 -0.0062 412  THR A N   
522 C  CA  . THR A 71  ? 0.2020 0.2547 0.2239 -0.0122 -0.0113 -0.0060 412  THR A CA  
523 C  C   . THR A 71  ? 0.2027 0.2743 0.2412 -0.0173 -0.0135 -0.0067 412  THR A C   
524 O  O   . THR A 71  ? 0.2109 0.2675 0.2432 -0.0148 -0.0094 -0.0050 412  THR A O   
525 C  CB  . THR A 71  ? 0.2010 0.2488 0.2241 -0.0117 -0.0163 -0.0033 412  THR A CB  
526 O  OG1 . THR A 71  ? 0.2060 0.2473 0.2293 -0.0149 -0.0209 -0.0029 412  THR A OG1 
527 C  CG2 . THR A 71  ? 0.2002 0.2456 0.2190 -0.0094 -0.0169 -0.0092 412  THR A CG2 
528 N  N   . ARG A 72  ? 0.2405 0.2792 0.2609 -0.0102 -0.0128 -0.0002 413  ARG A N   
529 C  CA  . ARG A 72  ? 0.2432 0.3085 0.2932 -0.0108 -0.0205 -0.0056 413  ARG A CA  
530 C  C   . ARG A 72  ? 0.2550 0.3076 0.2892 -0.0140 -0.0197 -0.0121 413  ARG A C   
531 O  O   . ARG A 72  ? 0.2655 0.3061 0.2945 -0.0169 -0.0171 -0.0132 413  ARG A O   
532 C  CB  . ARG A 72  ? 0.2830 0.3506 0.2959 -0.0072 -0.0204 -0.0122 413  ARG A CB  
533 C  CG  . ARG A 72  ? 0.3154 0.3752 0.3504 -0.0199 -0.0094 0.0104  413  ARG A CG  
534 C  CD  . ARG A 72  ? 0.3858 0.4361 0.3578 -0.0049 -0.0035 -0.0040 413  ARG A CD  
535 N  NE  . ARG A 72  ? 0.3930 0.4987 0.4186 -0.0125 0.0145  -0.0145 413  ARG A NE  
536 C  CZ  . ARG A 72  ? 0.4461 0.4870 0.4326 -0.0013 0.0080  -0.0081 413  ARG A CZ  
537 N  NH1 . ARG A 72  ? 0.4621 0.4909 0.4530 -0.0240 0.0259  0.0017  413  ARG A NH1 
538 N  NH2 . ARG A 72  ? 0.4120 0.4619 0.4006 -0.0303 0.0040  -0.0064 413  ARG A NH2 
539 N  N   . SER A 73  ? 0.2534 0.2935 0.2818 -0.0120 -0.0240 -0.0180 414  SER A N   
540 C  CA  . SER A 73  ? 0.2436 0.2902 0.2769 -0.0162 -0.0283 -0.0191 414  SER A CA  
541 C  C   . SER A 73  ? 0.2407 0.2822 0.2813 -0.0160 -0.0277 -0.0165 414  SER A C   
542 O  O   . SER A 73  ? 0.2362 0.2851 0.2830 -0.0137 -0.0300 -0.0210 414  SER A O   
543 C  CB  . SER A 73  ? 0.2424 0.2855 0.2745 -0.0124 -0.0306 -0.0269 414  SER A CB  
544 O  OG  . SER A 73  ? 0.2440 0.2861 0.2800 -0.0112 -0.0376 -0.0303 414  SER A OG  
545 N  N   . LEU A 74  ? 0.2408 0.2845 0.2869 -0.0183 -0.0308 -0.0123 415  LEU A N   
546 C  CA  . LEU A 74  ? 0.2456 0.2871 0.2887 -0.0180 -0.0349 -0.0154 415  LEU A CA  
547 C  C   . LEU A 74  ? 0.2502 0.2899 0.2999 -0.0136 -0.0372 -0.0198 415  LEU A C   
548 O  O   . LEU A 74  ? 0.2546 0.2925 0.3123 -0.0153 -0.0410 -0.0230 415  LEU A O   
549 C  CB  . LEU A 74  ? 0.2520 0.2945 0.2929 -0.0195 -0.0342 -0.0086 415  LEU A CB  
550 C  CG  . LEU A 74  ? 0.2523 0.3004 0.2887 -0.0192 -0.0307 -0.0061 415  LEU A CG  
551 C  CD1 . LEU A 74  ? 0.2515 0.3015 0.2904 -0.0193 -0.0301 -0.0053 415  LEU A CD1 
552 C  CD2 . LEU A 74  ? 0.2640 0.3125 0.2941 -0.0225 -0.0273 -0.0006 415  LEU A CD2 
553 N  N   . LEU A 75  ? 0.2489 0.2887 0.2997 -0.0113 -0.0393 -0.0287 416  LEU A N   
554 C  CA  . LEU A 75  ? 0.2524 0.2943 0.3120 -0.0088 -0.0380 -0.0353 416  LEU A CA  
555 C  C   . LEU A 75  ? 0.2708 0.3220 0.3253 0.0006  -0.0521 -0.0331 416  LEU A C   
556 O  O   . LEU A 75  ? 0.2755 0.3142 0.3340 -0.0028 -0.0489 -0.0341 416  LEU A O   
557 C  CB  . LEU A 75  ? 0.2387 0.2826 0.2920 0.0044  -0.0399 -0.0454 416  LEU A CB  
558 C  CG  . LEU A 75  ? 0.2387 0.2727 0.2774 0.0002  -0.0415 -0.0486 416  LEU A CG  
559 C  CD1 . LEU A 75  ? 0.2391 0.2723 0.2772 0.0066  -0.0407 -0.0518 416  LEU A CD1 
560 C  CD2 . LEU A 75  ? 0.2339 0.2743 0.2781 0.0051  -0.0383 -0.0475 416  LEU A CD2 
561 N  N   . ASN A 76  ? 0.3050 0.3250 0.3859 -0.0098 -0.0528 -0.0307 417  ASN A N   
562 C  CA  . ASN A 76  ? 0.3504 0.3728 0.3990 0.0004  -0.0714 -0.0217 417  ASN A CA  
563 C  C   . ASN A 76  ? 0.3507 0.3694 0.4160 -0.0008 -0.0712 -0.0262 417  ASN A C   
564 O  O   . ASN A 76  ? 0.3450 0.3704 0.4174 0.0044  -0.0786 -0.0249 417  ASN A O   
565 C  CB  . ASN A 76  ? 0.3681 0.4023 0.4588 -0.0229 -0.0634 -0.0188 417  ASN A CB  
566 C  CG  . ASN A 76  ? 0.4099 0.4635 0.4667 -0.0179 -0.0718 -0.0057 417  ASN A CG  
567 O  OD1 . ASN A 76  ? 0.4262 0.4548 0.4895 -0.0323 -0.0684 -0.0101 417  ASN A OD1 
568 N  ND2 . ASN A 76  ? 0.4096 0.4652 0.4930 -0.0267 -0.0630 -0.0163 417  ASN A ND2 
569 N  N   . LEU A 77  ? 0.3511 0.3805 0.4222 -0.0046 -0.0687 -0.0340 418  LEU A N   
570 C  CA  . LEU A 77  ? 0.3566 0.4004 0.4313 0.0061  -0.0655 -0.0439 418  LEU A CA  
571 C  C   . LEU A 77  ? 0.3572 0.3985 0.4332 0.0021  -0.0706 -0.0465 418  LEU A C   
572 O  O   . LEU A 77  ? 0.3502 0.3933 0.4323 -0.0013 -0.0727 -0.0470 418  LEU A O   
573 C  CB  . LEU A 77  ? 0.3448 0.4128 0.4394 0.0009  -0.0588 -0.0502 418  LEU A CB  
574 C  CG  . LEU A 77  ? 0.3499 0.4224 0.4377 0.0070  -0.0568 -0.0523 418  LEU A CG  
575 C  CD1 . LEU A 77  ? 0.3400 0.4256 0.4422 0.0056  -0.0528 -0.0518 418  LEU A CD1 
576 C  CD2 . LEU A 77  ? 0.3468 0.4297 0.4393 0.0084  -0.0564 -0.0557 418  LEU A CD2 
577 N  N   . THR A 78  ? 0.3647 0.4023 0.4490 0.0083  -0.0755 -0.0458 419  THR A N   
578 C  CA  . THR A 78  ? 0.3770 0.4109 0.4540 0.0148  -0.0815 -0.0450 419  THR A CA  
579 C  C   . THR A 78  ? 0.3809 0.4261 0.4703 0.0046  -0.0802 -0.0471 419  THR A C   
580 O  O   . THR A 78  ? 0.3815 0.4339 0.4647 0.0083  -0.0844 -0.0440 419  THR A O   
581 C  CB  . THR A 78  ? 0.3761 0.4035 0.4563 0.0104  -0.0892 -0.0461 419  THR A CB  
582 O  OG1 . THR A 78  ? 0.3758 0.4102 0.4618 0.0176  -0.0860 -0.0511 419  THR A OG1 
583 C  CG2 . THR A 78  ? 0.3684 0.3963 0.4445 0.0173  -0.0852 -0.0390 419  THR A CG2 
584 N  N   . ALA A 79  ? 0.3993 0.4543 0.4708 0.0100  -0.0823 -0.0506 420  ALA A N   
585 C  CA  . ALA A 79  ? 0.4044 0.4640 0.4778 0.0077  -0.0858 -0.0603 420  ALA A CA  
586 C  C   . ALA A 79  ? 0.4062 0.5022 0.5058 0.0100  -0.0789 -0.0595 420  ALA A C   
587 O  O   . ALA A 79  ? 0.4161 0.4939 0.5152 0.0106  -0.0807 -0.0644 420  ALA A O   
588 C  CB  . ALA A 79  ? 0.3939 0.4640 0.4769 0.0110  -0.0818 -0.0641 420  ALA A CB  
589 N  N   . VAL A 80  ? 0.4436 0.5082 0.5480 0.0207  -0.0902 -0.0689 421  VAL A N   
590 C  CA  . VAL A 80  ? 0.4594 0.5599 0.5723 0.0276  -0.0742 -0.0762 421  VAL A CA  
591 C  C   . VAL A 80  ? 0.4628 0.5465 0.5696 0.0309  -0.0686 -0.0796 421  VAL A C   
592 O  O   . VAL A 80  ? 0.4705 0.5545 0.5635 0.0303  -0.0590 -0.0833 421  VAL A O   
593 C  CB  . VAL A 80  ? 0.5017 0.5633 0.6141 0.0367  -0.0855 -0.0868 421  VAL A CB  
594 C  CG1 . VAL A 80  ? 0.5082 0.5739 0.6105 0.0362  -0.0774 -0.0826 421  VAL A CG1 
595 C  CG2 . VAL A 80  ? 0.4998 0.5760 0.6140 0.0349  -0.0870 -0.0842 421  VAL A CG2 
596 N  N   . GLU A 81  ? 0.4646 0.5376 0.5526 0.0320  -0.0637 -0.0817 422  GLU A N   
597 C  CA  . GLU A 81  ? 0.4698 0.5284 0.5523 0.0371  -0.0525 -0.0771 422  GLU A CA  
598 C  C   . GLU A 81  ? 0.4405 0.5256 0.5151 0.0300  -0.0422 -0.0752 422  GLU A C   
599 O  O   . GLU A 81  ? 0.4360 0.5307 0.5168 0.0315  -0.0389 -0.0747 422  GLU A O   
600 C  CB  . GLU A 81  ? 0.4778 0.5449 0.5814 0.0323  -0.0663 -0.0781 422  GLU A CB  
601 C  CG  . GLU A 81  ? 0.5142 0.5805 0.5842 0.0407  -0.0646 -0.0781 422  GLU A CG  
602 C  CD  . GLU A 81  ? 0.5325 0.6021 0.6192 0.0337  -0.0775 -0.0976 422  GLU A CD  
603 O  OE1 . GLU A 81  ? 0.5502 0.6004 0.6109 0.0495  -0.0651 -0.0995 422  GLU A OE1 
604 O  OE2 . GLU A 81  ? 0.5199 0.6022 0.6418 0.0278  -0.0805 -0.0940 422  GLU A OE2 
605 N  N   . TRP A 82  ? 0.4123 0.4726 0.5028 0.0173  -0.0518 -0.0607 423  TRP A N   
606 C  CA  . TRP A 82  ? 0.3784 0.4697 0.4547 0.0140  -0.0300 -0.0614 423  TRP A CA  
607 C  C   . TRP A 82  ? 0.4019 0.4872 0.4983 -0.0045 -0.0401 -0.0672 423  TRP A C   
608 O  O   . TRP A 82  ? 0.4083 0.4980 0.5085 -0.0012 -0.0411 -0.0516 423  TRP A O   
609 C  CB  . TRP A 82  ? 0.3502 0.3711 0.4178 -0.0027 -0.0547 -0.0552 423  TRP A CB  
610 C  CG  . TRP A 82  ? 0.2993 0.3665 0.3590 -0.0082 -0.0416 -0.0472 423  TRP A CG  
611 C  CD1 . TRP A 82  ? 0.2882 0.3431 0.3638 -0.0095 -0.0389 -0.0479 423  TRP A CD1 
612 C  CD2 . TRP A 82  ? 0.2780 0.3449 0.3554 -0.0124 -0.0343 -0.0554 423  TRP A CD2 
613 N  NE1 . TRP A 82  ? 0.2778 0.3416 0.3489 -0.0132 -0.0365 -0.0492 423  TRP A NE1 
614 C  CE2 . TRP A 82  ? 0.2674 0.3330 0.3502 -0.0133 -0.0339 -0.0445 423  TRP A CE2 
615 C  CE3 . TRP A 82  ? 0.2730 0.3421 0.3537 -0.0087 -0.0299 -0.0459 423  TRP A CE3 
616 C  CZ2 . TRP A 82  ? 0.2527 0.3299 0.3447 -0.0178 -0.0318 -0.0457 423  TRP A CZ2 
617 C  CZ3 . TRP A 82  ? 0.2581 0.3373 0.3385 -0.0142 -0.0243 -0.0486 423  TRP A CZ3 
618 C  CH2 . TRP A 82  ? 0.2511 0.3326 0.3427 -0.0159 -0.0275 -0.0460 423  TRP A CH2 
619 N  N   . LYS A 83  ? 0.4248 0.5157 0.5221 0.0128  -0.0489 -0.0601 424  LYS A N   
620 C  CA  . LYS A 83  ? 0.4282 0.5438 0.5557 0.0047  -0.0540 -0.0666 424  LYS A CA  
621 C  C   . LYS A 83  ? 0.4315 0.5642 0.5684 0.0128  -0.0476 -0.0651 424  LYS A C   
622 O  O   . LYS A 83  ? 0.4363 0.5694 0.5750 0.0056  -0.0403 -0.0744 424  LYS A O   
623 C  CB  . LYS A 83  ? 0.4458 0.5512 0.5557 0.0002  -0.0591 -0.0673 424  LYS A CB  
624 C  CG  . LYS A 83  ? 0.4544 0.5610 0.5631 0.0012  -0.0562 -0.0733 424  LYS A CG  
625 C  CD  . LYS A 83  ? 0.4966 0.5836 0.5813 0.0066  -0.0703 -0.0559 424  LYS A CD  
626 C  CE  . LYS A 83  ? 0.5132 0.5865 0.5830 0.0158  -0.0705 -0.0600 424  LYS A CE  
627 N  NZ  . LYS A 83  ? 0.5237 0.6014 0.5846 0.0171  -0.0769 -0.0593 424  LYS A NZ  
628 N  N   . SER A 84  ? 0.4292 0.5783 0.5671 0.0157  -0.0515 -0.0667 425  SER A N   
629 C  CA  . SER A 84  ? 0.4266 0.6024 0.5784 0.0223  -0.0448 -0.0616 425  SER A CA  
630 C  C   . SER A 84  ? 0.4218 0.6049 0.5809 0.0201  -0.0366 -0.0610 425  SER A C   
631 O  O   . SER A 84  ? 0.4327 0.6061 0.5891 0.0206  -0.0249 -0.0544 425  SER A O   
632 C  CB  . SER A 84  ? 0.4534 0.6070 0.5724 0.0310  -0.0424 -0.0718 425  SER A CB  
633 O  OG  . SER A 84  ? 0.4845 0.6181 0.5686 0.0566  -0.0493 -0.0677 425  SER A OG  
634 N  N   . GLY A 85  ? 0.4164 0.5839 0.5612 0.0082  -0.0236 -0.0537 426  GLY A N   
635 C  CA  . GLY A 85  ? 0.4057 0.5873 0.5606 0.0039  -0.0169 -0.0521 426  GLY A CA  
636 C  C   . GLY A 85  ? 0.3987 0.5901 0.5549 0.0066  -0.0094 -0.0434 426  GLY A C   
637 O  O   . GLY A 85  ? 0.3880 0.5918 0.5639 0.0049  -0.0137 -0.0378 426  GLY A O   
638 N  N   . ALA A 86  ? 0.3894 0.5936 0.5415 0.0108  -0.0107 -0.0474 427  ALA A N   
639 C  CA  . ALA A 86  ? 0.3993 0.5983 0.5335 0.0111  -0.0042 -0.0467 427  ALA A CA  
640 C  C   . ALA A 86  ? 0.4071 0.5924 0.5373 0.0121  0.0002  -0.0410 427  ALA A C   
641 O  O   . ALA A 86  ? 0.4145 0.5943 0.5438 0.0096  0.0019  -0.0550 427  ALA A O   
642 C  CB  . ALA A 86  ? 0.3994 0.5953 0.5319 0.0162  -0.0011 -0.0454 427  ALA A CB  
643 N  N   . LYS A 87  ? 0.4244 0.6181 0.5363 0.0066  0.0096  -0.0334 428  LYS A N   
644 C  CA  . LYS A 87  ? 0.4283 0.6237 0.5498 0.0112  0.0085  -0.0322 428  LYS A CA  
645 C  C   . LYS A 87  ? 0.4233 0.5972 0.5141 0.0195  0.0170  -0.0247 428  LYS A C   
646 O  O   . LYS A 87  ? 0.4346 0.6049 0.5109 0.0230  0.0117  -0.0278 428  LYS A O   
647 C  CB  . LYS A 87  ? 0.4745 0.6867 0.5684 -0.0024 0.0283  -0.0138 428  LYS A CB  
648 C  CG  . LYS A 87  ? 0.4970 0.7285 0.6251 0.0247  0.0134  -0.0133 428  LYS A CG  
649 C  CD  . LYS A 87  ? 0.5679 0.8060 0.6517 0.0008  0.0463  0.0069  428  LYS A CD  
650 C  CE  . LYS A 87  ? 0.5897 0.8339 0.6846 0.0165  0.0341  0.0164  428  LYS A CE  
651 N  NZ  . LYS A 87  ? 0.5898 0.8831 0.6998 -0.0029 0.0465  0.0295  428  LYS A NZ  
652 N  N   . TYR A 88  ? 0.3977 0.5420 0.4858 0.0020  -0.0040 -0.0199 429  TYR A N   
653 C  CA  . TYR A 88  ? 0.3883 0.5056 0.4397 0.0165  0.0048  -0.0266 429  TYR A CA  
654 C  C   . TYR A 88  ? 0.3693 0.5007 0.4297 0.0070  0.0084  -0.0281 429  TYR A C   
655 O  O   . TYR A 88  ? 0.3776 0.5000 0.4384 0.0146  0.0161  -0.0280 429  TYR A O   
656 C  CB  . TYR A 88  ? 0.3530 0.4683 0.4285 0.0173  -0.0085 -0.0385 429  TYR A CB  
657 C  CG  . TYR A 88  ? 0.3379 0.4550 0.4065 0.0077  -0.0123 -0.0508 429  TYR A CG  
658 C  CD1 . TYR A 88  ? 0.3324 0.4528 0.4093 0.0158  -0.0200 -0.0518 429  TYR A CD1 
659 C  CD2 . TYR A 88  ? 0.3308 0.4435 0.4073 0.0111  -0.0113 -0.0445 429  TYR A CD2 
660 C  CE1 . TYR A 88  ? 0.3358 0.4501 0.4056 0.0167  -0.0256 -0.0574 429  TYR A CE1 
661 C  CE2 . TYR A 88  ? 0.3300 0.4387 0.4069 0.0095  -0.0169 -0.0495 429  TYR A CE2 
662 C  CZ  . TYR A 88  ? 0.3335 0.4423 0.4063 0.0178  -0.0245 -0.0579 429  TYR A CZ  
663 O  OH  . TYR A 88  ? 0.3409 0.4595 0.4175 0.0296  -0.0342 -0.0588 429  TYR A OH  
664 N  N   . THR A 89  ? 0.3680 0.4952 0.4218 0.0102  0.0120  -0.0268 430  THR A N   
665 C  CA  . THR A 89  ? 0.3711 0.4974 0.4133 0.0097  0.0162  -0.0209 430  THR A CA  
666 C  C   . THR A 89  ? 0.3706 0.4872 0.4056 0.0105  0.0077  -0.0240 430  THR A C   
667 O  O   . THR A 89  ? 0.3733 0.4891 0.4100 0.0108  0.0047  -0.0274 430  THR A O   
668 C  CB  . THR A 89  ? 0.3924 0.5154 0.4150 0.0166  0.0233  -0.0170 430  THR A CB  
669 O  OG1 . THR A 89  ? 0.3958 0.5170 0.4104 0.0174  0.0389  -0.0120 430  THR A OG1 
670 C  CG2 . THR A 89  ? 0.3805 0.5152 0.4064 0.0121  0.0301  -0.0155 430  THR A CG2 
671 N  N   . CYS A 90  ? 0.3707 0.4762 0.3960 0.0076  0.0075  -0.0176 431  CYS A N   
672 C  CA  . CYS A 90  ? 0.3716 0.4592 0.3920 0.0062  0.0054  -0.0168 431  CYS A CA  
673 C  C   . CYS A 90  ? 0.3631 0.4662 0.3799 0.0079  0.0078  -0.0252 431  CYS A C   
674 O  O   . CYS A 90  ? 0.3662 0.4666 0.3844 0.0134  0.0176  -0.0223 431  CYS A O   
675 C  CB  . CYS A 90  ? 0.3791 0.4379 0.3822 0.0048  0.0034  -0.0053 431  CYS A CB  
676 S  SG  . CYS A 90  ? 0.3797 0.4099 0.3696 0.0063  -0.0016 -0.0058 431  CYS A SG  
677 N  N   . THR A 91  ? 0.3544 0.4607 0.3653 0.0152  0.0083  -0.0181 432  THR A N   
678 C  CA  . THR A 91  ? 0.3502 0.4627 0.3610 0.0166  0.0087  -0.0215 432  THR A CA  
679 C  C   . THR A 91  ? 0.3512 0.4523 0.3511 0.0161  0.0017  -0.0197 432  THR A C   
680 O  O   . THR A 91  ? 0.3556 0.4556 0.3550 0.0111  -0.0041 -0.0210 432  THR A O   
681 C  CB  . THR A 91  ? 0.3607 0.4798 0.3570 0.0281  0.0057  -0.0230 432  THR A CB  
682 O  OG1 . THR A 91  ? 0.3648 0.4767 0.3530 0.0368  0.0069  -0.0295 432  THR A OG1 
683 C  CG2 . THR A 91  ? 0.3723 0.4809 0.3553 0.0292  0.0066  -0.0332 432  THR A CG2 
684 N  N   . ALA A 92  ? 0.3485 0.4500 0.3460 0.0142  0.0019  -0.0221 433  ALA A N   
685 C  CA  . ALA A 92  ? 0.3489 0.4516 0.3501 0.0154  0.0007  -0.0292 433  ALA A CA  
686 C  C   . ALA A 92  ? 0.3679 0.4807 0.3560 0.0255  -0.0052 -0.0235 433  ALA A C   
687 O  O   . ALA A 92  ? 0.3749 0.4856 0.3683 0.0213  0.0025  -0.0197 433  ALA A O   
688 C  CB  . ALA A 92  ? 0.3472 0.4479 0.3348 0.0095  -0.0034 -0.0254 433  ALA A CB  
689 N  N   . SER A 93  ? 0.3751 0.4737 0.3552 0.0299  -0.0161 -0.0176 434  SER A N   
690 C  CA  . SER A 93  ? 0.3843 0.4954 0.3615 0.0386  -0.0215 -0.0046 434  SER A CA  
691 C  C   . SER A 93  ? 0.3824 0.4521 0.3274 0.0352  -0.0246 -0.0070 434  SER A C   
692 O  O   . SER A 93  ? 0.3712 0.4504 0.3327 0.0289  -0.0273 -0.0167 434  SER A O   
693 C  CB  . SER A 93  ? 0.4044 0.5002 0.3213 0.0442  -0.0767 -0.0032 434  SER A CB  
694 O  OG  . SER A 93  ? 0.4655 0.5717 0.3303 0.0539  -0.0634 -0.0047 434  SER A OG  
695 N  N   . HIS A 94  ? 0.3326 0.4449 0.3109 0.0325  -0.0104 -0.0151 435  HIS A N   
696 C  CA  . HIS A 94  ? 0.3323 0.4106 0.2878 0.0314  -0.0149 -0.0137 435  HIS A CA  
697 C  C   . HIS A 94  ? 0.3354 0.4295 0.2896 0.0425  -0.0174 -0.0155 435  HIS A C   
698 O  O   . HIS A 94  ? 0.3409 0.4328 0.2874 0.0443  -0.0181 -0.0133 435  HIS A O   
699 C  CB  . HIS A 94  ? 0.3034 0.3962 0.2813 0.0294  -0.0118 -0.0015 435  HIS A CB  
700 C  CG  . HIS A 94  ? 0.2986 0.3701 0.2723 0.0221  -0.0149 0.0044  435  HIS A CG  
701 N  ND1 . HIS A 94  ? 0.2958 0.3714 0.2768 0.0234  -0.0127 0.0061  435  HIS A ND1 
702 C  CD2 . HIS A 94  ? 0.2888 0.3603 0.2699 0.0223  -0.0215 0.0023  435  HIS A CD2 
703 C  CE1 . HIS A 94  ? 0.2919 0.3534 0.2672 0.0211  -0.0183 0.0078  435  HIS A CE1 
704 N  NE2 . HIS A 94  ? 0.2876 0.3516 0.2656 0.0183  -0.0202 0.0057  435  HIS A NE2 
705 N  N   . PRO A 95  ? 0.3428 0.4365 0.2939 0.0457  -0.0253 -0.0233 436  PRO A N   
706 C  CA  . PRO A 95  ? 0.3602 0.4596 0.2949 0.0522  -0.0304 -0.0261 436  PRO A CA  
707 C  C   . PRO A 95  ? 0.3697 0.4711 0.3123 0.0576  -0.0363 -0.0164 436  PRO A C   
708 O  O   . PRO A 95  ? 0.3678 0.4956 0.3042 0.0582  -0.0320 -0.0203 436  PRO A O   
709 C  CB  . PRO A 95  ? 0.3519 0.4573 0.2885 0.0582  -0.0388 -0.0319 436  PRO A CB  
710 C  CG  . PRO A 95  ? 0.3458 0.4439 0.2861 0.0547  -0.0349 -0.0344 436  PRO A CG  
711 C  CD  . PRO A 95  ? 0.3430 0.4336 0.2855 0.0479  -0.0307 -0.0287 436  PRO A CD  
712 N  N   . PRO A 96  ? 0.3740 0.4729 0.3202 0.0492  -0.0283 -0.0158 437  PRO A N   
713 C  CA  . PRO A 96  ? 0.3887 0.4870 0.3354 0.0590  -0.0325 -0.0084 437  PRO A CA  
714 C  C   . PRO A 96  ? 0.4217 0.5040 0.3508 0.0495  -0.0156 0.0045  437  PRO A C   
715 O  O   . PRO A 96  ? 0.4318 0.5303 0.3439 0.0606  -0.0166 0.0036  437  PRO A O   
716 C  CB  . PRO A 96  ? 0.3823 0.4589 0.3316 0.0485  -0.0354 -0.0032 437  PRO A CB  
717 C  CG  . PRO A 96  ? 0.3645 0.4542 0.3240 0.0425  -0.0363 -0.0084 437  PRO A CG  
718 C  CD  . PRO A 96  ? 0.3677 0.4500 0.3217 0.0463  -0.0361 -0.0164 437  PRO A CD  
719 N  N   . SER A 97  ? 0.4241 0.5291 0.3621 0.0443  -0.0199 0.0102  438  SER A N   
720 C  CA  . SER A 97  ? 0.4582 0.5435 0.3921 0.0352  -0.0140 0.0324  438  SER A CA  
721 C  C   . SER A 97  ? 0.4729 0.6082 0.4155 0.0462  0.0018  0.0397  438  SER A C   
722 O  O   . SER A 97  ? 0.4837 0.5974 0.4231 0.0499  -0.0067 0.0462  438  SER A O   
723 C  CB  . SER A 97  ? 0.4265 0.5239 0.3849 0.0329  -0.0029 0.0410  438  SER A CB  
724 O  OG  . SER A 97  ? 0.4113 0.5123 0.3718 0.0250  0.0018  0.0330  438  SER A OG  
725 N  N   . GLN A 98  ? 0.5312 0.6181 0.4594 0.0547  -0.0140 0.0258  439  GLN A N   
726 C  CA  . GLN A 98  ? 0.5555 0.6979 0.4921 0.0627  0.0138  0.0231  439  GLN A CA  
727 C  C   . GLN A 98  ? 0.5605 0.6922 0.4663 0.0591  0.0120  0.0317  439  GLN A C   
728 O  O   . GLN A 98  ? 0.5610 0.7112 0.4821 0.0559  0.0258  0.0254  439  GLN A O   
729 C  CB  . GLN A 98  ? 0.6087 0.7778 0.5030 0.0825  0.0066  0.0465  439  GLN A CB  
730 C  CG  . GLN A 98  ? 0.6528 0.8553 0.6139 0.0515  -0.0220 0.0080  439  GLN A CG  
731 C  CD  . GLN A 98  ? 0.6908 0.9837 0.6392 0.0729  -0.0462 0.0503  439  GLN A CD  
732 O  OE1 . GLN A 98  ? 0.7079 0.9658 0.6975 0.0673  -0.0450 0.0329  439  GLN A OE1 
733 N  NE2 . GLN A 98  ? 0.6873 0.9707 0.6546 0.0723  -0.0413 0.0232  439  GLN A NE2 
734 N  N   . SER A 99  ? 0.5050 0.6396 0.4657 0.0404  0.0135  0.0305  440  SER A N   
735 C  CA  . SER A 99  ? 0.4923 0.6116 0.4366 0.0469  0.0224  0.0473  440  SER A CA  
736 C  C   . SER A 99  ? 0.4587 0.5888 0.4178 0.0297  0.0245  0.0337  440  SER A C   
737 O  O   . SER A 99  ? 0.4740 0.5738 0.4028 0.0327  0.0181  0.0316  440  SER A O   
738 C  CB  . SER A 99  ? 0.4747 0.6028 0.4393 0.0342  0.0242  0.0501  440  SER A CB  
739 O  OG  . SER A 99  ? 0.4832 0.5939 0.4285 0.0311  0.0192  0.0513  440  SER A OG  
740 N  N   . THR A 100 ? 0.4561 0.5780 0.4050 0.0373  0.0216  0.0311  441  THR A N   
741 C  CA  . THR A 100 ? 0.4333 0.5672 0.4033 0.0306  0.0221  0.0226  441  THR A CA  
742 C  C   . THR A 100 ? 0.4245 0.5564 0.4139 0.0216  0.0266  0.0326  441  THR A C   
743 O  O   . THR A 100 ? 0.4306 0.5653 0.4241 0.0196  0.0321  0.0375  441  THR A O   
744 C  CB  . THR A 100 ? 0.4348 0.5777 0.3983 0.0396  0.0148  0.0196  441  THR A CB  
745 O  OG1 . THR A 100 ? 0.4398 0.5733 0.3991 0.0509  0.0094  0.0143  441  THR A OG1 
746 C  CG2 . THR A 100 ? 0.4255 0.5627 0.3903 0.0368  0.0163  0.0077  441  THR A CG2 
747 N  N   . VAL A 101 ? 0.4190 0.5393 0.4146 0.0096  0.0280  0.0296  442  VAL A N   
748 C  CA  . VAL A 101 ? 0.4180 0.5342 0.4311 0.0021  0.0219  0.0356  442  VAL A CA  
749 C  C   . VAL A 101 ? 0.4160 0.5233 0.4276 -0.0021 0.0259  0.0363  442  VAL A C   
750 O  O   . VAL A 101 ? 0.4120 0.5139 0.4108 0.0014  0.0233  0.0246  442  VAL A O   
751 C  CB  . VAL A 101 ? 0.4218 0.5367 0.4362 0.0021  0.0240  0.0328  442  VAL A CB  
752 C  CG1 . VAL A 101 ? 0.4121 0.5414 0.4412 0.0071  0.0262  0.0342  442  VAL A CG1 
753 C  CG2 . VAL A 101 ? 0.4241 0.5369 0.4356 -0.0005 0.0232  0.0302  442  VAL A CG2 
754 N  N   . LYS A 102 ? 0.4187 0.5486 0.4499 -0.0093 0.0260  0.0312  443  LYS A N   
755 C  CA  . LYS A 102 ? 0.4361 0.5495 0.4635 -0.0062 0.0134  0.0327  443  LYS A CA  
756 C  C   . LYS A 102 ? 0.4092 0.5133 0.4627 -0.0118 0.0273  0.0390  443  LYS A C   
757 O  O   . LYS A 102 ? 0.4089 0.5129 0.4668 -0.0187 0.0268  0.0446  443  LYS A O   
758 C  CB  . LYS A 102 ? 0.4524 0.6249 0.5242 0.0130  0.0460  0.0454  443  LYS A CB  
759 C  CG  . LYS A 102 ? 0.5452 0.6941 0.5895 -0.0058 -0.0029 0.0030  443  LYS A CG  
760 C  CD  . LYS A 102 ? 0.5464 0.8242 0.7216 0.0128  0.0495  0.0387  443  LYS A CD  
761 C  CE  . LYS A 102 ? 0.5861 0.9347 0.7790 0.0044  0.0085  -0.0266 443  LYS A CE  
762 N  NZ  . LYS A 102 ? 0.5753 0.9063 0.7465 0.0122  0.0118  -0.0717 443  LYS A NZ  
763 N  N   . ARG A 103 ? 0.3918 0.5045 0.4498 -0.0167 0.0202  0.0233  444  ARG A N   
764 C  CA  . ARG A 103 ? 0.3914 0.4997 0.4651 -0.0152 0.0131  0.0149  444  ARG A CA  
765 C  C   . ARG A 103 ? 0.3728 0.4872 0.4429 -0.0264 0.0188  0.0061  444  ARG A C   
766 O  O   . ARG A 103 ? 0.3695 0.4843 0.4259 -0.0111 0.0265  -0.0012 444  ARG A O   
767 C  CB  . ARG A 103 ? 0.4045 0.5304 0.4787 -0.0152 0.0237  0.0065  444  ARG A CB  
768 C  CG  . ARG A 103 ? 0.4549 0.5418 0.5497 -0.0362 0.0093  -0.0118 444  ARG A CG  
769 C  CD  . ARG A 103 ? 0.4846 0.5988 0.5831 -0.0187 -0.0080 0.0173  444  ARG A CD  
770 N  NE  . ARG A 103 ? 0.5254 0.6317 0.6830 -0.0634 -0.0146 0.0264  444  ARG A NE  
771 C  CZ  . ARG A 103 ? 0.5346 0.6568 0.7000 -0.0472 -0.0077 0.0150  444  ARG A CZ  
772 N  NH1 . ARG A 103 ? 0.5632 0.6557 0.7204 -0.0520 -0.0034 0.0024  444  ARG A NH1 
773 N  NH2 . ARG A 103 ? 0.5103 0.6179 0.6860 -0.0461 -0.0215 0.0019  444  ARG A NH2 
774 N  N   . VAL A 104 ? 0.3601 0.4810 0.4447 -0.0181 0.0201  0.0099  445  VAL A N   
775 C  CA  . VAL A 104 ? 0.3529 0.4765 0.4463 -0.0261 0.0175  0.0109  445  VAL A CA  
776 C  C   . VAL A 104 ? 0.3506 0.4592 0.4488 -0.0270 0.0132  0.0135  445  VAL A C   
777 O  O   . VAL A 104 ? 0.3510 0.4610 0.4576 -0.0255 0.0062  0.0107  445  VAL A O   
778 C  CB  . VAL A 104 ? 0.3618 0.4957 0.4539 -0.0207 0.0266  0.0194  445  VAL A CB  
779 C  CG1 . VAL A 104 ? 0.3592 0.4990 0.4464 -0.0210 0.0300  0.0184  445  VAL A CG1 
780 C  CG2 . VAL A 104 ? 0.3477 0.5022 0.4519 -0.0196 0.0269  0.0238  445  VAL A CG2 
781 N  N   . ILE A 105 ? 0.3415 0.4436 0.4314 -0.0290 0.0111  -0.0041 446  ILE A N   
782 C  CA  . ILE A 105 ? 0.3404 0.4364 0.4329 -0.0341 0.0106  -0.0111 446  ILE A CA  
783 C  C   . ILE A 105 ? 0.3562 0.4719 0.4779 -0.0125 0.0139  -0.0070 446  ILE A C   
784 O  O   . ILE A 105 ? 0.3703 0.4683 0.4770 -0.0218 0.0091  -0.0066 446  ILE A O   
785 C  CB  . ILE A 105 ? 0.3238 0.3931 0.3971 -0.0232 -0.0068 -0.0290 446  ILE A CB  
786 C  CG1 . ILE A 105 ? 0.3040 0.3894 0.3984 -0.0227 -0.0027 -0.0336 446  ILE A CG1 
787 C  CG2 . ILE A 105 ? 0.3227 0.3930 0.4007 -0.0229 -0.0016 -0.0187 446  ILE A CG2 
788 C  CD1 . ILE A 105 ? 0.2964 0.3730 0.3789 -0.0242 -0.0158 -0.0429 446  ILE A CD1 
789 N  N   . ARG A 106 ? 0.4183 0.5374 0.5306 -0.0550 -0.0086 -0.0288 447  ARG A N   
790 C  CA  . ARG A 106 ? 0.4497 0.6032 0.6309 -0.0111 -0.0104 -0.0222 447  ARG A CA  
791 C  C   . ARG A 106 ? 0.4878 0.6376 0.6289 -0.0372 -0.0100 -0.0323 447  ARG A C   
792 O  O   . ARG A 106 ? 0.4815 0.6331 0.6319 -0.0408 -0.0079 -0.0328 447  ARG A O   
793 C  CB  . ARG A 106 ? 0.4865 0.6723 0.6737 -0.0486 0.0023  -0.0050 447  ARG A CB  
794 C  CG  . ARG A 106 ? 0.5135 0.7315 0.7185 -0.0141 0.0113  -0.0164 447  ARG A CG  
795 C  CD  . ARG A 106 ? 0.5433 0.7936 0.7638 -0.0342 0.0184  0.0212  447  ARG A CD  
796 N  NE  . ARG A 106 ? 0.5631 0.8324 0.7679 -0.0218 0.0231  0.0123  447  ARG A NE  
797 C  CZ  . ARG A 106 ? 0.5721 0.8448 0.7589 -0.0195 0.0311  0.0195  447  ARG A CZ  
798 N  NH1 . ARG A 106 ? 0.5713 0.8593 0.7666 -0.0151 0.0362  0.0160  447  ARG A NH1 
799 N  NH2 . ARG A 106 ? 0.5725 0.8397 0.7579 -0.0239 0.0294  0.0291  447  ARG A NH2 
800 N  N   . ASN A 107 ? 0.5127 0.6623 0.7176 -0.0153 -0.0254 -0.0353 448  ASN A N   
801 C  CA  . ASN A 107 ? 0.5560 0.7160 0.7152 -0.0307 -0.0275 -0.0304 448  ASN A CA  
802 C  C   . ASN A 107 ? 0.5861 0.7149 0.7660 -0.0452 -0.0494 -0.0426 448  ASN A C   
803 O  O   . ASN A 107 ? 0.6053 0.7106 0.7092 -0.0356 -0.0449 -0.0196 448  ASN A O   
804 C  CB  . ASN A 107 ? 0.5519 0.7315 0.7779 -0.0134 -0.0431 -0.0462 448  ASN A CB  
805 C  CG  . ASN A 107 ? 0.5519 0.8009 0.7866 -0.0181 -0.0443 -0.0694 448  ASN A CG  
806 O  OD1 . ASN A 107 ? 0.5608 0.8130 0.7782 -0.0155 -0.0457 -0.0753 448  ASN A OD1 
807 N  ND2 . ASN A 107 ? 0.5386 0.7971 0.7531 -0.0194 -0.0437 -0.0968 448  ASN A ND2 
808 N  N   . GLN A 108 ? 0.6376 0.7000 0.7634 -0.0754 -0.0614 -0.0525 449  GLN A N   
809 C  CA  . GLN A 108 ? 0.7088 0.6693 0.7468 -0.1098 -0.0856 -0.0087 449  GLN A CA  
810 C  C   . GLN A 108 ? 0.4196 0.3902 0.5475 -0.1378 -0.1257 -0.2287 449  GLN A C   
811 O  O   . GLN A 108 ? 0.4240 0.3132 0.4778 -0.1606 -0.1450 -0.1909 449  GLN A O   
812 C  CB  . GLN A 108 ? 0.8178 0.7215 0.8892 -0.0668 -0.0606 -0.0699 449  GLN A CB  
813 C  CG  . GLN A 108 ? 0.8152 0.8078 0.9606 -0.0880 -0.0744 -0.0703 449  GLN A CG  
814 C  CD  . GLN A 108 ? 0.8162 0.8756 0.9872 -0.0604 -0.0547 -0.0578 449  GLN A CD  
815 O  OE1 . GLN A 108 ? 0.8152 0.8718 1.0003 -0.0608 -0.0520 -0.0550 449  GLN A OE1 
816 N  NE2 . GLN A 108 ? 0.8250 0.8726 0.9788 -0.0637 -0.0425 -0.0528 449  GLN A NE2 
817 C  C1  . PG4 B .   ? 0.3084 0.4638 0.4130 -0.0098 -0.0376 0.0035  901  PG4 A C1  
818 C  C2  . PG4 B .   ? 0.3200 0.4717 0.4259 0.0030  -0.0348 0.0082  901  PG4 A C2  
819 O  O2  . PG4 B .   ? 0.3457 0.4735 0.4218 0.0057  -0.0293 0.0104  901  PG4 A O2  
820 C  C3  . PG4 B .   ? 0.3174 0.4706 0.4006 0.0067  -0.0289 0.0038  901  PG4 A C3  
821 C  C4  . PG4 B .   ? 0.3142 0.4601 0.3877 0.0140  -0.0268 0.0021  901  PG4 A C4  
822 O  O3  . PG4 B .   ? 0.3196 0.4495 0.3765 0.0268  -0.0272 -0.0027 901  PG4 A O3  
823 C  C5  . PG4 B .   ? 0.3216 0.4488 0.3797 0.0301  -0.0249 -0.0007 901  PG4 A C5  
824 C  C6  . PG4 B .   ? 0.3220 0.4433 0.3765 0.0349  -0.0225 -0.0025 901  PG4 A C6  
825 O  O4  . PG4 B .   ? 0.3251 0.4156 0.3578 0.0362  -0.0223 -0.0070 901  PG4 A O4  
826 O  O1  . PG4 C .   ? 0.4439 0.4948 0.4702 0.0802  -0.0291 -0.0661 902  PG4 A O1  
827 C  C1  . PG4 C .   ? 0.4289 0.4780 0.4442 0.0585  -0.0185 -0.0625 902  PG4 A C1  
828 C  C2  . PG4 C .   ? 0.4159 0.4577 0.4463 0.0476  -0.0244 -0.0600 902  PG4 A C2  
829 O  O2  . PG4 C .   ? 0.4041 0.4472 0.4280 0.0348  -0.0178 -0.0577 902  PG4 A O2  
830 C  C3  . PG4 C .   ? 0.3888 0.4330 0.4225 0.0220  -0.0193 -0.0509 902  PG4 A C3  
831 C  C4  . PG4 C .   ? 0.3875 0.4298 0.4315 0.0220  -0.0222 -0.0417 902  PG4 A C4  
832 O  O3  . PG4 C .   ? 0.3853 0.4236 0.4416 0.0158  -0.0249 -0.0357 902  PG4 A O3  
833 C  C5  . PG4 C .   ? 0.3899 0.4034 0.4455 0.0161  -0.0315 -0.0292 902  PG4 A C5  
834 C  C6  . PG4 C .   ? 0.3834 0.4045 0.4367 0.0100  -0.0330 -0.0360 902  PG4 A C6  
835 O  O4  . PG4 C .   ? 0.3870 0.3986 0.4368 0.0083  -0.0327 -0.0387 902  PG4 A O4  
836 C  C7  . PG4 C .   ? 0.3825 0.3982 0.4267 0.0114  -0.0317 -0.0453 902  PG4 A C7  
837 C  C8  . PG4 C .   ? 0.3872 0.4108 0.4307 0.0131  -0.0346 -0.0514 902  PG4 A C8  
838 O  O5  . PG4 C .   ? 0.3978 0.4170 0.4431 0.0196  -0.0351 -0.0411 902  PG4 A O5  
839 CL CL  . CL  D .   ? 0.3620 0.4341 0.4080 0.0457  0.0058  -0.0353 903  CL  A CL  
840 CL CL  . CL  E .   ? 0.3934 0.5290 0.5296 -0.0433 -0.0143 0.0928  904  CL  A CL  
841 NA NA  . NA  F .   ? 0.3330 0.5992 0.2932 0.2339  0.1566  0.1234  905  NA  A NA  
842 O  O   . HOH G .   ? 0.5011 0.5922 0.5052 0.0825  -0.0251 0.0068  1001 HOH A O   
843 O  O   . HOH G .   ? 0.5555 0.6281 0.5533 -0.0472 -0.0614 -0.0317 1002 HOH A O   
844 O  O   . HOH G .   ? 0.1483 0.2903 0.3127 0.0029  -0.0580 0.0268  1003 HOH A O   
845 O  O   . HOH G .   ? 1.7412 0.3724 1.6564 -0.3382 -0.4543 0.4239  1004 HOH A O   
846 O  O   . HOH G .   ? 0.1741 1.3141 0.4210 -0.1052 -0.0063 0.2635  1005 HOH A O   
847 O  O   . HOH G .   ? 0.1426 0.3426 0.3554 -0.0755 -0.0077 0.0005  1006 HOH A O   
848 O  O   . HOH G .   ? 0.5938 0.3682 0.2963 0.1054  -0.0109 -0.1444 1007 HOH A O   
849 O  O   . HOH G .   ? 0.2907 0.3412 0.2859 -0.0247 -0.0123 0.0091  1008 HOH A O   
850 O  O   . HOH G .   ? 0.3578 0.3165 0.4087 0.0092  -0.0487 -0.0233 1009 HOH A O   
851 O  O   . HOH G .   ? 0.5587 0.6558 0.4370 -0.2319 -0.2378 0.0180  1010 HOH A O   
852 O  O   . HOH G .   ? 0.3470 0.4310 0.2895 0.0057  -0.0719 -0.1957 1011 HOH A O   
853 O  O   . HOH G .   ? 0.1480 0.3974 0.3059 0.0835  -0.1444 -0.1071 1012 HOH A O   
# 
